data_3LOY
#
_entry.id   3LOY
#
_cell.length_a   288.510
_cell.length_b   91.065
_cell.length_c   151.098
_cell.angle_alpha   90.00
_cell.angle_beta   117.23
_cell.angle_gamma   90.00
#
_symmetry.space_group_name_H-M   'C 1 2 1'
#
loop_
_entity.id
_entity.type
_entity.pdbx_description
1 polymer 'copper amine oxidase'
2 non-polymer 'COPPER (II) ION'
3 non-polymer GLYCEROL
4 non-polymer 'L(+)-TARTARIC ACID'
5 non-polymer 'PHOSPHATE ION'
6 water water
#
_entity_poly.entity_id   1
_entity_poly.type   'polypeptide(L)'
_entity_poly.pdbx_seq_one_letter_code
;VHPYDPISDAELQLTSQLIKDATKGPERPHFIQIDRLDPPKKDMIRYLEAERTGKPLPHISRMTYVYYYIGLDFYKALVN
VSYGHIITNQKQPKGVIGPLIAEDIQEIEELATTHPIVKAEIEKLKLPPHVRVVCDPWMNGTDSKEDRMLIQCYMYLASA
AHPESNHYSLPLKFSPVFECLTKKFVRMDYLPGGADETVTETQAWDEFPFVEYHPDLNGETIVPLKPLIVQQPEGPSFNV
DGHKISWQGWEFFVIPTVREGFAIYDIHFKGRSVVYRLSLSEMTVPYGDPRAPFHRKQAFDLGDCGFGATGNSLALGCDC
LGVIKYMDCRRVNTNGDSVLIPNTVCLHEQDGGLLYKHTNYRTNVPVIARRREFVVQTIATVAN(TPQ)EYMLNIIFDQA
GEIRIHVRATGILSTMPLDKDVTVPWGTNVGPRVMAAYHQHMLSFRIDPAVDGYENTVVFDDVIRMEKNTKLNPYNVGFV
TERTVVEKPGYVEQSPFTNRSYKIINENKINPISKKPVAYKIMMPARQMLLADEDSYNNKRAQFATQQVWVTKYRDNELY
AAGEFTNQSQTDTGLGVWARRDENVRNDNPVVWATLGFTHIPRVEDFPVMPVEAHEIALVPFGFFDKNPALSVPQST
;
_entity_poly.pdbx_strand_id   A,B,C
#
loop_
_chem_comp.id
_chem_comp.type
_chem_comp.name
_chem_comp.formula
CU non-polymer 'COPPER (II) ION' 'Cu 2'
GOL non-polymer GLYCEROL 'C3 H8 O3'
PO4 non-polymer 'PHOSPHATE ION' 'O4 P -3'
TLA non-polymer 'L(+)-TARTARIC ACID' 'C4 H6 O6'
#
# COMPACT_ATOMS: atom_id res chain seq x y z
N VAL A 1 41.39 -25.44 34.93
CA VAL A 1 41.13 -25.73 33.51
C VAL A 1 39.62 -25.89 33.35
N HIS A 2 39.01 -25.07 32.50
CA HIS A 2 37.62 -25.27 32.11
C HIS A 2 37.56 -26.36 31.02
N PRO A 3 36.50 -27.19 30.98
CA PRO A 3 36.58 -28.31 30.00
C PRO A 3 36.70 -27.91 28.50
N TYR A 4 36.26 -26.71 28.17
CA TYR A 4 36.34 -26.25 26.78
C TYR A 4 37.72 -25.63 26.42
N ASP A 5 38.59 -25.41 27.40
CA ASP A 5 39.87 -24.73 27.17
C ASP A 5 40.65 -25.35 26.00
N PRO A 6 41.33 -24.50 25.22
CA PRO A 6 42.22 -24.99 24.14
C PRO A 6 43.40 -25.80 24.77
N ILE A 7 44.09 -26.65 23.99
CA ILE A 7 45.19 -27.44 24.57
C ILE A 7 46.30 -26.54 25.19
N SER A 8 46.89 -26.98 26.29
CA SER A 8 48.07 -26.23 26.82
C SER A 8 49.37 -26.87 26.34
N ASP A 9 50.49 -26.17 26.50
CA ASP A 9 51.79 -26.79 26.15
C ASP A 9 51.98 -28.05 26.95
N ALA A 10 51.68 -27.98 28.25
CA ALA A 10 51.89 -29.17 29.11
C ALA A 10 51.04 -30.35 28.62
N GLU A 11 49.80 -30.11 28.23
CA GLU A 11 48.97 -31.23 27.82
C GLU A 11 49.46 -31.79 26.49
N LEU A 12 49.88 -30.90 25.59
CA LEU A 12 50.31 -31.35 24.26
C LEU A 12 51.58 -32.19 24.42
N GLN A 13 52.48 -31.68 25.24
CA GLN A 13 53.75 -32.42 25.43
C GLN A 13 53.63 -33.73 26.23
N LEU A 14 52.63 -33.78 27.13
CA LEU A 14 52.38 -34.97 27.91
C LEU A 14 51.89 -36.05 26.94
N THR A 15 51.08 -35.62 25.98
CA THR A 15 50.56 -36.51 24.97
C THR A 15 51.70 -37.17 24.12
N SER A 16 52.58 -36.34 23.56
CA SER A 16 53.68 -36.80 22.77
C SER A 16 54.62 -37.62 23.70
N GLN A 17 54.88 -37.12 24.91
CA GLN A 17 55.77 -37.89 25.79
C GLN A 17 55.22 -39.34 26.04
N LEU A 18 53.92 -39.50 26.33
CA LEU A 18 53.35 -40.84 26.60
C LEU A 18 53.55 -41.76 25.42
N ILE A 19 53.38 -41.20 24.22
CA ILE A 19 53.55 -41.98 23.02
C ILE A 19 55.03 -42.36 22.80
N LYS A 20 55.92 -41.40 23.07
CA LYS A 20 57.37 -41.69 22.99
C LYS A 20 57.68 -42.87 24.00
N ASP A 21 57.30 -42.74 25.29
CA ASP A 21 57.45 -43.83 26.29
C ASP A 21 56.84 -45.15 25.86
N ALA A 22 55.69 -45.15 25.21
CA ALA A 22 55.09 -46.42 24.82
C ALA A 22 55.76 -46.99 23.60
N THR A 23 56.48 -46.20 22.80
CA THR A 23 57.00 -46.73 21.51
C THR A 23 58.39 -47.37 21.69
N LYS A 24 58.52 -48.65 21.39
CA LYS A 24 59.78 -49.28 21.74
C LYS A 24 60.60 -49.46 20.50
N GLY A 25 61.91 -49.34 20.62
CA GLY A 25 62.71 -49.69 19.46
C GLY A 25 63.26 -48.47 18.77
N PRO A 26 63.99 -48.67 17.65
CA PRO A 26 64.75 -47.47 17.18
C PRO A 26 63.95 -46.59 16.20
N GLU A 27 62.90 -47.12 15.59
CA GLU A 27 62.04 -46.27 14.80
C GLU A 27 61.17 -45.35 15.70
N ARG A 28 61.51 -44.07 15.80
CA ARG A 28 60.85 -43.16 16.75
C ARG A 28 59.48 -42.62 16.21
N PRO A 29 58.49 -42.33 17.12
CA PRO A 29 57.22 -41.76 16.61
C PRO A 29 57.42 -40.39 15.92
N HIS A 30 56.69 -40.17 14.84
CA HIS A 30 56.91 -39.00 14.01
C HIS A 30 55.55 -38.29 14.09
N PHE A 31 55.49 -37.14 14.77
CA PHE A 31 54.15 -36.59 15.18
C PHE A 31 53.54 -35.80 14.06
N ILE A 32 52.21 -35.86 13.93
CA ILE A 32 51.47 -35.22 12.83
C ILE A 32 50.43 -34.21 13.39
N GLN A 33 49.65 -34.59 14.41
CA GLN A 33 48.70 -33.60 14.93
C GLN A 33 48.31 -34.01 16.35
N ILE A 34 48.18 -33.01 17.22
CA ILE A 34 47.66 -33.23 18.56
C ILE A 34 46.73 -32.04 18.91
N ASP A 35 45.58 -32.34 19.50
CA ASP A 35 44.69 -31.36 20.04
C ASP A 35 43.81 -32.00 21.12
N ARG A 36 43.11 -31.16 21.88
CA ARG A 36 42.21 -31.60 22.97
C ARG A 36 40.80 -31.89 22.45
N LEU A 37 40.22 -33.05 22.80
CA LEU A 37 38.86 -33.38 22.42
C LEU A 37 37.83 -32.52 23.17
N ASP A 38 36.72 -32.20 22.49
CA ASP A 38 35.57 -31.68 23.19
C ASP A 38 35.21 -32.62 24.34
N PRO A 39 34.79 -32.04 25.47
CA PRO A 39 34.15 -32.86 26.51
C PRO A 39 32.89 -33.50 25.90
N PRO A 40 32.56 -34.77 26.27
CA PRO A 40 31.29 -35.38 25.85
C PRO A 40 30.08 -34.48 26.20
N LYS A 41 29.20 -34.34 25.24
CA LYS A 41 28.18 -33.27 25.30
C LYS A 41 27.18 -33.44 26.50
N LYS A 42 26.66 -34.65 26.66
N LYS A 42 26.68 -34.65 26.69
CA LYS A 42 25.75 -34.95 27.82
CA LYS A 42 25.70 -34.85 27.81
C LYS A 42 26.35 -34.46 29.14
C LYS A 42 26.29 -34.61 29.20
N ASP A 43 27.59 -34.91 29.41
CA ASP A 43 28.29 -34.49 30.64
C ASP A 43 28.55 -33.03 30.66
N MET A 44 28.85 -32.48 29.49
CA MET A 44 29.21 -31.06 29.47
C MET A 44 27.95 -30.20 29.76
N ILE A 45 26.86 -30.59 29.18
CA ILE A 45 25.62 -29.88 29.48
C ILE A 45 25.34 -29.92 31.03
N ARG A 46 25.42 -31.12 31.63
CA ARG A 46 25.33 -31.16 33.12
C ARG A 46 26.38 -30.25 33.75
N TYR A 47 27.61 -30.23 33.20
CA TYR A 47 28.64 -29.43 33.85
C TYR A 47 28.28 -27.95 33.81
N LEU A 48 27.88 -27.49 32.61
CA LEU A 48 27.47 -26.10 32.43
C LEU A 48 26.30 -25.73 33.36
N GLU A 49 25.35 -26.64 33.46
CA GLU A 49 24.28 -26.45 34.41
C GLU A 49 24.78 -26.28 35.86
N ALA A 50 25.66 -27.19 36.29
CA ALA A 50 26.21 -27.07 37.64
C ALA A 50 27.00 -25.75 37.82
N GLU A 51 27.75 -25.37 36.78
CA GLU A 51 28.62 -24.21 36.88
C GLU A 51 27.72 -23.00 37.07
N ARG A 52 26.61 -22.99 36.32
CA ARG A 52 25.56 -21.96 36.36
C ARG A 52 24.91 -21.85 37.74
N THR A 53 24.50 -22.97 38.32
CA THR A 53 23.71 -22.97 39.56
C THR A 53 24.49 -23.28 40.86
N GLY A 54 25.82 -23.18 40.86
CA GLY A 54 26.61 -23.49 42.07
C GLY A 54 26.58 -24.91 42.65
N LYS A 55 26.02 -25.91 41.95
CA LYS A 55 26.16 -27.32 42.31
C LYS A 55 27.58 -27.88 42.10
N PRO A 56 27.89 -29.03 42.72
CA PRO A 56 29.23 -29.62 42.45
C PRO A 56 29.45 -29.96 40.95
N LEU A 57 30.62 -29.60 40.42
CA LEU A 57 30.95 -29.89 39.02
C LEU A 57 31.17 -31.39 38.75
N PRO A 58 30.50 -31.94 37.73
CA PRO A 58 30.80 -33.32 37.42
C PRO A 58 32.29 -33.44 37.08
N HIS A 59 32.86 -34.64 37.30
CA HIS A 59 34.25 -34.88 36.97
C HIS A 59 34.35 -35.15 35.47
N ILE A 60 35.17 -34.34 34.75
CA ILE A 60 35.32 -34.61 33.30
C ILE A 60 36.79 -34.51 32.99
N SER A 61 37.39 -35.61 32.51
CA SER A 61 38.85 -35.67 32.24
C SER A 61 39.18 -34.79 31.03
N ARG A 62 40.30 -34.06 31.09
CA ARG A 62 40.85 -33.50 29.83
C ARG A 62 41.41 -34.63 28.99
N MET A 63 41.01 -34.68 27.72
CA MET A 63 41.47 -35.73 26.79
C MET A 63 42.03 -35.14 25.46
N THR A 64 43.02 -35.79 24.88
CA THR A 64 43.63 -35.37 23.63
C THR A 64 43.63 -36.56 22.67
N TYR A 65 43.79 -36.26 21.37
CA TYR A 65 44.00 -37.28 20.35
C TYR A 65 45.41 -36.99 19.76
N VAL A 66 46.05 -37.99 19.16
CA VAL A 66 47.35 -37.78 18.57
C VAL A 66 47.42 -38.61 17.32
N TYR A 67 47.86 -38.00 16.20
CA TYR A 67 48.14 -38.74 14.95
C TYR A 67 49.66 -38.77 14.82
N TYR A 68 50.24 -39.94 14.55
CA TYR A 68 51.68 -40.05 14.42
C TYR A 68 51.98 -41.27 13.54
N TYR A 69 53.23 -41.33 13.09
CA TYR A 69 53.74 -42.47 12.28
C TYR A 69 54.83 -43.15 13.07
N ILE A 70 54.90 -44.48 12.89
CA ILE A 70 56.12 -45.22 13.25
C ILE A 70 56.56 -45.82 11.94
N GLY A 71 57.66 -45.29 11.41
CA GLY A 71 58.06 -45.55 10.03
C GLY A 71 56.93 -45.15 9.09
N LEU A 72 56.47 -46.11 8.30
CA LEU A 72 55.37 -45.92 7.38
C LEU A 72 53.99 -46.24 7.95
N ASP A 73 53.90 -46.76 9.17
CA ASP A 73 52.63 -47.04 9.80
C ASP A 73 52.00 -45.87 10.49
N PHE A 74 50.73 -45.65 10.17
CA PHE A 74 49.98 -44.48 10.70
C PHE A 74 49.15 -44.94 11.91
N TYR A 75 49.20 -44.13 12.99
CA TYR A 75 48.48 -44.41 14.26
C TYR A 75 47.64 -43.23 14.74
N LYS A 76 46.53 -43.55 15.39
CA LYS A 76 45.76 -42.59 16.11
C LYS A 76 45.64 -43.10 17.59
N ALA A 77 45.92 -42.23 18.55
CA ALA A 77 45.81 -42.57 19.94
C ALA A 77 44.91 -41.54 20.64
N LEU A 78 44.30 -41.94 21.77
CA LEU A 78 43.55 -41.08 22.66
C LEU A 78 44.22 -41.13 24.00
N VAL A 79 44.33 -39.98 24.65
CA VAL A 79 45.15 -39.89 25.84
C VAL A 79 44.32 -39.16 26.84
N ASN A 80 44.38 -39.61 28.11
CA ASN A 80 43.83 -38.84 29.17
C ASN A 80 44.90 -37.92 29.72
N VAL A 81 44.78 -36.60 29.56
CA VAL A 81 45.89 -35.75 30.00
C VAL A 81 45.67 -35.28 31.38
N SER A 82 44.45 -35.46 31.90
CA SER A 82 44.24 -35.08 33.32
C SER A 82 45.03 -36.04 34.24
N TYR A 83 45.09 -37.35 33.90
CA TYR A 83 45.76 -38.35 34.77
C TYR A 83 47.03 -38.86 34.13
N GLY A 84 47.15 -38.64 32.80
CA GLY A 84 48.37 -38.98 32.08
C GLY A 84 48.45 -40.44 31.72
N HIS A 85 47.50 -40.93 30.97
CA HIS A 85 47.69 -42.28 30.42
C HIS A 85 47.10 -42.45 29.02
N ILE A 86 47.50 -43.50 28.28
CA ILE A 86 46.97 -43.80 26.98
C ILE A 86 45.68 -44.58 27.15
N ILE A 87 44.63 -44.17 26.44
CA ILE A 87 43.37 -44.82 26.51
C ILE A 87 43.35 -45.86 25.39
N THR A 88 43.64 -45.45 24.16
CA THR A 88 43.74 -46.33 22.99
C THR A 88 44.87 -45.79 22.09
N ASN A 89 45.45 -46.68 21.30
CA ASN A 89 46.65 -46.39 20.54
C ASN A 89 46.55 -47.36 19.40
N GLN A 90 46.08 -46.93 18.25
CA GLN A 90 45.58 -47.87 17.25
C GLN A 90 46.22 -47.68 15.85
N LYS A 91 46.89 -48.72 15.34
CA LYS A 91 47.36 -48.72 13.96
C LYS A 91 46.19 -48.62 13.00
N GLN A 92 46.24 -47.61 12.14
CA GLN A 92 45.14 -47.32 11.21
C GLN A 92 45.25 -48.25 10.03
N PRO A 93 44.13 -48.62 9.39
CA PRO A 93 44.16 -49.46 8.19
C PRO A 93 44.93 -48.87 6.99
N LYS A 94 45.41 -49.76 6.15
CA LYS A 94 46.16 -49.46 4.93
C LYS A 94 45.33 -48.49 4.14
N GLY A 95 45.95 -47.38 3.74
CA GLY A 95 45.26 -46.38 2.95
C GLY A 95 44.75 -45.19 3.73
N VAL A 96 44.78 -45.25 5.05
CA VAL A 96 44.42 -44.11 5.86
C VAL A 96 45.72 -43.32 6.05
N ILE A 97 45.69 -42.04 5.68
CA ILE A 97 46.90 -41.23 5.60
C ILE A 97 46.65 -39.96 6.40
N GLY A 98 47.63 -39.53 7.18
CA GLY A 98 47.37 -38.39 7.99
C GLY A 98 47.47 -37.03 7.26
N PRO A 99 47.19 -35.94 7.99
CA PRO A 99 47.35 -34.60 7.40
C PRO A 99 48.79 -34.26 7.15
N LEU A 100 49.04 -33.15 6.44
CA LEU A 100 50.40 -32.69 6.20
C LEU A 100 50.82 -31.92 7.44
N ILE A 101 52.13 -31.78 7.62
CA ILE A 101 52.65 -31.01 8.73
C ILE A 101 53.80 -30.13 8.14
N ALA A 102 53.89 -28.92 8.61
CA ALA A 102 54.82 -27.91 8.09
C ALA A 102 56.29 -28.41 8.00
N GLU A 103 56.82 -29.01 9.07
CA GLU A 103 58.21 -29.56 9.00
C GLU A 103 58.39 -30.56 7.85
N ASP A 104 57.44 -31.45 7.62
CA ASP A 104 57.54 -32.40 6.49
C ASP A 104 57.42 -31.73 5.13
N ILE A 105 56.53 -30.72 5.03
CA ILE A 105 56.49 -29.91 3.82
C ILE A 105 57.80 -29.15 3.51
N GLN A 106 58.39 -28.51 4.52
CA GLN A 106 59.66 -27.77 4.32
CA GLN A 106 59.68 -27.77 4.34
C GLN A 106 60.71 -28.73 3.77
N GLU A 107 60.73 -29.93 4.31
CA GLU A 107 61.70 -30.91 3.89
C GLU A 107 61.52 -31.31 2.42
N ILE A 108 60.28 -31.56 2.02
CA ILE A 108 60.06 -31.96 0.64
C ILE A 108 60.28 -30.69 -0.26
N GLU A 109 59.90 -29.50 0.21
CA GLU A 109 60.13 -28.33 -0.63
C GLU A 109 61.65 -28.15 -0.93
N GLU A 110 62.52 -28.34 0.07
CA GLU A 110 64.00 -28.18 -0.11
CA GLU A 110 63.96 -28.15 -0.12
C GLU A 110 64.46 -29.18 -1.13
N LEU A 111 63.94 -30.39 -1.00
CA LEU A 111 64.32 -31.50 -1.83
C LEU A 111 63.87 -31.32 -3.29
N ALA A 112 62.69 -30.73 -3.49
CA ALA A 112 62.19 -30.47 -4.83
C ALA A 112 63.18 -29.68 -5.66
N THR A 113 63.96 -28.79 -5.05
CA THR A 113 64.96 -28.09 -5.82
C THR A 113 66.40 -28.61 -5.60
N THR A 114 66.64 -29.65 -4.80
CA THR A 114 68.01 -30.15 -4.65
C THR A 114 68.19 -31.60 -5.11
N HIS A 115 67.13 -32.40 -5.19
CA HIS A 115 67.28 -33.78 -5.58
C HIS A 115 67.94 -33.82 -6.99
N PRO A 116 68.99 -34.66 -7.16
CA PRO A 116 69.70 -34.75 -8.47
C PRO A 116 68.80 -34.84 -9.69
N ILE A 117 67.73 -35.64 -9.61
CA ILE A 117 66.81 -35.86 -10.73
C ILE A 117 66.03 -34.59 -11.13
N VAL A 118 65.66 -33.77 -10.14
CA VAL A 118 64.99 -32.51 -10.44
C VAL A 118 66.02 -31.45 -10.84
N LYS A 119 67.19 -31.44 -10.18
CA LYS A 119 68.28 -30.59 -10.65
C LYS A 119 68.59 -30.76 -12.17
N ALA A 120 68.45 -31.99 -12.66
CA ALA A 120 68.63 -32.23 -14.06
C ALA A 120 67.56 -31.58 -14.93
N GLU A 121 66.30 -31.55 -14.48
CA GLU A 121 65.26 -30.87 -15.26
C GLU A 121 65.51 -29.43 -15.21
N ILE A 122 65.87 -28.89 -14.06
CA ILE A 122 66.08 -27.47 -13.91
C ILE A 122 67.17 -27.01 -14.88
N GLU A 123 68.20 -27.85 -15.01
CA GLU A 123 69.36 -27.49 -15.83
C GLU A 123 68.96 -27.37 -17.30
N LYS A 124 68.02 -28.20 -17.74
CA LYS A 124 67.43 -28.08 -19.06
C LYS A 124 66.72 -26.74 -19.38
N LEU A 125 66.30 -26.00 -18.34
CA LEU A 125 65.62 -24.72 -18.50
C LEU A 125 66.63 -23.66 -19.01
N LYS A 126 67.91 -23.87 -18.71
CA LYS A 126 68.98 -22.91 -19.10
C LYS A 126 68.76 -21.56 -18.49
N LEU A 127 68.42 -21.52 -17.20
CA LEU A 127 68.00 -20.27 -16.62
C LEU A 127 69.20 -19.32 -16.56
N PRO A 128 68.93 -18.01 -16.72
CA PRO A 128 69.90 -16.95 -16.50
C PRO A 128 70.03 -16.62 -15.04
N PRO A 129 71.03 -15.79 -14.69
CA PRO A 129 71.35 -15.53 -13.27
C PRO A 129 70.23 -14.87 -12.49
N HIS A 130 69.37 -14.11 -13.17
CA HIS A 130 68.39 -13.26 -12.46
C HIS A 130 67.04 -13.96 -12.08
N VAL A 131 66.96 -15.28 -12.23
CA VAL A 131 65.73 -16.05 -12.06
C VAL A 131 66.07 -17.21 -11.15
N ARG A 132 65.11 -17.68 -10.34
CA ARG A 132 65.35 -18.83 -9.41
C ARG A 132 64.08 -19.68 -9.41
N VAL A 133 64.25 -20.95 -9.06
CA VAL A 133 63.18 -21.89 -9.06
C VAL A 133 62.57 -21.96 -7.65
N VAL A 134 61.23 -21.94 -7.61
CA VAL A 134 60.49 -22.04 -6.34
C VAL A 134 59.55 -23.25 -6.44
N CYS A 135 59.34 -23.93 -5.31
CA CYS A 135 58.35 -25.05 -5.25
C CYS A 135 57.23 -24.82 -4.17
N ASP A 136 55.96 -25.10 -4.51
CA ASP A 136 54.87 -25.25 -3.51
C ASP A 136 54.57 -26.75 -3.47
N PRO A 137 54.93 -27.47 -2.39
CA PRO A 137 54.48 -28.86 -2.36
C PRO A 137 52.97 -28.95 -2.05
N TRP A 138 52.26 -29.86 -2.70
CA TRP A 138 50.81 -30.07 -2.56
C TRP A 138 50.55 -31.49 -2.04
N MET A 139 49.50 -31.63 -1.26
CA MET A 139 48.95 -32.94 -1.05
C MET A 139 48.69 -33.63 -2.38
N ASN A 140 48.69 -34.97 -2.38
CA ASN A 140 48.58 -35.71 -3.66
C ASN A 140 47.20 -35.66 -4.29
N GLY A 141 46.12 -35.63 -3.50
CA GLY A 141 44.80 -35.84 -4.04
C GLY A 141 44.56 -37.35 -4.27
N THR A 142 43.49 -37.69 -4.99
CA THR A 142 43.23 -39.11 -5.28
C THR A 142 42.71 -39.25 -6.67
N ASP A 143 43.35 -40.14 -7.46
CA ASP A 143 42.74 -40.54 -8.73
C ASP A 143 42.84 -42.05 -8.90
N SER A 144 43.25 -42.74 -7.83
CA SER A 144 43.54 -44.17 -7.94
C SER A 144 43.63 -44.75 -6.53
N LYS A 145 43.67 -46.08 -6.38
CA LYS A 145 43.98 -46.70 -5.08
C LYS A 145 45.46 -46.44 -4.85
N GLU A 146 45.81 -45.73 -3.79
CA GLU A 146 47.17 -45.36 -3.55
C GLU A 146 47.30 -45.32 -2.06
N ASP A 147 48.19 -46.15 -1.52
CA ASP A 147 48.40 -46.23 -0.09
C ASP A 147 49.54 -45.40 0.46
N ARG A 148 50.45 -44.98 -0.40
CA ARG A 148 51.60 -44.18 0.09
C ARG A 148 51.24 -42.70 0.24
N MET A 149 51.79 -42.05 1.26
CA MET A 149 51.57 -40.58 1.31
C MET A 149 52.49 -39.94 0.29
N LEU A 150 51.93 -39.29 -0.72
CA LEU A 150 52.70 -38.65 -1.80
C LEU A 150 52.56 -37.09 -1.83
N ILE A 151 53.61 -36.40 -2.24
CA ILE A 151 53.57 -34.96 -2.39
C ILE A 151 53.79 -34.60 -3.86
N GLN A 152 52.85 -33.85 -4.44
CA GLN A 152 52.97 -33.36 -5.80
C GLN A 152 53.64 -31.96 -5.68
N CYS A 153 54.84 -31.76 -6.25
CA CYS A 153 55.60 -30.50 -6.05
C CYS A 153 55.35 -29.59 -7.27
N TYR A 154 54.59 -28.51 -7.05
CA TYR A 154 54.30 -27.56 -8.14
C TYR A 154 55.47 -26.61 -8.22
N MET A 155 56.00 -26.48 -9.45
CA MET A 155 57.28 -25.78 -9.72
C MET A 155 57.05 -24.48 -10.47
N TYR A 156 57.76 -23.44 -10.06
CA TYR A 156 57.53 -22.08 -10.54
C TYR A 156 58.90 -21.37 -10.70
N LEU A 157 58.90 -20.21 -11.41
CA LEU A 157 60.05 -19.34 -11.47
C LEU A 157 59.79 -17.94 -10.75
N ALA A 158 60.83 -17.32 -10.20
CA ALA A 158 60.69 -16.06 -9.48
C ALA A 158 61.91 -15.21 -9.78
N SER A 159 61.87 -13.94 -9.44
CA SER A 159 63.02 -13.09 -9.60
C SER A 159 64.01 -13.43 -8.50
N ALA A 160 65.31 -13.50 -8.86
CA ALA A 160 66.37 -13.90 -7.92
C ALA A 160 66.64 -12.76 -6.97
N ALA A 161 66.22 -11.58 -7.40
CA ALA A 161 66.37 -10.32 -6.72
C ALA A 161 65.77 -10.17 -5.24
N HIS A 162 64.70 -10.91 -4.95
CA HIS A 162 63.77 -10.46 -3.91
C HIS A 162 63.03 -11.65 -3.37
N PRO A 163 63.07 -11.83 -2.06
CA PRO A 163 62.40 -13.05 -1.54
C PRO A 163 60.88 -13.01 -1.70
N GLU A 164 60.28 -11.82 -1.93
CA GLU A 164 58.80 -11.72 -2.09
C GLU A 164 58.35 -11.68 -3.57
N SER A 165 59.24 -12.08 -4.46
CA SER A 165 58.86 -12.19 -5.87
C SER A 165 57.74 -13.21 -6.02
N ASN A 166 56.80 -12.87 -6.92
CA ASN A 166 55.58 -13.65 -7.13
C ASN A 166 55.81 -14.84 -8.07
N HIS A 167 56.27 -15.95 -7.51
CA HIS A 167 56.56 -17.14 -8.35
C HIS A 167 55.32 -17.70 -9.01
N TYR A 168 54.13 -17.45 -8.43
CA TYR A 168 52.88 -17.92 -9.05
C TYR A 168 52.69 -17.35 -10.46
N SER A 169 53.33 -16.18 -10.75
CA SER A 169 53.21 -15.55 -12.08
C SER A 169 53.99 -16.29 -13.19
N LEU A 170 54.81 -17.28 -12.83
CA LEU A 170 55.50 -18.03 -13.91
C LEU A 170 55.65 -19.52 -13.63
N PRO A 171 54.58 -20.29 -13.84
CA PRO A 171 54.68 -21.75 -13.58
C PRO A 171 55.54 -22.51 -14.59
N LEU A 172 56.29 -23.49 -14.15
CA LEU A 172 57.06 -24.37 -15.02
C LEU A 172 56.20 -25.50 -15.52
N LYS A 173 56.74 -26.31 -16.44
CA LYS A 173 55.99 -27.44 -16.99
C LYS A 173 56.47 -28.84 -16.61
N PHE A 174 57.23 -28.94 -15.53
CA PHE A 174 57.47 -30.25 -14.92
C PHE A 174 57.11 -30.21 -13.42
N SER A 175 56.81 -31.38 -12.84
CA SER A 175 56.39 -31.46 -11.45
C SER A 175 56.85 -32.77 -10.86
N PRO A 176 57.89 -32.70 -9.98
CA PRO A 176 58.28 -33.97 -9.33
C PRO A 176 57.32 -34.48 -8.22
N VAL A 177 57.23 -35.82 -8.05
CA VAL A 177 56.36 -36.42 -6.99
C VAL A 177 57.30 -37.20 -6.05
N PHE A 178 57.12 -37.02 -4.74
CA PHE A 178 58.02 -37.64 -3.72
C PHE A 178 57.15 -38.36 -2.75
N GLU A 179 57.67 -39.46 -2.17
CA GLU A 179 56.92 -40.18 -1.15
C GLU A 179 57.25 -39.40 0.09
N CYS A 180 56.28 -38.81 0.76
CA CYS A 180 56.57 -37.84 1.88
C CYS A 180 57.50 -38.32 3.01
N LEU A 181 57.23 -39.51 3.55
CA LEU A 181 57.93 -39.95 4.76
C LEU A 181 59.31 -40.54 4.44
N THR A 182 59.45 -41.19 3.29
CA THR A 182 60.76 -41.71 2.94
C THR A 182 61.64 -40.78 2.16
N LYS A 183 61.04 -39.71 1.63
CA LYS A 183 61.72 -38.79 0.71
C LYS A 183 62.17 -39.45 -0.59
N LYS A 184 61.60 -40.62 -0.95
CA LYS A 184 61.97 -41.22 -2.21
C LYS A 184 61.32 -40.41 -3.36
N PHE A 185 62.10 -40.12 -4.40
CA PHE A 185 61.57 -39.61 -5.64
C PHE A 185 60.71 -40.69 -6.24
N VAL A 186 59.50 -40.35 -6.66
CA VAL A 186 58.62 -41.34 -7.23
C VAL A 186 58.55 -41.14 -8.72
N ARG A 187 58.29 -39.92 -9.21
CA ARG A 187 58.17 -39.71 -10.65
C ARG A 187 58.18 -38.24 -11.05
N MET A 188 58.39 -38.02 -12.35
CA MET A 188 58.39 -36.69 -12.91
C MET A 188 57.17 -36.55 -13.79
N ASP A 189 56.25 -35.66 -13.41
CA ASP A 189 55.09 -35.36 -14.28
C ASP A 189 55.45 -34.18 -15.17
N TYR A 190 54.88 -34.15 -16.38
CA TYR A 190 55.03 -32.99 -17.25
C TYR A 190 53.67 -32.35 -17.40
N LEU A 191 53.66 -31.02 -17.48
CA LEU A 191 52.39 -30.25 -17.49
C LEU A 191 52.10 -29.73 -18.88
N PRO A 192 50.85 -29.83 -19.33
CA PRO A 192 50.54 -29.14 -20.59
C PRO A 192 50.47 -27.64 -20.40
N GLY A 193 51.08 -26.86 -21.29
CA GLY A 193 50.88 -25.39 -21.25
C GLY A 193 50.07 -24.89 -22.46
N GLY A 194 49.57 -25.81 -23.26
CA GLY A 194 48.93 -25.40 -24.53
C GLY A 194 47.44 -25.58 -24.37
N ALA A 195 46.73 -25.68 -25.48
CA ALA A 195 45.29 -25.61 -25.40
C ALA A 195 44.78 -26.97 -25.07
N ASP A 196 45.60 -27.99 -25.18
CA ASP A 196 45.05 -29.33 -24.93
C ASP A 196 45.99 -30.00 -23.96
N GLU A 197 45.97 -31.31 -23.95
CA GLU A 197 46.71 -32.08 -22.94
C GLU A 197 48.09 -32.51 -23.38
N THR A 198 48.58 -31.99 -24.51
CA THR A 198 49.90 -32.49 -24.99
C THR A 198 51.05 -31.87 -24.20
N VAL A 199 52.08 -32.70 -23.94
CA VAL A 199 53.23 -32.27 -23.13
C VAL A 199 54.49 -32.61 -23.92
N THR A 200 55.63 -32.04 -23.53
CA THR A 200 56.89 -32.30 -24.20
C THR A 200 57.93 -32.52 -23.10
N GLU A 201 59.15 -32.85 -23.50
CA GLU A 201 60.28 -32.81 -22.62
C GLU A 201 60.55 -31.37 -22.21
N THR A 202 61.32 -31.23 -21.16
CA THR A 202 61.63 -29.91 -20.67
C THR A 202 62.50 -29.15 -21.68
N GLN A 203 62.04 -27.98 -22.11
CA GLN A 203 62.74 -27.13 -23.07
C GLN A 203 63.41 -25.96 -22.37
N ALA A 204 64.37 -25.33 -23.03
CA ALA A 204 64.96 -24.09 -22.45
C ALA A 204 63.85 -23.03 -22.18
N TRP A 205 63.99 -22.22 -21.14
CA TRP A 205 62.92 -21.23 -20.87
C TRP A 205 63.24 -19.92 -21.57
N ASP A 206 62.30 -19.44 -22.37
CA ASP A 206 62.59 -18.30 -23.27
C ASP A 206 62.46 -16.91 -22.58
N GLU A 207 61.43 -16.66 -21.78
CA GLU A 207 61.22 -15.29 -21.30
C GLU A 207 60.67 -15.26 -19.87
N PHE A 208 60.83 -14.15 -19.18
CA PHE A 208 60.53 -14.11 -17.76
C PHE A 208 59.52 -13.03 -17.38
N PRO A 209 58.29 -13.10 -17.94
CA PRO A 209 57.34 -12.01 -17.60
C PRO A 209 56.63 -12.20 -16.22
N PHE A 210 57.28 -11.81 -15.13
CA PHE A 210 56.71 -11.94 -13.78
C PHE A 210 55.63 -10.90 -13.65
N VAL A 211 54.61 -11.17 -12.84
CA VAL A 211 53.60 -10.19 -12.55
C VAL A 211 53.73 -10.04 -11.03
N GLU A 212 54.29 -8.91 -10.57
CA GLU A 212 54.70 -8.80 -9.19
C GLU A 212 53.65 -8.14 -8.31
N TYR A 213 53.45 -8.65 -7.09
CA TYR A 213 52.49 -7.99 -6.24
C TYR A 213 53.17 -7.11 -5.25
N HIS A 214 54.40 -7.44 -4.83
CA HIS A 214 54.99 -6.77 -3.70
C HIS A 214 55.29 -5.27 -4.04
N PRO A 215 55.07 -4.33 -3.12
CA PRO A 215 55.33 -2.88 -3.44
C PRO A 215 56.77 -2.56 -3.94
N ASP A 216 57.76 -3.33 -3.49
CA ASP A 216 59.16 -3.14 -3.95
C ASP A 216 59.26 -3.37 -5.42
N LEU A 217 58.40 -4.25 -5.95
CA LEU A 217 58.58 -4.84 -7.25
C LEU A 217 57.49 -4.44 -8.23
N ASN A 218 56.34 -4.00 -7.77
CA ASN A 218 55.22 -3.92 -8.69
C ASN A 218 55.20 -2.68 -9.59
N GLY A 219 56.10 -1.73 -9.36
CA GLY A 219 56.16 -0.49 -10.15
C GLY A 219 54.98 0.43 -10.07
N GLU A 220 54.07 0.21 -9.12
CA GLU A 220 52.84 0.96 -9.07
C GLU A 220 53.04 2.29 -8.35
N THR A 221 52.54 3.38 -8.89
CA THR A 221 52.49 4.63 -8.11
C THR A 221 51.38 4.51 -7.06
N ILE A 222 51.73 4.84 -5.82
CA ILE A 222 50.79 4.73 -4.70
C ILE A 222 49.92 5.97 -4.70
N VAL A 223 48.60 5.80 -4.63
CA VAL A 223 47.68 6.93 -4.59
C VAL A 223 47.41 7.18 -3.11
N PRO A 224 47.72 8.36 -2.62
CA PRO A 224 47.55 8.54 -1.19
C PRO A 224 46.06 8.53 -0.71
N LEU A 225 45.89 8.45 0.61
CA LEU A 225 44.62 8.29 1.30
C LEU A 225 44.78 9.03 2.61
N LYS A 226 43.74 9.69 3.07
CA LYS A 226 43.78 10.33 4.39
C LYS A 226 43.41 9.29 5.46
N PRO A 227 43.89 9.48 6.71
CA PRO A 227 43.60 8.51 7.77
C PRO A 227 42.15 8.45 8.11
N LEU A 228 41.73 7.23 8.52
CA LEU A 228 40.42 6.98 9.12
C LEU A 228 40.69 6.09 10.32
N ILE A 229 40.35 6.57 11.51
CA ILE A 229 40.72 5.91 12.75
C ILE A 229 39.49 5.53 13.59
N VAL A 230 39.54 4.41 14.28
CA VAL A 230 38.49 3.95 15.15
C VAL A 230 39.01 4.00 16.56
N GLN A 231 38.24 4.67 17.42
CA GLN A 231 38.59 4.65 18.82
C GLN A 231 37.47 4.26 19.72
N GLN A 232 37.86 3.65 20.84
CA GLN A 232 36.95 3.35 21.90
C GLN A 232 37.55 3.92 23.17
N PRO A 233 37.31 5.25 23.41
CA PRO A 233 37.99 5.92 24.54
C PRO A 233 37.70 5.34 25.95
N GLU A 234 36.58 4.63 26.17
CA GLU A 234 36.28 4.03 27.47
C GLU A 234 36.56 2.54 27.43
N GLY A 235 37.29 2.10 26.41
CA GLY A 235 37.51 0.65 26.28
C GLY A 235 36.35 -0.05 25.61
N PRO A 236 36.48 -1.39 25.38
CA PRO A 236 35.47 -2.10 24.63
C PRO A 236 34.25 -2.44 25.47
N SER A 237 33.14 -2.71 24.82
CA SER A 237 31.94 -3.19 25.53
C SER A 237 31.84 -4.67 25.73
N PHE A 238 32.89 -5.44 25.43
CA PHE A 238 32.83 -6.88 25.69
C PHE A 238 33.84 -7.22 26.78
N ASN A 239 33.61 -8.30 27.49
CA ASN A 239 34.50 -8.80 28.52
C ASN A 239 34.96 -10.19 28.12
N VAL A 240 36.21 -10.55 28.45
CA VAL A 240 36.71 -11.91 28.19
C VAL A 240 37.07 -12.54 29.55
N ASP A 241 36.43 -13.63 29.95
CA ASP A 241 36.80 -14.25 31.21
C ASP A 241 37.28 -15.66 30.92
N GLY A 242 38.59 -15.84 30.79
CA GLY A 242 39.10 -17.12 30.32
C GLY A 242 38.85 -17.13 28.83
N HIS A 243 37.98 -18.03 28.39
CA HIS A 243 37.55 -18.07 27.01
C HIS A 243 36.08 -17.70 26.83
N LYS A 244 35.51 -17.13 27.89
CA LYS A 244 34.09 -16.86 27.91
C LYS A 244 33.90 -15.38 27.59
N ILE A 245 33.14 -15.13 26.52
CA ILE A 245 32.95 -13.76 26.09
C ILE A 245 31.55 -13.30 26.55
N SER A 246 31.44 -12.04 26.93
CA SER A 246 30.15 -11.44 27.26
C SER A 246 30.11 -10.13 26.53
N TRP A 247 29.03 -9.90 25.77
CA TRP A 247 28.89 -8.69 24.99
C TRP A 247 27.39 -8.48 24.68
N GLN A 248 26.84 -7.35 25.15
CA GLN A 248 25.50 -6.90 24.70
C GLN A 248 24.47 -8.01 24.78
N GLY A 249 24.51 -8.81 25.82
CA GLY A 249 23.48 -9.81 25.93
C GLY A 249 23.91 -11.20 25.50
N TRP A 250 25.03 -11.32 24.80
CA TRP A 250 25.50 -12.62 24.37
C TRP A 250 26.50 -13.20 25.40
N GLU A 251 26.64 -14.52 25.43
CA GLU A 251 27.58 -15.21 26.25
C GLU A 251 27.92 -16.49 25.53
N PHE A 252 29.22 -16.69 25.31
CA PHE A 252 29.64 -17.94 24.60
C PHE A 252 31.13 -18.09 24.79
N PHE A 253 31.63 -19.28 24.45
CA PHE A 253 33.07 -19.55 24.58
C PHE A 253 33.68 -19.50 23.20
N VAL A 254 34.81 -18.78 23.07
CA VAL A 254 35.58 -18.83 21.80
C VAL A 254 36.86 -19.64 22.03
N ILE A 255 36.97 -20.82 21.41
CA ILE A 255 38.13 -21.66 21.62
C ILE A 255 39.01 -21.92 20.35
N PRO A 256 40.33 -21.56 20.42
CA PRO A 256 41.14 -21.91 19.25
C PRO A 256 41.28 -23.46 19.08
N THR A 257 41.25 -23.96 17.84
CA THR A 257 41.47 -25.38 17.65
C THR A 257 42.41 -25.56 16.45
N VAL A 258 43.27 -26.57 16.48
CA VAL A 258 44.24 -26.72 15.38
C VAL A 258 43.57 -26.94 14.02
N ARG A 259 42.43 -27.61 14.02
CA ARG A 259 41.84 -28.04 12.72
C ARG A 259 40.89 -26.97 12.18
N GLU A 260 40.17 -26.28 13.07
CA GLU A 260 39.10 -25.39 12.60
C GLU A 260 39.43 -23.90 12.76
N GLY A 261 40.56 -23.56 13.45
CA GLY A 261 40.93 -22.17 13.64
C GLY A 261 40.34 -21.75 14.97
N PHE A 262 39.00 -21.68 15.02
CA PHE A 262 38.31 -21.64 16.32
C PHE A 262 36.95 -22.33 16.26
N ALA A 263 36.43 -22.67 17.45
CA ALA A 263 35.04 -23.13 17.53
C ALA A 263 34.36 -22.30 18.60
N ILE A 264 33.04 -22.06 18.47
CA ILE A 264 32.32 -21.20 19.47
C ILE A 264 31.24 -22.08 20.11
N TYR A 265 31.17 -22.07 21.45
CA TYR A 265 30.34 -23.06 22.22
C TYR A 265 29.38 -22.36 23.08
N ASP A 266 28.27 -23.08 23.29
CA ASP A 266 27.31 -22.67 24.41
C ASP A 266 26.75 -21.23 24.24
N ILE A 267 26.42 -20.90 22.98
CA ILE A 267 25.95 -19.59 22.59
C ILE A 267 24.54 -19.31 23.17
N HIS A 268 24.46 -18.30 23.99
CA HIS A 268 23.20 -17.87 24.54
C HIS A 268 23.04 -16.37 24.19
N PHE A 269 21.80 -15.93 23.98
CA PHE A 269 21.57 -14.49 23.78
C PHE A 269 20.40 -14.09 24.73
N LYS A 270 20.53 -13.01 25.49
CA LYS A 270 19.50 -12.62 26.48
C LYS A 270 19.19 -13.80 27.41
N GLY A 271 20.18 -14.59 27.76
CA GLY A 271 19.94 -15.64 28.72
C GLY A 271 19.32 -16.85 28.09
N ARG A 272 18.97 -16.84 26.81
CA ARG A 272 18.43 -18.08 26.22
C ARG A 272 19.39 -18.79 25.29
N SER A 273 19.22 -20.11 25.18
CA SER A 273 20.14 -20.90 24.45
C SER A 273 19.85 -20.68 22.94
N VAL A 274 20.92 -20.67 22.12
CA VAL A 274 20.81 -20.48 20.65
C VAL A 274 21.47 -21.66 19.94
N VAL A 275 22.80 -21.84 20.09
CA VAL A 275 23.56 -22.86 19.37
C VAL A 275 24.56 -23.47 20.35
N TYR A 276 24.69 -24.79 20.35
CA TYR A 276 25.63 -25.43 21.27
C TYR A 276 27.12 -25.32 20.77
N ARG A 277 27.36 -25.47 19.47
CA ARG A 277 28.75 -25.48 18.93
C ARG A 277 28.66 -25.04 17.47
N LEU A 278 29.52 -24.08 17.09
CA LEU A 278 29.47 -23.49 15.72
C LEU A 278 30.92 -23.53 15.18
N SER A 279 31.12 -23.96 13.95
CA SER A 279 32.53 -24.12 13.45
C SER A 279 32.48 -24.22 11.92
N LEU A 280 33.54 -23.76 11.24
CA LEU A 280 33.83 -24.18 9.91
C LEU A 280 34.31 -25.63 10.07
N SER A 281 33.75 -26.57 9.32
CA SER A 281 33.91 -28.00 9.57
C SER A 281 34.81 -28.62 8.54
N GLU A 282 34.74 -28.16 7.29
CA GLU A 282 35.69 -28.63 6.24
C GLU A 282 35.65 -27.64 5.07
N MET A 283 36.64 -27.66 4.20
CA MET A 283 36.53 -26.92 2.94
C MET A 283 37.30 -27.68 1.86
N THR A 284 36.61 -28.09 0.81
CA THR A 284 37.26 -28.77 -0.31
C THR A 284 37.33 -27.78 -1.49
N VAL A 285 38.49 -27.76 -2.19
CA VAL A 285 38.74 -26.76 -3.23
C VAL A 285 38.98 -27.49 -4.57
N PRO A 286 37.96 -28.14 -5.14
CA PRO A 286 38.23 -28.93 -6.37
C PRO A 286 38.49 -28.03 -7.62
N TYR A 287 39.51 -28.39 -8.43
CA TYR A 287 39.91 -27.64 -9.61
C TYR A 287 39.21 -28.26 -10.81
N GLY A 288 38.96 -27.45 -11.84
CA GLY A 288 38.21 -27.92 -12.98
C GLY A 288 39.02 -28.11 -14.29
N ASP A 289 40.35 -28.02 -14.20
CA ASP A 289 41.23 -28.27 -15.36
C ASP A 289 41.25 -29.80 -15.50
N PRO A 290 40.80 -30.32 -16.65
CA PRO A 290 40.64 -31.77 -16.78
C PRO A 290 41.94 -32.55 -16.89
N ARG A 291 43.04 -31.84 -17.16
CA ARG A 291 44.36 -32.43 -17.51
C ARG A 291 45.21 -32.76 -16.29
N ALA A 292 46.10 -33.73 -16.46
CA ALA A 292 47.01 -34.17 -15.38
C ALA A 292 48.16 -33.21 -15.24
N PRO A 293 48.70 -33.03 -14.02
CA PRO A 293 48.33 -33.59 -12.70
C PRO A 293 47.21 -32.74 -12.03
N PHE A 294 46.83 -31.62 -12.70
CA PHE A 294 45.81 -30.73 -12.17
C PHE A 294 44.53 -31.35 -11.70
N HIS A 295 44.04 -32.40 -12.40
CA HIS A 295 42.76 -33.00 -12.05
C HIS A 295 42.78 -33.45 -10.58
N ARG A 296 43.96 -33.70 -10.05
CA ARG A 296 44.08 -34.15 -8.64
C ARG A 296 44.13 -33.02 -7.64
N LYS A 297 44.04 -31.76 -8.09
CA LYS A 297 43.99 -30.64 -7.14
C LYS A 297 42.61 -30.56 -6.48
N GLN A 298 42.49 -31.22 -5.35
CA GLN A 298 41.30 -31.11 -4.55
C GLN A 298 41.72 -31.19 -3.07
N ALA A 299 42.14 -30.06 -2.52
CA ALA A 299 42.49 -29.97 -1.10
C ALA A 299 41.24 -30.16 -0.22
N PHE A 300 41.44 -30.68 1.02
CA PHE A 300 40.48 -30.56 2.12
C PHE A 300 41.26 -29.77 3.13
N ASP A 301 41.12 -28.48 3.07
CA ASP A 301 42.07 -27.63 3.80
C ASP A 301 42.02 -27.81 5.30
N LEU A 302 40.85 -28.12 5.89
CA LEU A 302 40.84 -28.40 7.29
C LEU A 302 41.36 -29.79 7.57
N GLY A 303 40.86 -30.79 6.87
CA GLY A 303 41.28 -32.18 7.14
C GLY A 303 42.74 -32.43 6.82
N ASP A 304 43.21 -31.84 5.69
CA ASP A 304 44.57 -32.07 5.17
C ASP A 304 45.61 -31.18 5.87
N CYS A 305 45.24 -30.01 6.38
CA CYS A 305 46.23 -29.10 6.99
C CYS A 305 45.82 -28.48 8.32
N GLY A 306 44.61 -27.91 8.37
CA GLY A 306 44.07 -27.32 9.61
C GLY A 306 44.20 -25.82 9.58
N PHE A 307 43.07 -25.13 9.83
CA PHE A 307 43.00 -23.68 9.88
C PHE A 307 43.68 -23.05 11.06
N GLY A 308 43.78 -23.77 12.19
CA GLY A 308 44.54 -23.19 13.29
C GLY A 308 46.03 -23.39 12.99
N ALA A 309 46.41 -24.57 12.48
CA ALA A 309 47.83 -24.88 12.20
C ALA A 309 48.43 -23.82 11.28
N THR A 310 47.52 -23.21 10.52
CA THR A 310 47.92 -22.44 9.38
C THR A 310 47.56 -21.02 9.59
N GLY A 311 47.20 -20.66 10.82
CA GLY A 311 46.72 -19.27 11.10
C GLY A 311 47.78 -18.20 11.16
N ASN A 312 47.43 -16.99 10.71
CA ASN A 312 48.32 -15.88 10.69
C ASN A 312 48.40 -15.33 12.08
N SER A 313 49.48 -14.63 12.40
CA SER A 313 49.48 -13.73 13.60
CA SER A 313 49.45 -13.83 13.60
C SER A 313 48.78 -12.46 13.23
N LEU A 314 47.65 -12.16 13.88
CA LEU A 314 46.88 -10.99 13.49
C LEU A 314 47.32 -9.72 14.19
N ALA A 315 48.13 -9.85 15.24
CA ALA A 315 48.53 -8.66 16.03
C ALA A 315 49.62 -7.88 15.29
N LEU A 316 50.29 -8.57 14.38
CA LEU A 316 51.37 -8.00 13.58
C LEU A 316 51.22 -6.57 12.96
N GLY A 317 50.49 -6.33 11.86
CA GLY A 317 49.08 -6.63 11.59
C GLY A 317 48.59 -5.38 10.81
N CYS A 318 47.85 -4.49 11.42
CA CYS A 318 46.94 -4.84 12.44
C CYS A 318 45.70 -5.04 11.53
N ASP A 319 45.41 -6.31 11.23
CA ASP A 319 44.30 -6.79 10.45
C ASP A 319 42.93 -6.44 11.05
N CYS A 320 42.86 -6.13 12.34
CA CYS A 320 41.59 -5.95 13.07
C CYS A 320 41.68 -4.53 13.61
N LEU A 321 40.67 -3.73 13.30
CA LEU A 321 40.71 -2.30 13.48
C LEU A 321 40.00 -1.97 14.76
N GLY A 322 40.63 -1.23 15.68
CA GLY A 322 39.95 -0.79 16.92
C GLY A 322 40.66 -1.24 18.17
N VAL A 323 39.93 -1.63 19.23
CA VAL A 323 40.51 -2.18 20.47
C VAL A 323 40.28 -3.71 20.50
N ILE A 324 41.38 -4.48 20.48
CA ILE A 324 41.36 -5.92 20.10
C ILE A 324 41.79 -6.81 21.22
N LYS A 325 41.20 -7.99 21.41
CA LYS A 325 41.81 -9.01 22.24
C LYS A 325 42.17 -10.18 21.35
N TYR A 326 43.19 -10.94 21.72
CA TYR A 326 43.70 -11.97 20.86
C TYR A 326 43.73 -13.27 21.57
N MET A 327 43.67 -14.36 20.85
CA MET A 327 44.01 -15.71 21.45
C MET A 327 45.03 -16.41 20.55
N ASP A 328 45.73 -17.48 21.06
CA ASP A 328 46.80 -18.20 20.37
C ASP A 328 46.32 -19.58 19.95
N CYS A 329 46.98 -20.19 18.99
CA CYS A 329 46.75 -21.63 18.75
C CYS A 329 48.11 -22.33 19.09
N ARG A 330 48.10 -23.63 19.14
CA ARG A 330 49.37 -24.38 19.35
C ARG A 330 49.27 -25.51 18.40
N ARG A 331 50.39 -26.04 17.89
CA ARG A 331 50.29 -27.24 17.11
C ARG A 331 51.52 -28.10 17.50
N VAL A 332 51.48 -29.40 17.27
CA VAL A 332 52.68 -30.18 17.43
C VAL A 332 53.60 -30.03 16.20
N ASN A 333 54.92 -30.17 16.41
CA ASN A 333 55.84 -30.52 15.29
C ASN A 333 56.17 -32.03 15.25
N THR A 334 56.99 -32.45 14.28
CA THR A 334 57.24 -33.89 14.05
C THR A 334 57.98 -34.47 15.28
N ASN A 335 58.70 -33.64 16.05
CA ASN A 335 59.37 -34.09 17.27
CA ASN A 335 59.40 -34.07 17.28
C ASN A 335 58.45 -34.29 18.48
N GLY A 336 57.17 -33.88 18.37
CA GLY A 336 56.21 -33.95 19.49
C GLY A 336 56.21 -32.72 20.36
N ASP A 337 56.96 -31.67 20.01
CA ASP A 337 56.93 -30.45 20.82
C ASP A 337 55.70 -29.54 20.56
N SER A 338 55.35 -28.67 21.53
CA SER A 338 54.32 -27.68 21.36
C SER A 338 54.84 -26.43 20.63
N VAL A 339 54.38 -26.17 19.41
CA VAL A 339 54.70 -24.91 18.70
C VAL A 339 53.62 -23.83 18.88
N LEU A 340 53.94 -22.69 19.49
CA LEU A 340 52.96 -21.63 19.66
C LEU A 340 52.71 -20.83 18.36
N ILE A 341 51.43 -20.54 18.11
CA ILE A 341 51.04 -19.72 16.93
C ILE A 341 50.36 -18.54 17.52
N PRO A 342 51.11 -17.46 17.73
CA PRO A 342 50.58 -16.35 18.50
C PRO A 342 49.49 -15.62 17.75
N ASN A 343 48.44 -15.22 18.46
CA ASN A 343 47.45 -14.23 18.00
C ASN A 343 46.72 -14.68 16.73
N THR A 344 46.30 -15.92 16.65
CA THR A 344 45.62 -16.38 15.46
C THR A 344 44.15 -15.92 15.46
N VAL A 345 43.63 -15.52 16.65
CA VAL A 345 42.22 -15.17 16.77
C VAL A 345 42.12 -13.73 17.30
N CYS A 346 41.36 -12.87 16.62
CA CYS A 346 41.22 -11.53 17.19
C CYS A 346 39.72 -11.32 17.51
N LEU A 347 39.42 -10.52 18.54
CA LEU A 347 38.08 -10.34 19.06
C LEU A 347 37.91 -8.89 19.22
N HIS A 348 36.86 -8.34 18.60
CA HIS A 348 36.68 -6.88 18.72
C HIS A 348 35.30 -6.39 18.30
N GLU A 349 35.02 -5.15 18.60
CA GLU A 349 33.75 -4.56 18.23
C GLU A 349 33.97 -3.77 16.99
N GLN A 350 32.92 -3.60 16.18
CA GLN A 350 32.99 -2.63 15.05
C GLN A 350 31.60 -2.02 14.80
N ASP A 351 31.50 -0.99 13.98
CA ASP A 351 30.19 -0.41 13.64
C ASP A 351 29.71 -1.09 12.36
N GLY A 352 28.46 -1.55 12.35
CA GLY A 352 27.94 -2.25 11.15
C GLY A 352 26.82 -1.43 10.50
N GLY A 353 26.88 -0.11 10.63
CA GLY A 353 25.83 0.68 9.96
C GLY A 353 24.63 0.84 10.88
N LEU A 354 23.44 1.11 10.35
CA LEU A 354 22.27 1.41 11.22
C LEU A 354 21.64 0.07 11.55
N LEU A 355 21.12 -0.09 12.74
CA LEU A 355 20.40 -1.29 13.11
C LEU A 355 18.86 -1.18 12.89
N TYR A 356 18.30 -0.01 13.18
CA TYR A 356 16.92 0.29 12.82
C TYR A 356 16.74 1.84 12.79
N LYS A 357 15.70 2.28 12.09
CA LYS A 357 15.24 3.65 12.17
C LYS A 357 13.74 3.63 11.87
N HIS A 358 13.06 4.54 12.52
CA HIS A 358 11.70 4.93 12.08
C HIS A 358 11.43 6.39 12.43
N THR A 359 10.85 7.16 11.49
CA THR A 359 10.44 8.55 11.75
C THR A 359 8.93 8.54 11.54
N ASN A 360 8.21 9.06 12.54
CA ASN A 360 6.77 9.31 12.42
C ASN A 360 6.63 10.54 11.54
N TYR A 361 6.05 10.36 10.34
CA TYR A 361 5.97 11.49 9.38
C TYR A 361 5.19 12.68 9.93
N ARG A 362 4.31 12.44 10.91
CA ARG A 362 3.48 13.50 11.49
C ARG A 362 4.27 14.46 12.32
N THR A 363 5.16 13.92 13.16
CA THR A 363 5.93 14.73 14.10
C THR A 363 7.41 14.87 13.73
N ASN A 364 7.89 13.99 12.84
CA ASN A 364 9.29 13.97 12.47
C ASN A 364 10.23 13.68 13.62
N VAL A 365 9.72 12.94 14.60
CA VAL A 365 10.54 12.41 15.68
C VAL A 365 11.01 10.99 15.26
N PRO A 366 12.33 10.77 15.14
CA PRO A 366 12.99 9.49 14.79
C PRO A 366 13.33 8.65 16.02
N VAL A 367 13.21 7.34 15.90
CA VAL A 367 13.95 6.48 16.78
C VAL A 367 15.06 5.90 15.87
N ILE A 368 16.29 5.77 16.40
CA ILE A 368 17.42 5.23 15.59
C ILE A 368 18.43 4.58 16.54
N ALA A 369 18.92 3.40 16.14
CA ALA A 369 20.08 2.82 16.79
C ALA A 369 21.13 2.40 15.72
N ARG A 370 22.42 2.50 16.07
CA ARG A 370 23.51 1.97 15.22
C ARG A 370 23.68 0.46 15.47
N ARG A 371 24.14 -0.25 14.45
CA ARG A 371 24.32 -1.69 14.53
C ARG A 371 25.76 -2.05 15.08
N ARG A 372 25.95 -2.12 16.40
CA ARG A 372 27.26 -2.48 16.94
C ARG A 372 27.45 -3.97 16.72
N GLU A 373 28.65 -4.35 16.30
CA GLU A 373 28.87 -5.75 15.99
C GLU A 373 30.08 -6.22 16.80
N PHE A 374 30.04 -7.47 17.19
CA PHE A 374 31.17 -8.11 17.85
C PHE A 374 31.74 -9.14 16.91
N VAL A 375 33.04 -9.06 16.65
CA VAL A 375 33.65 -9.90 15.62
C VAL A 375 34.65 -10.97 16.17
N VAL A 376 34.54 -12.22 15.78
CA VAL A 376 35.60 -13.21 16.08
C VAL A 376 36.25 -13.57 14.75
N GLN A 377 37.58 -13.44 14.63
CA GLN A 377 38.20 -13.61 13.32
C GLN A 377 39.47 -14.40 13.34
N THR A 378 39.70 -15.19 12.30
CA THR A 378 40.99 -15.77 12.09
C THR A 378 41.30 -15.78 10.58
N ILE A 379 42.57 -15.75 10.21
CA ILE A 379 42.95 -15.72 8.82
C ILE A 379 44.01 -16.75 8.66
N ALA A 380 43.75 -17.73 7.77
CA ALA A 380 44.70 -18.81 7.52
C ALA A 380 45.36 -18.57 6.15
N THR A 381 46.65 -18.88 6.08
CA THR A 381 47.37 -18.85 4.83
C THR A 381 47.58 -20.34 4.47
N VAL A 382 46.97 -20.78 3.37
CA VAL A 382 47.17 -22.17 2.94
C VAL A 382 47.95 -22.07 1.61
N ALA A 383 49.28 -22.22 1.68
CA ALA A 383 50.13 -22.15 0.46
C ALA A 383 49.81 -20.80 -0.23
N ASN A 384 49.19 -20.82 -1.40
CA ASN A 384 48.94 -19.54 -2.13
C ASN A 384 47.74 -18.79 -1.48
N TPQ A 385 46.57 -19.40 -0.90
CA TPQ A 385 45.29 -18.79 -0.60
CB TPQ A 385 44.29 -19.84 -0.33
C TPQ A 385 45.36 -18.14 0.74
O TPQ A 385 46.05 -18.64 1.67
C1 TPQ A 385 44.25 -20.83 -1.47
C2 TPQ A 385 43.40 -20.60 -2.68
O2 TPQ A 385 42.74 -19.44 -2.90
C3 TPQ A 385 43.33 -21.57 -3.65
C4 TPQ A 385 44.05 -22.78 -3.47
O4 TPQ A 385 43.99 -23.73 -4.41
C5 TPQ A 385 44.86 -23.03 -2.27
O5 TPQ A 385 45.57 -24.17 -2.15
C6 TPQ A 385 44.94 -22.04 -1.29
N GLU A 386 44.46 -17.07 0.97
CA GLU A 386 44.16 -16.60 2.33
C GLU A 386 42.68 -16.76 2.51
N TYR A 387 42.26 -17.31 3.66
CA TYR A 387 40.86 -17.38 4.01
C TYR A 387 40.60 -16.63 5.30
N MET A 388 39.74 -15.60 5.25
CA MET A 388 39.47 -14.80 6.41
CA MET A 388 39.45 -14.79 6.43
C MET A 388 38.11 -15.30 6.93
N LEU A 389 38.11 -15.91 8.11
CA LEU A 389 36.87 -16.45 8.71
C LEU A 389 36.42 -15.59 9.88
N ASN A 390 35.17 -15.10 9.82
CA ASN A 390 34.63 -14.19 10.85
C ASN A 390 33.29 -14.73 11.31
N ILE A 391 33.00 -14.65 12.60
CA ILE A 391 31.65 -14.88 13.06
C ILE A 391 31.33 -13.53 13.71
N ILE A 392 30.19 -12.93 13.32
CA ILE A 392 29.84 -11.57 13.75
C ILE A 392 28.50 -11.67 14.44
N PHE A 393 28.41 -11.08 15.64
CA PHE A 393 27.20 -11.10 16.44
C PHE A 393 26.67 -9.72 16.48
N ASP A 394 25.32 -9.61 16.51
CA ASP A 394 24.76 -8.26 16.64
C ASP A 394 23.70 -8.15 17.73
N GLN A 395 23.25 -6.92 17.97
CA GLN A 395 22.32 -6.65 19.07
C GLN A 395 20.87 -7.13 18.83
N ALA A 396 20.56 -7.57 17.63
CA ALA A 396 19.23 -8.08 17.34
C ALA A 396 19.26 -9.59 17.34
N GLY A 397 20.34 -10.16 17.91
CA GLY A 397 20.37 -11.66 17.95
C GLY A 397 20.83 -12.45 16.74
N GLU A 398 21.38 -11.78 15.74
CA GLU A 398 21.86 -12.47 14.53
C GLU A 398 23.33 -12.88 14.67
N ILE A 399 23.67 -14.12 14.23
CA ILE A 399 25.03 -14.57 14.06
C ILE A 399 25.34 -14.62 12.55
N ARG A 400 26.33 -13.85 12.10
CA ARG A 400 26.68 -13.86 10.67
C ARG A 400 28.01 -14.57 10.46
N ILE A 401 27.99 -15.67 9.70
CA ILE A 401 29.20 -16.31 9.27
C ILE A 401 29.65 -15.60 8.00
N HIS A 402 30.85 -15.01 8.01
CA HIS A 402 31.33 -14.18 6.92
C HIS A 402 32.73 -14.61 6.57
N VAL A 403 32.95 -15.02 5.33
CA VAL A 403 34.24 -15.54 4.87
C VAL A 403 34.68 -14.64 3.74
N ARG A 404 35.95 -14.30 3.75
CA ARG A 404 36.54 -13.65 2.59
C ARG A 404 37.69 -14.43 2.06
N ALA A 405 37.69 -14.67 0.77
CA ALA A 405 38.78 -15.40 0.15
C ALA A 405 39.67 -14.35 -0.53
N THR A 406 40.99 -14.44 -0.31
CA THR A 406 41.93 -13.54 -0.91
C THR A 406 43.21 -14.31 -1.05
N GLY A 407 44.35 -13.63 -1.08
CA GLY A 407 45.66 -14.32 -1.35
C GLY A 407 46.01 -14.34 -2.88
N ILE A 408 46.57 -15.45 -3.32
CA ILE A 408 47.00 -15.58 -4.69
C ILE A 408 46.33 -16.79 -5.32
N LEU A 409 45.94 -16.67 -6.58
CA LEU A 409 45.37 -17.83 -7.29
C LEU A 409 46.38 -19.00 -7.40
N SER A 410 45.90 -20.24 -7.39
CA SER A 410 46.80 -21.35 -7.73
C SER A 410 46.85 -21.34 -9.29
N THR A 411 48.06 -21.37 -9.85
CA THR A 411 48.29 -21.05 -11.28
C THR A 411 48.97 -22.21 -12.03
N MET A 412 48.75 -22.23 -13.35
CA MET A 412 49.15 -23.26 -14.28
C MET A 412 49.96 -22.63 -15.43
N PRO A 413 50.85 -23.44 -16.03
CA PRO A 413 51.69 -22.84 -17.06
C PRO A 413 50.83 -22.50 -18.29
N LEU A 414 51.31 -21.53 -19.06
CA LEU A 414 50.54 -21.07 -20.20
C LEU A 414 51.53 -20.74 -21.30
N ASP A 415 51.42 -21.42 -22.44
CA ASP A 415 52.31 -21.06 -23.57
C ASP A 415 51.79 -19.75 -24.26
N LYS A 416 52.61 -19.13 -25.10
CA LYS A 416 52.20 -17.93 -25.91
C LYS A 416 50.99 -18.24 -26.76
N ASP A 417 50.10 -17.26 -26.86
CA ASP A 417 48.91 -17.30 -27.72
C ASP A 417 47.95 -18.49 -27.46
N VAL A 418 47.86 -18.96 -26.23
CA VAL A 418 46.93 -20.04 -25.92
C VAL A 418 45.79 -19.43 -25.08
N THR A 419 44.57 -19.92 -25.28
CA THR A 419 43.53 -19.76 -24.27
C THR A 419 42.91 -21.15 -24.02
N VAL A 420 42.18 -21.28 -22.91
CA VAL A 420 41.62 -22.55 -22.46
C VAL A 420 40.24 -22.24 -21.90
N PRO A 421 39.28 -23.16 -22.09
CA PRO A 421 37.93 -22.80 -21.68
C PRO A 421 37.66 -23.21 -20.18
N TRP A 422 38.67 -23.75 -19.50
CA TRP A 422 38.56 -24.22 -18.10
C TRP A 422 39.53 -23.37 -17.24
N GLY A 423 39.95 -22.23 -17.78
CA GLY A 423 40.86 -21.38 -16.98
C GLY A 423 40.95 -19.98 -17.59
N THR A 424 41.29 -18.97 -16.77
CA THR A 424 41.48 -17.60 -17.26
C THR A 424 42.97 -17.32 -17.36
N ASN A 425 43.42 -16.66 -18.45
CA ASN A 425 44.82 -16.23 -18.47
C ASN A 425 44.92 -14.98 -17.61
N VAL A 426 45.88 -14.99 -16.67
CA VAL A 426 45.99 -13.83 -15.73
C VAL A 426 47.34 -13.14 -15.78
N GLY A 427 48.20 -13.60 -16.69
CA GLY A 427 49.48 -12.88 -16.97
C GLY A 427 49.95 -13.41 -18.32
N PRO A 428 51.05 -12.85 -18.86
CA PRO A 428 51.51 -13.25 -20.22
C PRO A 428 51.79 -14.75 -20.34
N ARG A 429 52.31 -15.36 -19.28
CA ARG A 429 52.61 -16.76 -19.33
C ARG A 429 52.04 -17.55 -18.16
N VAL A 430 50.83 -17.20 -17.75
CA VAL A 430 50.28 -17.89 -16.56
C VAL A 430 48.74 -17.85 -16.63
N MET A 431 48.14 -19.01 -16.38
CA MET A 431 46.72 -19.23 -16.44
C MET A 431 46.21 -19.72 -15.02
N ALA A 432 45.02 -19.28 -14.60
CA ALA A 432 44.42 -19.65 -13.30
C ALA A 432 43.23 -20.57 -13.60
N ALA A 433 43.35 -21.89 -13.40
CA ALA A 433 42.22 -22.77 -13.72
C ALA A 433 40.97 -22.43 -12.84
N TYR A 434 39.78 -22.72 -13.38
CA TYR A 434 38.51 -22.65 -12.68
C TYR A 434 38.53 -23.66 -11.54
N HIS A 435 37.86 -23.33 -10.44
CA HIS A 435 37.85 -24.21 -9.27
C HIS A 435 36.64 -23.79 -8.45
N GLN A 436 36.34 -24.57 -7.41
CA GLN A 436 35.26 -24.25 -6.43
C GLN A 436 35.83 -24.28 -5.03
N HIS A 437 35.43 -23.35 -4.15
CA HIS A 437 35.66 -23.50 -2.71
C HIS A 437 34.28 -23.91 -2.12
N MET A 438 34.17 -25.18 -1.70
CA MET A 438 32.96 -25.71 -1.06
C MET A 438 33.25 -25.85 0.45
N LEU A 439 32.64 -24.96 1.27
CA LEU A 439 32.81 -24.90 2.75
C LEU A 439 31.63 -25.65 3.39
N SER A 440 31.86 -26.41 4.46
CA SER A 440 30.75 -26.90 5.25
C SER A 440 30.87 -26.27 6.62
N PHE A 441 29.80 -25.61 7.07
CA PHE A 441 29.69 -25.09 8.45
C PHE A 441 28.79 -26.00 9.30
N ARG A 442 29.35 -26.44 10.42
CA ARG A 442 28.63 -27.26 11.39
C ARG A 442 28.00 -26.42 12.46
N ILE A 443 26.68 -26.57 12.56
CA ILE A 443 25.88 -25.80 13.45
C ILE A 443 25.12 -26.82 14.24
N ASP A 444 25.56 -26.99 15.50
CA ASP A 444 24.90 -27.92 16.39
C ASP A 444 23.99 -27.04 17.22
N PRO A 445 22.70 -26.98 16.84
CA PRO A 445 21.80 -25.96 17.36
C PRO A 445 21.23 -26.33 18.74
N ALA A 446 20.97 -25.32 19.56
CA ALA A 446 20.29 -25.60 20.84
C ALA A 446 19.27 -24.50 21.00
N VAL A 447 18.29 -24.45 20.11
CA VAL A 447 17.41 -23.26 20.02
C VAL A 447 16.48 -23.29 21.22
N ASP A 448 16.69 -22.37 22.20
CA ASP A 448 15.88 -22.31 23.45
C ASP A 448 15.91 -23.66 24.24
N GLY A 449 16.94 -24.48 24.07
CA GLY A 449 16.93 -25.77 24.75
C GLY A 449 17.49 -26.78 23.81
N TYR A 450 17.48 -28.05 24.25
CA TYR A 450 18.26 -29.14 23.60
C TYR A 450 17.41 -30.12 22.86
N GLU A 451 16.11 -29.87 22.73
CA GLU A 451 15.32 -30.68 21.79
C GLU A 451 14.82 -29.80 20.63
N ASN A 452 15.33 -30.07 19.44
CA ASN A 452 15.16 -29.21 18.29
C ASN A 452 14.70 -30.04 17.13
N THR A 453 14.09 -29.34 16.16
CA THR A 453 13.73 -29.96 14.91
C THR A 453 14.16 -29.06 13.76
N VAL A 454 14.68 -29.69 12.75
CA VAL A 454 15.01 -28.98 11.53
C VAL A 454 13.84 -29.00 10.61
N VAL A 455 13.57 -27.84 9.97
CA VAL A 455 12.40 -27.65 9.10
C VAL A 455 12.80 -26.72 7.91
N PHE A 456 11.97 -26.65 6.85
CA PHE A 456 12.16 -25.66 5.78
C PHE A 456 10.83 -25.18 5.31
N ASP A 457 10.67 -23.87 5.20
CA ASP A 457 9.41 -23.27 4.82
C ASP A 457 9.50 -22.76 3.40
N ASP A 458 8.41 -22.95 2.63
CA ASP A 458 8.32 -22.52 1.25
C ASP A 458 7.20 -21.53 1.13
N VAL A 459 7.38 -20.53 0.25
CA VAL A 459 6.38 -19.48 0.05
C VAL A 459 5.74 -19.80 -1.32
N ILE A 460 4.45 -20.15 -1.33
CA ILE A 460 3.74 -20.56 -2.57
C ILE A 460 2.44 -19.78 -2.82
N ARG A 461 2.03 -19.67 -4.10
CA ARG A 461 0.77 -18.95 -4.48
C ARG A 461 -0.48 -19.61 -3.86
N MET A 462 -1.48 -18.82 -3.45
CA MET A 462 -2.80 -19.40 -3.21
C MET A 462 -3.45 -19.74 -4.57
N GLU A 463 -4.31 -20.75 -4.59
CA GLU A 463 -5.16 -21.03 -5.75
C GLU A 463 -5.88 -19.79 -6.25
N LYS A 464 -5.87 -19.62 -7.55
CA LYS A 464 -6.45 -18.41 -8.14
C LYS A 464 -7.97 -18.58 -8.26
N ASN A 465 -8.68 -17.45 -8.33
CA ASN A 465 -10.12 -17.41 -8.70
C ASN A 465 -10.99 -18.16 -7.68
N THR A 466 -10.75 -17.96 -6.39
CA THR A 466 -11.59 -18.52 -5.37
C THR A 466 -12.26 -17.33 -4.72
N LYS A 467 -13.21 -17.61 -3.83
CA LYS A 467 -13.90 -16.59 -3.07
C LYS A 467 -12.93 -15.95 -2.08
N LEU A 468 -12.03 -16.76 -1.52
CA LEU A 468 -11.03 -16.21 -0.59
C LEU A 468 -10.01 -15.28 -1.31
N ASN A 469 -9.61 -15.71 -2.50
CA ASN A 469 -8.60 -15.05 -3.29
C ASN A 469 -9.11 -14.64 -4.69
N PRO A 470 -10.04 -13.69 -4.74
CA PRO A 470 -10.64 -13.42 -6.07
C PRO A 470 -9.76 -12.55 -6.96
N TYR A 471 -8.84 -11.80 -6.38
CA TYR A 471 -7.93 -11.00 -7.21
C TYR A 471 -6.56 -11.59 -7.54
N ASN A 472 -6.33 -12.86 -7.17
CA ASN A 472 -5.18 -13.62 -7.64
C ASN A 472 -3.79 -13.14 -7.15
N VAL A 473 -3.75 -12.67 -5.91
CA VAL A 473 -2.60 -11.94 -5.31
C VAL A 473 -2.09 -12.71 -4.08
N GLY A 474 -2.91 -13.64 -3.55
CA GLY A 474 -2.57 -14.24 -2.28
C GLY A 474 -1.39 -15.24 -2.30
N PHE A 475 -0.70 -15.34 -1.17
CA PHE A 475 0.35 -16.35 -1.06
C PHE A 475 0.60 -16.78 0.38
N VAL A 476 1.10 -18.00 0.59
CA VAL A 476 1.13 -18.55 1.95
C VAL A 476 2.47 -19.29 2.13
N THR A 477 2.78 -19.73 3.37
CA THR A 477 3.94 -20.55 3.64
C THR A 477 3.46 -21.97 3.86
N GLU A 478 4.24 -22.94 3.45
CA GLU A 478 4.06 -24.29 3.95
C GLU A 478 5.39 -24.86 4.49
N ARG A 479 5.26 -25.76 5.45
CA ARG A 479 6.40 -26.25 6.21
C ARG A 479 6.63 -27.77 5.93
N THR A 480 7.87 -28.18 5.74
CA THR A 480 8.21 -29.58 5.70
C THR A 480 9.16 -29.86 6.87
N VAL A 481 8.99 -30.99 7.56
CA VAL A 481 9.79 -31.31 8.74
C VAL A 481 10.87 -32.27 8.37
N VAL A 482 12.12 -32.07 8.83
CA VAL A 482 13.12 -33.09 8.56
C VAL A 482 13.06 -34.17 9.67
N GLU A 483 12.74 -35.38 9.26
CA GLU A 483 12.44 -36.45 10.20
C GLU A 483 13.69 -37.38 10.42
N LYS A 484 14.48 -37.52 9.35
CA LYS A 484 15.57 -38.49 9.25
C LYS A 484 16.82 -37.72 8.74
N PRO A 485 18.04 -38.20 9.09
CA PRO A 485 19.30 -37.72 8.49
C PRO A 485 19.19 -37.70 6.98
N GLY A 486 19.77 -36.68 6.33
CA GLY A 486 19.87 -36.62 4.88
C GLY A 486 20.12 -35.14 4.47
N TYR A 487 19.68 -34.75 3.27
CA TYR A 487 19.89 -33.38 2.82
C TYR A 487 18.60 -32.69 2.43
N VAL A 488 18.61 -31.34 2.37
CA VAL A 488 17.48 -30.62 1.87
C VAL A 488 17.82 -30.04 0.49
N GLU A 489 16.91 -30.16 -0.47
CA GLU A 489 17.11 -29.59 -1.79
C GLU A 489 16.96 -28.08 -1.78
N GLN A 490 17.67 -27.39 -2.67
CA GLN A 490 17.51 -25.93 -2.74
C GLN A 490 16.25 -25.57 -3.52
N SER A 491 15.57 -24.51 -3.13
CA SER A 491 14.47 -24.03 -3.91
C SER A 491 14.40 -22.51 -3.78
N PRO A 492 15.32 -21.79 -4.45
CA PRO A 492 15.29 -20.33 -4.28
C PRO A 492 13.97 -19.70 -4.80
N PHE A 493 13.32 -20.36 -5.79
CA PHE A 493 12.10 -19.82 -6.36
C PHE A 493 10.83 -19.95 -5.51
N THR A 494 10.93 -20.70 -4.41
CA THR A 494 9.84 -20.77 -3.43
C THR A 494 10.35 -20.09 -2.18
N ASN A 495 11.42 -19.27 -2.32
CA ASN A 495 12.05 -18.58 -1.17
C ASN A 495 12.33 -19.50 0.02
N ARG A 496 12.73 -20.71 -0.27
CA ARG A 496 12.88 -21.70 0.73
C ARG A 496 13.76 -21.25 1.88
N SER A 497 13.28 -21.42 3.09
CA SER A 497 13.98 -20.93 4.25
C SER A 497 14.21 -22.15 5.21
N TYR A 498 15.47 -22.54 5.42
CA TYR A 498 15.80 -23.58 6.44
C TYR A 498 15.70 -22.98 7.82
N LYS A 499 15.03 -23.67 8.76
CA LYS A 499 14.95 -23.23 10.16
C LYS A 499 15.25 -24.38 11.14
N ILE A 500 15.70 -23.98 12.31
CA ILE A 500 15.72 -24.91 13.45
C ILE A 500 14.78 -24.36 14.48
N ILE A 501 13.83 -25.21 14.84
CA ILE A 501 12.77 -24.81 15.76
C ILE A 501 12.86 -25.68 17.01
N ASN A 502 12.24 -25.18 18.05
CA ASN A 502 11.99 -25.96 19.27
C ASN A 502 10.46 -26.22 19.38
N GLU A 503 10.02 -27.40 18.95
CA GLU A 503 8.58 -27.75 18.96
C GLU A 503 7.89 -27.71 20.34
N ASN A 504 8.67 -27.57 21.43
CA ASN A 504 8.20 -27.60 22.79
C ASN A 504 8.01 -26.20 23.33
N LYS A 505 8.44 -25.19 22.60
CA LYS A 505 8.35 -23.86 23.14
C LYS A 505 7.69 -22.95 22.08
N ILE A 506 6.49 -22.42 22.38
CA ILE A 506 5.61 -21.77 21.39
C ILE A 506 5.76 -20.26 21.62
N ASN A 507 5.99 -19.47 20.56
CA ASN A 507 6.01 -18.02 20.72
C ASN A 507 4.60 -17.53 21.17
N PRO A 508 4.46 -16.84 22.31
CA PRO A 508 3.05 -16.50 22.73
C PRO A 508 2.37 -15.42 21.82
N ILE A 509 3.10 -14.79 20.89
CA ILE A 509 2.47 -13.82 19.95
C ILE A 509 2.10 -14.50 18.63
N SER A 510 3.05 -15.18 17.97
CA SER A 510 2.74 -15.79 16.67
C SER A 510 2.03 -17.12 16.79
N LYS A 511 2.10 -17.70 17.99
CA LYS A 511 1.52 -19.06 18.28
C LYS A 511 2.23 -20.22 17.60
N LYS A 512 3.50 -20.02 17.22
CA LYS A 512 4.25 -21.05 16.43
C LYS A 512 5.53 -21.36 17.23
N PRO A 513 6.13 -22.54 17.02
CA PRO A 513 7.40 -22.83 17.74
C PRO A 513 8.48 -21.74 17.51
N VAL A 514 9.22 -21.41 18.59
CA VAL A 514 10.36 -20.49 18.53
C VAL A 514 11.42 -21.08 17.54
N ALA A 515 12.17 -20.21 16.90
CA ALA A 515 13.06 -20.67 15.79
C ALA A 515 14.21 -19.76 15.60
N TYR A 516 15.24 -20.38 14.98
CA TYR A 516 16.26 -19.60 14.30
C TYR A 516 16.19 -19.97 12.85
N LYS A 517 16.28 -18.95 11.99
CA LYS A 517 16.36 -19.25 10.53
C LYS A 517 17.76 -19.02 9.94
N ILE A 518 18.09 -19.85 8.95
CA ILE A 518 19.31 -19.71 8.11
C ILE A 518 19.05 -18.84 6.88
N MET A 519 19.83 -17.74 6.76
CA MET A 519 19.85 -16.95 5.55
C MET A 519 21.07 -17.36 4.74
N MET A 520 20.86 -17.75 3.48
CA MET A 520 22.00 -18.00 2.60
C MET A 520 21.46 -18.14 1.19
N PRO A 521 22.20 -17.64 0.18
CA PRO A 521 21.71 -17.73 -1.19
C PRO A 521 21.84 -19.13 -1.77
N ALA A 522 21.00 -19.44 -2.75
CA ALA A 522 21.18 -20.61 -3.54
C ALA A 522 22.52 -20.50 -4.29
N ARG A 523 23.24 -21.62 -4.37
CA ARG A 523 24.55 -21.66 -4.98
C ARG A 523 24.64 -22.99 -5.74
N GLN A 524 25.38 -22.95 -6.84
CA GLN A 524 25.87 -24.13 -7.52
C GLN A 524 26.66 -25.05 -6.58
N MET A 525 26.45 -26.35 -6.71
CA MET A 525 27.14 -27.32 -5.90
C MET A 525 28.27 -27.96 -6.72
N LEU A 526 28.75 -29.13 -6.28
CA LEU A 526 30.01 -29.68 -6.73
C LEU A 526 29.91 -29.90 -8.26
N LEU A 527 30.88 -29.37 -9.03
CA LEU A 527 30.84 -29.51 -10.52
C LEU A 527 31.45 -30.82 -11.02
N ALA A 528 32.34 -31.45 -10.23
CA ALA A 528 32.87 -32.75 -10.64
C ALA A 528 31.69 -33.65 -10.91
N ASP A 529 31.83 -34.52 -11.91
CA ASP A 529 30.79 -35.49 -12.25
C ASP A 529 30.53 -36.40 -11.02
N GLU A 530 29.31 -36.86 -10.90
CA GLU A 530 28.95 -37.88 -9.95
C GLU A 530 29.94 -39.06 -10.02
N ASP A 531 30.36 -39.42 -11.23
CA ASP A 531 31.37 -40.48 -11.37
C ASP A 531 32.82 -39.91 -11.28
N SER A 532 33.24 -39.52 -10.09
CA SER A 532 34.56 -39.04 -9.90
C SER A 532 34.92 -39.27 -8.45
N TYR A 533 36.22 -39.25 -8.19
CA TYR A 533 36.66 -39.33 -6.81
C TYR A 533 36.28 -38.08 -6.07
N ASN A 534 36.25 -36.89 -6.74
CA ASN A 534 35.81 -35.65 -6.05
C ASN A 534 34.49 -35.84 -5.42
N ASN A 535 33.56 -36.47 -6.15
CA ASN A 535 32.24 -36.78 -5.66
C ASN A 535 32.28 -37.79 -4.50
N LYS A 536 32.97 -38.94 -4.65
CA LYS A 536 32.95 -39.96 -3.61
C LYS A 536 33.59 -39.46 -2.30
N ARG A 537 34.53 -38.52 -2.41
CA ARG A 537 35.26 -38.00 -1.26
C ARG A 537 34.56 -36.86 -0.55
N ALA A 538 33.61 -36.23 -1.20
CA ALA A 538 33.02 -35.00 -0.57
C ALA A 538 31.50 -34.89 -0.80
N GLN A 539 30.69 -35.73 -0.17
CA GLN A 539 29.29 -35.71 -0.46
C GLN A 539 28.68 -34.42 0.01
N PHE A 540 29.18 -33.84 1.10
CA PHE A 540 28.66 -32.56 1.56
C PHE A 540 28.61 -31.45 0.48
N ALA A 541 29.53 -31.48 -0.48
CA ALA A 541 29.66 -30.38 -1.48
C ALA A 541 28.65 -30.55 -2.61
N THR A 542 27.82 -31.62 -2.55
CA THR A 542 26.77 -31.81 -3.57
C THR A 542 25.39 -31.30 -3.24
N GLN A 543 25.14 -30.91 -1.98
CA GLN A 543 23.80 -30.43 -1.57
C GLN A 543 24.05 -29.35 -0.55
N GLN A 544 23.13 -28.39 -0.44
CA GLN A 544 23.38 -27.21 0.35
C GLN A 544 23.21 -27.35 1.88
N VAL A 545 22.37 -28.29 2.33
CA VAL A 545 22.09 -28.41 3.78
C VAL A 545 21.97 -29.89 4.06
N TRP A 546 22.72 -30.32 5.07
CA TRP A 546 22.65 -31.69 5.60
C TRP A 546 22.25 -31.72 7.04
N VAL A 547 21.60 -32.81 7.42
CA VAL A 547 21.16 -32.99 8.81
C VAL A 547 21.59 -34.40 9.25
N THR A 548 22.20 -34.49 10.41
CA THR A 548 22.54 -35.75 11.06
C THR A 548 22.00 -35.75 12.47
N LYS A 549 22.06 -36.92 13.10
CA LYS A 549 21.87 -36.97 14.53
C LYS A 549 23.20 -36.74 15.24
N TYR A 550 23.19 -35.88 16.23
CA TYR A 550 24.39 -35.62 17.01
C TYR A 550 25.13 -36.87 17.52
N ARG A 551 26.46 -36.90 17.42
CA ARG A 551 27.34 -37.87 18.16
C ARG A 551 28.59 -37.18 18.58
N ASP A 552 29.13 -37.50 19.76
CA ASP A 552 30.38 -36.98 20.19
C ASP A 552 31.47 -37.28 19.14
N ASN A 553 32.43 -36.36 18.98
CA ASN A 553 33.55 -36.52 17.98
C ASN A 553 33.11 -36.82 16.55
N GLU A 554 31.96 -36.31 16.13
CA GLU A 554 31.53 -36.38 14.71
C GLU A 554 31.50 -34.90 14.28
N LEU A 555 32.64 -34.35 13.87
CA LEU A 555 32.85 -32.91 13.70
C LEU A 555 33.16 -32.41 12.26
N TYR A 556 33.64 -33.31 11.43
CA TYR A 556 34.27 -32.96 10.15
C TYR A 556 33.54 -33.53 8.97
N ALA A 557 33.02 -32.65 8.08
CA ALA A 557 32.03 -33.02 7.07
C ALA A 557 32.39 -34.19 6.14
N ALA A 558 33.66 -34.29 5.77
CA ALA A 558 34.07 -35.28 4.83
C ALA A 558 34.78 -36.46 5.58
N GLY A 559 34.86 -36.34 6.91
CA GLY A 559 35.44 -37.43 7.75
C GLY A 559 36.75 -37.00 8.41
N GLU A 560 37.19 -37.80 9.36
CA GLU A 560 38.38 -37.45 10.13
C GLU A 560 39.63 -37.39 9.24
N PHE A 561 39.82 -38.39 8.35
CA PHE A 561 41.04 -38.47 7.52
C PHE A 561 40.69 -38.23 6.04
N THR A 562 41.03 -37.03 5.58
CA THR A 562 40.68 -36.63 4.23
C THR A 562 41.85 -36.82 3.22
N ASN A 563 43.08 -36.78 3.71
CA ASN A 563 44.25 -36.67 2.82
C ASN A 563 44.35 -37.98 2.01
N GLN A 564 44.27 -37.91 0.67
CA GLN A 564 44.31 -39.12 -0.20
C GLN A 564 43.28 -40.18 0.18
N SER A 565 42.16 -39.68 0.69
CA SER A 565 41.01 -40.51 1.01
C SER A 565 40.44 -41.17 -0.27
N GLN A 566 40.00 -42.40 -0.09
CA GLN A 566 39.25 -43.09 -1.15
C GLN A 566 37.78 -42.69 -1.15
N THR A 567 37.18 -42.51 0.03
CA THR A 567 35.77 -42.16 0.12
C THR A 567 35.56 -41.20 1.29
N ASP A 568 34.42 -40.53 1.23
CA ASP A 568 33.85 -39.72 2.31
C ASP A 568 33.65 -40.62 3.56
N THR A 569 34.22 -40.26 4.70
CA THR A 569 33.93 -40.97 5.95
C THR A 569 33.25 -40.00 6.93
N GLY A 570 32.60 -38.98 6.38
CA GLY A 570 31.85 -37.99 7.15
C GLY A 570 30.38 -38.14 6.79
N LEU A 571 29.81 -37.04 6.29
CA LEU A 571 28.39 -36.96 6.00
C LEU A 571 27.94 -38.05 5.01
N GLY A 572 28.83 -38.47 4.13
CA GLY A 572 28.47 -39.53 3.19
C GLY A 572 28.09 -40.85 3.89
N VAL A 573 28.52 -41.03 5.12
CA VAL A 573 28.06 -42.13 5.97
C VAL A 573 26.98 -41.65 6.94
N TRP A 574 27.28 -40.59 7.68
CA TRP A 574 26.39 -40.20 8.74
C TRP A 574 25.02 -39.68 8.33
N ALA A 575 24.88 -39.05 7.16
CA ALA A 575 23.58 -38.50 6.76
C ALA A 575 22.73 -39.60 6.10
N ARG A 576 23.25 -40.82 6.17
CA ARG A 576 22.55 -41.98 5.64
C ARG A 576 22.12 -42.95 6.76
N ARG A 577 22.40 -42.63 8.02
CA ARG A 577 21.88 -43.45 9.12
C ARG A 577 20.35 -43.35 9.20
N ASP A 578 19.72 -44.51 9.37
CA ASP A 578 18.27 -44.56 9.45
C ASP A 578 17.91 -44.37 10.91
N GLU A 579 17.53 -43.17 11.31
CA GLU A 579 17.29 -42.91 12.72
C GLU A 579 16.45 -41.65 12.77
N ASN A 580 15.84 -41.33 13.87
CA ASN A 580 15.01 -40.16 13.86
C ASN A 580 15.69 -38.94 14.41
N VAL A 581 15.36 -37.80 13.87
CA VAL A 581 16.08 -36.58 14.27
C VAL A 581 15.07 -35.44 14.56
N ARG A 582 13.78 -35.77 14.61
CA ARG A 582 12.81 -34.77 14.95
C ARG A 582 12.69 -34.64 16.43
N ASN A 583 12.59 -33.37 16.89
CA ASN A 583 12.56 -33.04 18.29
C ASN A 583 13.59 -33.88 19.06
N ASP A 584 14.86 -33.82 18.63
CA ASP A 584 15.97 -34.59 19.20
C ASP A 584 17.18 -33.72 19.19
N ASN A 585 18.29 -34.24 18.67
CA ASN A 585 19.52 -33.47 18.49
C ASN A 585 20.01 -33.50 17.07
N PRO A 586 19.20 -32.98 16.14
CA PRO A 586 19.68 -32.69 14.77
C PRO A 586 20.95 -31.86 14.79
N VAL A 587 21.89 -32.18 13.88
CA VAL A 587 23.07 -31.27 13.67
C VAL A 587 22.97 -30.81 12.20
N VAL A 588 23.06 -29.48 11.99
CA VAL A 588 22.98 -28.86 10.63
C VAL A 588 24.38 -28.58 10.06
N TRP A 589 24.60 -29.07 8.85
CA TRP A 589 25.86 -28.86 8.12
C TRP A 589 25.50 -28.04 6.85
N ALA A 590 25.77 -26.74 6.91
CA ALA A 590 25.42 -25.81 5.78
C ALA A 590 26.63 -25.68 4.77
N THR A 591 26.43 -26.06 3.50
CA THR A 591 27.47 -25.98 2.47
C THR A 591 27.39 -24.58 1.84
N LEU A 592 28.50 -23.84 1.95
CA LEU A 592 28.61 -22.53 1.31
C LEU A 592 29.41 -22.86 0.03
N GLY A 593 28.75 -22.89 -1.13
CA GLY A 593 29.39 -23.12 -2.45
C GLY A 593 29.83 -21.77 -3.11
N PHE A 594 31.11 -21.70 -3.50
CA PHE A 594 31.65 -20.59 -4.22
C PHE A 594 32.36 -21.17 -5.48
N THR A 595 31.78 -20.97 -6.64
CA THR A 595 32.42 -21.35 -7.91
C THR A 595 33.29 -20.17 -8.32
N HIS A 596 34.58 -20.39 -8.50
CA HIS A 596 35.53 -19.32 -8.73
C HIS A 596 36.03 -19.34 -10.18
N ILE A 597 35.50 -18.40 -11.00
CA ILE A 597 36.01 -18.17 -12.35
C ILE A 597 36.96 -17.04 -12.19
N PRO A 598 38.26 -17.31 -12.27
CA PRO A 598 39.20 -16.22 -11.91
C PRO A 598 39.10 -15.05 -12.93
N ARG A 599 39.32 -13.80 -12.49
CA ARG A 599 39.36 -12.69 -13.39
C ARG A 599 40.79 -12.13 -13.40
N VAL A 600 41.13 -11.36 -14.46
CA VAL A 600 42.47 -10.79 -14.50
C VAL A 600 42.76 -9.96 -13.23
N GLU A 601 41.74 -9.25 -12.72
CA GLU A 601 41.89 -8.44 -11.50
C GLU A 601 42.22 -9.19 -10.22
N ASP A 602 42.09 -10.52 -10.23
CA ASP A 602 42.43 -11.32 -9.08
C ASP A 602 43.94 -11.53 -9.02
N PHE A 603 44.65 -11.10 -10.06
CA PHE A 603 46.09 -11.32 -10.14
C PHE A 603 46.79 -9.95 -10.15
N PRO A 604 47.99 -9.87 -9.55
CA PRO A 604 48.85 -10.90 -8.91
C PRO A 604 48.39 -11.30 -7.49
N VAL A 605 47.57 -10.47 -6.86
CA VAL A 605 46.97 -10.85 -5.58
C VAL A 605 45.51 -10.47 -5.68
N MET A 606 44.61 -11.24 -5.07
CA MET A 606 43.15 -10.99 -5.34
C MET A 606 42.46 -10.10 -4.32
N PRO A 607 41.57 -9.19 -4.80
CA PRO A 607 40.73 -8.41 -3.87
C PRO A 607 39.82 -9.43 -3.19
N VAL A 608 39.38 -9.16 -1.96
CA VAL A 608 38.49 -10.10 -1.22
C VAL A 608 37.21 -10.42 -1.98
N GLU A 609 36.79 -11.70 -2.00
CA GLU A 609 35.43 -11.94 -2.37
C GLU A 609 34.74 -12.52 -1.12
N ALA A 610 33.68 -11.82 -0.69
CA ALA A 610 32.92 -12.15 0.53
C ALA A 610 31.70 -13.07 0.29
N HIS A 611 31.49 -13.99 1.25
CA HIS A 611 30.40 -14.95 1.24
C HIS A 611 29.87 -15.08 2.66
N GLU A 612 28.55 -15.18 2.80
CA GLU A 612 27.98 -15.23 4.14
C GLU A 612 26.84 -16.22 4.32
N ILE A 613 26.67 -16.60 5.57
CA ILE A 613 25.48 -17.31 6.01
C ILE A 613 25.05 -16.65 7.32
N ALA A 614 23.75 -16.38 7.50
CA ALA A 614 23.36 -15.76 8.76
C ALA A 614 22.41 -16.72 9.52
N LEU A 615 22.40 -16.63 10.86
CA LEU A 615 21.42 -17.35 11.73
C LEU A 615 20.67 -16.25 12.39
N VAL A 616 19.37 -16.18 12.13
CA VAL A 616 18.55 -14.98 12.56
C VAL A 616 17.37 -15.46 13.42
N PRO A 617 17.11 -14.77 14.58
CA PRO A 617 15.97 -15.24 15.37
C PRO A 617 14.64 -15.14 14.56
N PHE A 618 13.87 -16.24 14.51
CA PHE A 618 12.56 -16.15 13.84
C PHE A 618 11.40 -16.55 14.78
N GLY A 619 10.71 -15.57 15.35
CA GLY A 619 9.70 -15.93 16.37
C GLY A 619 10.34 -16.50 17.64
N PHE A 620 11.61 -16.17 17.84
CA PHE A 620 12.32 -16.63 19.05
C PHE A 620 11.94 -15.72 20.19
N PHE A 621 11.95 -14.40 19.95
CA PHE A 621 11.51 -13.41 20.94
C PHE A 621 10.05 -12.97 20.72
N ASP A 622 9.50 -12.26 21.67
CA ASP A 622 8.15 -11.80 21.53
C ASP A 622 8.02 -10.40 20.97
N LYS A 623 9.15 -9.83 20.60
CA LYS A 623 9.22 -8.52 19.98
C LYS A 623 10.70 -8.31 19.63
N ASN A 624 11.00 -7.20 18.96
CA ASN A 624 12.34 -6.90 18.61
C ASN A 624 13.31 -6.83 19.83
N PRO A 625 14.29 -7.77 19.91
CA PRO A 625 15.17 -7.72 21.14
C PRO A 625 16.10 -6.51 21.18
N ALA A 626 16.14 -5.67 20.15
CA ALA A 626 17.09 -4.55 20.13
C ALA A 626 16.47 -3.29 20.71
N LEU A 627 15.29 -3.43 21.30
CA LEU A 627 14.72 -2.26 22.02
C LEU A 627 15.49 -1.92 23.29
N SER A 628 16.37 -2.81 23.75
CA SER A 628 17.31 -2.52 24.89
C SER A 628 18.56 -1.72 24.47
N VAL A 629 18.71 -1.48 23.16
CA VAL A 629 19.86 -0.75 22.70
C VAL A 629 19.62 0.75 22.83
N PRO A 630 20.62 1.49 23.31
CA PRO A 630 20.53 2.92 23.42
C PRO A 630 20.28 3.60 22.04
N GLN A 631 19.48 4.66 22.06
CA GLN A 631 19.36 5.53 20.93
C GLN A 631 20.75 6.00 20.43
N SER A 632 20.95 6.06 19.11
CA SER A 632 22.25 6.50 18.65
C SER A 632 22.49 7.99 18.89
N THR A 633 21.55 8.89 18.70
CA THR A 633 21.80 10.28 19.22
C THR A 633 23.17 10.90 18.84
N VAL B 1 26.96 26.26 -13.99
CA VAL B 1 25.57 25.65 -14.00
C VAL B 1 25.55 24.49 -14.96
N HIS B 2 25.87 23.33 -14.39
CA HIS B 2 26.21 22.17 -15.13
C HIS B 2 24.93 21.48 -15.60
N PRO B 3 24.90 20.92 -16.83
CA PRO B 3 23.69 20.30 -17.27
C PRO B 3 23.13 19.16 -16.40
N TYR B 4 23.94 18.48 -15.58
CA TYR B 4 23.36 17.41 -14.71
C TYR B 4 22.74 17.94 -13.43
N ASP B 5 22.97 19.22 -13.11
CA ASP B 5 22.60 19.78 -11.81
C ASP B 5 21.16 19.48 -11.43
N PRO B 6 20.88 19.33 -10.12
CA PRO B 6 19.48 19.15 -9.72
C PRO B 6 18.73 20.47 -9.98
N ILE B 7 17.38 20.43 -10.02
CA ILE B 7 16.55 21.64 -10.18
C ILE B 7 16.82 22.75 -9.12
N SER B 8 16.92 24.02 -9.52
CA SER B 8 17.08 25.08 -8.52
C SER B 8 15.67 25.58 -8.10
N ASP B 9 15.59 26.34 -7.01
CA ASP B 9 14.35 27.09 -6.69
C ASP B 9 13.81 27.89 -7.85
N ALA B 10 14.68 28.63 -8.50
CA ALA B 10 14.28 29.51 -9.57
C ALA B 10 13.73 28.71 -10.74
N GLU B 11 14.39 27.59 -11.12
CA GLU B 11 13.84 26.77 -12.22
C GLU B 11 12.47 26.16 -11.88
N LEU B 12 12.33 25.74 -10.64
CA LEU B 12 11.08 25.04 -10.26
C LEU B 12 9.91 26.05 -10.26
N GLN B 13 10.19 27.24 -9.75
CA GLN B 13 9.17 28.29 -9.66
C GLN B 13 8.85 28.98 -10.97
N LEU B 14 9.85 29.10 -11.83
CA LEU B 14 9.63 29.54 -13.18
C LEU B 14 8.70 28.59 -13.90
N THR B 15 8.94 27.27 -13.74
CA THR B 15 8.13 26.23 -14.35
C THR B 15 6.67 26.38 -13.88
N SER B 16 6.44 26.51 -12.56
CA SER B 16 5.07 26.64 -12.13
C SER B 16 4.43 28.00 -12.56
N GLN B 17 5.19 29.11 -12.49
CA GLN B 17 4.73 30.43 -12.95
C GLN B 17 4.18 30.35 -14.39
N LEU B 18 4.94 29.72 -15.27
CA LEU B 18 4.57 29.63 -16.64
C LEU B 18 3.27 28.87 -16.80
N ILE B 19 3.06 27.79 -16.04
CA ILE B 19 1.80 27.07 -16.09
C ILE B 19 0.63 27.91 -15.52
N LYS B 20 0.87 28.60 -14.42
CA LYS B 20 -0.13 29.48 -13.89
C LYS B 20 -0.53 30.55 -14.95
N ASP B 21 0.46 31.21 -15.58
CA ASP B 21 0.17 32.20 -16.60
C ASP B 21 -0.60 31.59 -17.77
N ALA B 22 -0.34 30.34 -18.10
CA ALA B 22 -0.97 29.76 -19.27
C ALA B 22 -2.34 29.23 -18.98
N THR B 23 -2.68 29.10 -17.71
CA THR B 23 -3.97 28.55 -17.35
C THR B 23 -4.99 29.68 -17.11
N LYS B 24 -5.99 29.71 -17.99
CA LYS B 24 -7.04 30.74 -17.89
C LYS B 24 -8.21 30.22 -17.10
N GLY B 25 -8.77 31.12 -16.31
CA GLY B 25 -10.04 30.81 -15.68
C GLY B 25 -9.92 30.64 -14.19
N PRO B 26 -11.03 30.23 -13.56
CA PRO B 26 -10.92 30.24 -12.12
C PRO B 26 -10.43 28.92 -11.48
N GLU B 27 -10.58 27.73 -12.09
CA GLU B 27 -9.90 26.56 -11.48
C GLU B 27 -8.41 26.70 -11.76
N ARG B 28 -7.67 26.96 -10.69
CA ARG B 28 -6.22 27.17 -10.78
C ARG B 28 -5.45 25.80 -10.86
N PRO B 29 -4.22 25.79 -11.48
CA PRO B 29 -3.38 24.57 -11.48
C PRO B 29 -3.07 24.08 -10.07
N HIS B 30 -3.31 22.79 -9.92
CA HIS B 30 -3.03 22.07 -8.68
C HIS B 30 -1.74 21.27 -8.91
N PHE B 31 -0.60 21.76 -8.41
CA PHE B 31 0.70 21.13 -8.75
C PHE B 31 0.95 19.72 -8.07
N ILE B 32 1.54 18.80 -8.83
CA ILE B 32 1.78 17.46 -8.33
C ILE B 32 3.29 17.14 -8.28
N GLN B 33 4.04 17.48 -9.34
CA GLN B 33 5.47 17.18 -9.31
C GLN B 33 6.17 18.01 -10.37
N ILE B 34 7.36 18.51 -10.05
CA ILE B 34 8.17 19.23 -10.99
C ILE B 34 9.64 18.83 -10.76
N ASP B 35 10.39 18.47 -11.80
CA ASP B 35 11.85 18.23 -11.62
C ASP B 35 12.53 18.48 -12.96
N ARG B 36 13.86 18.47 -12.98
CA ARG B 36 14.64 18.79 -14.18
C ARG B 36 14.79 17.48 -14.98
N LEU B 37 14.64 17.51 -16.30
CA LEU B 37 14.93 16.38 -17.15
C LEU B 37 16.47 16.21 -17.28
N ASP B 38 16.92 14.99 -17.47
CA ASP B 38 18.28 14.75 -17.84
C ASP B 38 18.57 15.48 -19.16
N PRO B 39 19.82 15.90 -19.37
CA PRO B 39 20.17 16.39 -20.71
C PRO B 39 20.13 15.23 -21.73
N PRO B 40 19.82 15.53 -23.02
CA PRO B 40 19.78 14.45 -24.00
C PRO B 40 21.14 13.77 -24.01
N LYS B 41 21.14 12.44 -24.02
CA LYS B 41 22.39 11.72 -23.75
C LYS B 41 23.46 11.95 -24.86
N LYS B 42 23.04 11.76 -26.12
CA LYS B 42 23.95 12.03 -27.27
C LYS B 42 24.60 13.43 -27.13
N ASP B 43 23.81 14.42 -26.79
CA ASP B 43 24.35 15.79 -26.57
C ASP B 43 25.27 15.88 -25.37
N MET B 44 24.89 15.23 -24.26
CA MET B 44 25.65 15.37 -23.03
C MET B 44 27.01 14.62 -23.15
N ILE B 45 27.05 13.50 -23.89
CA ILE B 45 28.32 12.82 -24.06
C ILE B 45 29.33 13.83 -24.72
N ARG B 46 28.84 14.67 -25.63
CA ARG B 46 29.71 15.66 -26.29
C ARG B 46 30.08 16.79 -25.35
N TYR B 47 29.13 17.25 -24.53
CA TYR B 47 29.42 18.21 -23.49
C TYR B 47 30.53 17.73 -22.51
N LEU B 48 30.40 16.50 -22.00
CA LEU B 48 31.42 15.92 -21.10
C LEU B 48 32.81 15.78 -21.82
N GLU B 49 32.80 15.24 -23.03
CA GLU B 49 34.00 15.24 -23.91
C GLU B 49 34.71 16.63 -23.96
N ALA B 50 33.96 17.69 -24.21
CA ALA B 50 34.50 18.98 -24.25
C ALA B 50 34.96 19.44 -22.89
N GLU B 51 34.22 19.06 -21.87
CA GLU B 51 34.58 19.48 -20.53
C GLU B 51 35.86 18.74 -20.09
N ARG B 52 36.02 17.47 -20.45
CA ARG B 52 37.23 16.79 -20.01
C ARG B 52 38.42 17.35 -20.78
N THR B 53 38.28 17.57 -22.09
CA THR B 53 39.42 18.01 -22.91
C THR B 53 39.58 19.53 -23.02
N GLY B 54 38.92 20.29 -22.15
CA GLY B 54 39.03 21.76 -22.18
C GLY B 54 38.54 22.54 -23.42
N LYS B 55 37.82 21.90 -24.35
CA LYS B 55 37.24 22.62 -25.51
C LYS B 55 35.97 23.43 -25.12
N PRO B 56 35.48 24.34 -26.01
CA PRO B 56 34.30 25.13 -25.58
C PRO B 56 33.05 24.27 -25.39
N LEU B 57 32.29 24.58 -24.34
CA LEU B 57 31.17 23.74 -23.88
C LEU B 57 29.98 24.03 -24.77
N PRO B 58 29.34 22.99 -25.30
CA PRO B 58 28.13 23.17 -26.14
C PRO B 58 26.91 23.64 -25.33
N HIS B 59 25.97 24.35 -25.97
CA HIS B 59 24.71 24.73 -25.29
C HIS B 59 23.81 23.50 -25.14
N ILE B 60 23.32 23.28 -23.92
CA ILE B 60 22.27 22.30 -23.70
C ILE B 60 21.23 23.01 -22.87
N SER B 61 20.03 23.18 -23.42
CA SER B 61 18.90 23.80 -22.70
C SER B 61 18.54 23.01 -21.43
N ARG B 62 18.36 23.70 -20.31
CA ARG B 62 17.71 23.13 -19.15
C ARG B 62 16.19 22.93 -19.38
N MET B 63 15.72 21.70 -19.19
CA MET B 63 14.35 21.32 -19.38
C MET B 63 13.75 20.80 -18.08
N THR B 64 12.48 21.14 -17.79
CA THR B 64 11.73 20.54 -16.66
C THR B 64 10.43 19.91 -17.13
N TYR B 65 9.83 19.03 -16.32
CA TYR B 65 8.51 18.48 -16.58
C TYR B 65 7.62 18.93 -15.43
N VAL B 66 6.32 19.03 -15.65
CA VAL B 66 5.39 19.34 -14.56
C VAL B 66 4.23 18.36 -14.67
N TYR B 67 3.78 17.87 -13.51
CA TYR B 67 2.48 17.16 -13.43
C TYR B 67 1.60 18.07 -12.61
N TYR B 68 0.40 18.36 -13.10
CA TYR B 68 -0.51 19.25 -12.36
C TYR B 68 -1.92 18.88 -12.79
N TYR B 69 -2.88 19.28 -11.95
CA TYR B 69 -4.29 19.13 -12.27
C TYR B 69 -4.95 20.48 -12.51
N ILE B 70 -5.93 20.47 -13.41
CA ILE B 70 -6.92 21.58 -13.49
C ILE B 70 -8.27 20.93 -13.23
N GLY B 71 -8.81 21.16 -12.03
CA GLY B 71 -9.95 20.36 -11.61
C GLY B 71 -9.62 18.88 -11.54
N LEU B 72 -10.44 18.08 -12.20
CA LEU B 72 -10.18 16.63 -12.28
C LEU B 72 -9.31 16.27 -13.47
N ASP B 73 -8.89 17.26 -14.29
CA ASP B 73 -8.10 16.87 -15.49
C ASP B 73 -6.65 16.87 -15.19
N PHE B 74 -5.96 15.76 -15.51
CA PHE B 74 -4.50 15.70 -15.25
C PHE B 74 -3.69 16.16 -16.53
N TYR B 75 -2.58 16.90 -16.30
CA TYR B 75 -1.75 17.53 -17.34
C TYR B 75 -0.28 17.15 -17.12
N LYS B 76 0.46 16.97 -18.22
CA LYS B 76 1.89 16.84 -18.16
C LYS B 76 2.44 17.85 -19.15
N ALA B 77 3.31 18.73 -18.69
CA ALA B 77 3.91 19.77 -19.55
C ALA B 77 5.41 19.57 -19.53
N LEU B 78 6.06 20.02 -20.61
CA LEU B 78 7.49 20.02 -20.80
C LEU B 78 7.85 21.49 -20.95
N VAL B 79 8.79 21.95 -20.17
CA VAL B 79 9.12 23.33 -20.18
C VAL B 79 10.65 23.56 -20.37
N ASN B 80 10.99 24.52 -21.24
CA ASN B 80 12.38 24.91 -21.41
C ASN B 80 12.62 26.08 -20.49
N VAL B 81 13.36 25.85 -19.41
CA VAL B 81 13.60 26.96 -18.48
C VAL B 81 14.80 27.79 -18.87
N SER B 82 15.63 27.31 -19.80
CA SER B 82 16.72 28.14 -20.29
C SER B 82 16.11 29.37 -21.07
N TYR B 83 15.04 29.15 -21.78
CA TYR B 83 14.46 30.18 -22.59
C TYR B 83 13.04 30.59 -22.23
N GLY B 84 12.50 29.98 -21.19
CA GLY B 84 11.24 30.36 -20.55
C GLY B 84 10.02 30.08 -21.41
N HIS B 85 9.92 28.97 -22.10
CA HIS B 85 8.72 28.65 -22.85
C HIS B 85 8.18 27.28 -22.51
N ILE B 86 6.88 27.11 -22.54
CA ILE B 86 6.27 25.79 -22.47
C ILE B 86 6.39 25.14 -23.85
N ILE B 87 6.86 23.91 -23.93
CA ILE B 87 6.96 23.23 -25.23
C ILE B 87 5.77 22.32 -25.52
N THR B 88 5.21 21.73 -24.47
CA THR B 88 4.13 20.74 -24.58
C THR B 88 3.38 20.93 -23.25
N ASN B 89 2.05 20.81 -23.29
CA ASN B 89 1.20 21.03 -22.10
C ASN B 89 -0.04 20.30 -22.40
N GLN B 90 0.01 19.00 -22.15
CA GLN B 90 -0.96 18.09 -22.69
C GLN B 90 -1.83 17.44 -21.57
N LYS B 91 -3.16 17.58 -21.69
CA LYS B 91 -4.08 16.81 -20.88
C LYS B 91 -3.90 15.30 -21.17
N GLN B 92 -3.83 14.46 -20.13
CA GLN B 92 -3.53 13.04 -20.32
C GLN B 92 -4.78 12.25 -20.57
N PRO B 93 -4.65 11.04 -21.10
CA PRO B 93 -5.87 10.33 -21.41
C PRO B 93 -6.58 9.93 -20.11
N LYS B 94 -7.86 9.63 -20.23
CA LYS B 94 -8.62 9.05 -19.12
C LYS B 94 -7.88 7.86 -18.48
N GLY B 95 -7.77 7.91 -17.15
CA GLY B 95 -7.20 6.78 -16.40
C GLY B 95 -5.74 6.96 -16.03
N VAL B 96 -5.11 8.01 -16.56
CA VAL B 96 -3.79 8.36 -16.19
C VAL B 96 -3.94 9.29 -14.99
N ILE B 97 -3.31 8.93 -13.84
CA ILE B 97 -3.48 9.54 -12.54
C ILE B 97 -2.09 9.81 -12.03
N GLY B 98 -1.89 10.96 -11.41
CA GLY B 98 -0.58 11.35 -11.04
C GLY B 98 -0.20 10.72 -9.68
N PRO B 99 1.07 10.96 -9.25
CA PRO B 99 1.58 10.62 -7.95
C PRO B 99 0.79 11.29 -6.86
N LEU B 100 0.89 10.71 -5.67
CA LEU B 100 0.39 11.31 -4.43
C LEU B 100 1.30 12.45 -4.11
N ILE B 101 0.85 13.45 -3.37
CA ILE B 101 1.68 14.61 -2.92
C ILE B 101 1.33 14.89 -1.44
N ALA B 102 2.31 15.27 -0.60
CA ALA B 102 2.11 15.36 0.85
C ALA B 102 0.92 16.21 1.26
N GLU B 103 0.78 17.38 0.64
CA GLU B 103 -0.34 18.29 0.97
C GLU B 103 -1.72 17.62 0.75
N ASP B 104 -1.88 16.86 -0.33
CA ASP B 104 -3.16 16.26 -0.53
C ASP B 104 -3.42 15.13 0.45
N ILE B 105 -2.40 14.32 0.74
CA ILE B 105 -2.48 13.28 1.75
C ILE B 105 -2.86 13.86 3.16
N GLN B 106 -2.18 14.91 3.59
CA GLN B 106 -2.48 15.57 4.85
C GLN B 106 -3.95 15.94 4.92
N GLU B 107 -4.47 16.55 3.86
CA GLU B 107 -5.88 16.93 3.75
C GLU B 107 -6.82 15.76 3.95
N ILE B 108 -6.59 14.72 3.20
CA ILE B 108 -7.39 13.54 3.36
C ILE B 108 -7.21 12.89 4.74
N GLU B 109 -5.98 12.84 5.26
CA GLU B 109 -5.81 12.26 6.59
C GLU B 109 -6.68 13.00 7.63
N GLU B 110 -6.64 14.34 7.60
CA GLU B 110 -7.50 15.19 8.43
CA GLU B 110 -7.48 15.14 8.46
C GLU B 110 -8.97 14.81 8.30
N LEU B 111 -9.43 14.74 7.05
CA LEU B 111 -10.80 14.40 6.72
C LEU B 111 -11.18 13.00 7.23
N ALA B 112 -10.29 12.01 7.06
CA ALA B 112 -10.60 10.63 7.46
C ALA B 112 -10.93 10.50 8.98
N THR B 113 -10.54 11.47 9.82
CA THR B 113 -11.01 11.36 11.23
C THR B 113 -12.06 12.45 11.63
N THR B 114 -12.30 13.37 10.71
CA THR B 114 -13.19 14.51 10.88
C THR B 114 -14.58 14.30 10.19
N HIS B 115 -14.65 13.47 9.16
CA HIS B 115 -15.87 13.42 8.42
C HIS B 115 -16.96 12.81 9.28
N PRO B 116 -18.21 13.33 9.14
CA PRO B 116 -19.29 12.80 10.02
C PRO B 116 -19.57 11.28 9.86
N ILE B 117 -19.38 10.72 8.69
CA ILE B 117 -19.61 9.28 8.59
C ILE B 117 -18.52 8.57 9.38
N VAL B 118 -17.32 9.15 9.39
CA VAL B 118 -16.23 8.44 10.01
C VAL B 118 -16.29 8.65 11.56
N LYS B 119 -16.52 9.88 12.01
CA LYS B 119 -16.84 10.14 13.45
C LYS B 119 -17.93 9.25 14.00
N ALA B 120 -18.99 9.03 13.21
CA ALA B 120 -20.07 8.16 13.62
C ALA B 120 -19.62 6.70 13.71
N GLU B 121 -18.73 6.32 12.83
CA GLU B 121 -18.19 4.94 12.89
C GLU B 121 -17.31 4.71 14.15
N ILE B 122 -16.53 5.75 14.44
CA ILE B 122 -15.60 5.81 15.55
C ILE B 122 -16.39 5.72 16.87
N GLU B 123 -17.47 6.50 16.98
CA GLU B 123 -18.41 6.45 18.11
C GLU B 123 -18.84 4.99 18.39
N LYS B 124 -19.07 4.17 17.38
CA LYS B 124 -19.46 2.78 17.66
C LYS B 124 -18.39 1.94 18.34
N LEU B 125 -17.13 2.38 18.28
CA LEU B 125 -16.02 1.71 19.01
C LEU B 125 -16.16 1.90 20.54
N LYS B 126 -16.85 2.97 20.96
CA LYS B 126 -17.05 3.24 22.37
C LYS B 126 -15.67 3.37 23.03
N LEU B 127 -14.79 4.20 22.45
CA LEU B 127 -13.43 4.33 22.98
C LEU B 127 -13.41 5.03 24.34
N PRO B 128 -12.51 4.57 25.23
CA PRO B 128 -12.25 5.34 26.43
C PRO B 128 -11.48 6.58 26.08
N PRO B 129 -11.39 7.56 26.99
CA PRO B 129 -10.66 8.79 26.68
C PRO B 129 -9.12 8.62 26.53
N HIS B 130 -8.55 7.46 26.91
CA HIS B 130 -7.05 7.34 26.82
C HIS B 130 -6.57 6.78 25.44
N VAL B 131 -7.54 6.58 24.54
CA VAL B 131 -7.31 5.97 23.22
C VAL B 131 -7.75 6.90 22.09
N ARG B 132 -6.89 7.10 21.09
CA ARG B 132 -7.20 8.00 19.96
C ARG B 132 -7.13 7.23 18.62
N VAL B 133 -7.64 7.82 17.55
CA VAL B 133 -7.73 7.11 16.27
C VAL B 133 -6.69 7.74 15.39
N VAL B 134 -6.00 6.88 14.65
CA VAL B 134 -5.09 7.43 13.62
C VAL B 134 -5.32 6.84 12.27
N CYS B 135 -5.12 7.68 11.25
CA CYS B 135 -5.30 7.27 9.83
C CYS B 135 -3.97 7.39 9.03
N ASP B 136 -3.64 6.31 8.31
CA ASP B 136 -2.62 6.32 7.24
C ASP B 136 -3.33 6.37 5.87
N PRO B 137 -3.35 7.55 5.17
CA PRO B 137 -3.93 7.47 3.79
C PRO B 137 -3.02 6.71 2.80
N TRP B 138 -3.56 5.70 2.12
CA TRP B 138 -2.88 4.95 1.09
C TRP B 138 -3.43 5.21 -0.35
N MET B 139 -2.54 5.11 -1.34
CA MET B 139 -2.90 5.14 -2.73
C MET B 139 -3.86 3.94 -2.88
N ASN B 140 -4.73 4.01 -3.90
CA ASN B 140 -5.84 3.09 -3.97
C ASN B 140 -5.39 1.75 -4.44
N GLY B 141 -4.31 1.72 -5.22
CA GLY B 141 -3.96 0.50 -6.01
C GLY B 141 -5.01 0.22 -7.13
N THR B 142 -5.07 -1.01 -7.66
CA THR B 142 -5.95 -1.30 -8.78
C THR B 142 -6.49 -2.69 -8.73
N ASP B 143 -7.83 -2.80 -8.78
CA ASP B 143 -8.41 -4.14 -8.99
C ASP B 143 -9.55 -4.07 -10.04
N SER B 144 -9.64 -2.94 -10.74
CA SER B 144 -10.78 -2.69 -11.66
C SER B 144 -10.42 -1.52 -12.56
N LYS B 145 -11.23 -1.24 -13.59
CA LYS B 145 -11.07 0.05 -14.26
C LYS B 145 -11.53 1.16 -13.33
N GLU B 146 -10.74 2.16 -13.11
CA GLU B 146 -11.14 3.20 -12.17
C GLU B 146 -10.33 4.41 -12.55
N ASP B 147 -11.00 5.47 -13.00
CA ASP B 147 -10.33 6.64 -13.55
C ASP B 147 -10.17 7.74 -12.54
N ARG B 148 -10.87 7.62 -11.41
CA ARG B 148 -10.81 8.61 -10.32
C ARG B 148 -9.62 8.33 -9.38
N MET B 149 -8.96 9.38 -8.90
CA MET B 149 -7.86 9.18 -7.96
C MET B 149 -8.50 8.98 -6.58
N LEU B 150 -8.42 7.73 -6.07
CA LEU B 150 -9.03 7.39 -4.77
C LEU B 150 -7.96 7.17 -3.70
N ILE B 151 -8.32 7.40 -2.43
CA ILE B 151 -7.41 7.20 -1.28
C ILE B 151 -8.07 6.21 -0.34
N GLN B 152 -7.36 5.12 -0.05
CA GLN B 152 -7.87 4.12 0.87
C GLN B 152 -7.28 4.43 2.25
N CYS B 153 -8.12 4.73 3.23
CA CYS B 153 -7.60 5.28 4.51
C CYS B 153 -7.54 4.12 5.53
N TYR B 154 -6.33 3.67 5.86
CA TYR B 154 -6.18 2.65 6.89
C TYR B 154 -6.27 3.28 8.29
N MET B 155 -7.11 2.66 9.11
CA MET B 155 -7.48 3.21 10.41
C MET B 155 -6.88 2.36 11.57
N TYR B 156 -6.40 3.07 12.60
CA TYR B 156 -5.76 2.42 13.72
C TYR B 156 -6.05 3.13 15.05
N LEU B 157 -5.82 2.44 16.18
CA LEU B 157 -5.82 3.11 17.53
C LEU B 157 -4.42 3.40 18.10
N ALA B 158 -4.25 4.50 18.83
CA ALA B 158 -3.00 4.82 19.52
C ALA B 158 -3.31 5.26 20.94
N SER B 159 -2.28 5.42 21.77
CA SER B 159 -2.49 5.95 23.09
C SER B 159 -2.67 7.43 22.97
N ALA B 160 -3.66 7.99 23.66
CA ALA B 160 -3.93 9.42 23.56
C ALA B 160 -2.84 10.16 24.27
N ALA B 161 -2.13 9.50 25.17
CA ALA B 161 -1.20 10.23 26.06
C ALA B 161 0.14 10.62 25.41
N HIS B 162 0.51 10.04 24.25
CA HIS B 162 1.83 10.33 23.70
C HIS B 162 1.80 10.37 22.17
N PRO B 163 2.39 11.43 21.56
CA PRO B 163 2.31 11.58 20.12
C PRO B 163 3.11 10.56 19.32
N GLU B 164 3.92 9.72 20.00
CA GLU B 164 4.77 8.74 19.30
C GLU B 164 4.30 7.33 19.58
N SER B 165 3.08 7.20 20.14
CA SER B 165 2.47 5.93 20.43
C SER B 165 2.35 5.14 19.12
N ASN B 166 2.44 3.83 19.17
CA ASN B 166 2.57 3.01 17.92
C ASN B 166 1.21 2.54 17.40
N HIS B 167 0.56 3.42 16.62
CA HIS B 167 -0.79 3.06 16.06
C HIS B 167 -0.80 1.80 15.25
N TYR B 168 0.32 1.45 14.62
CA TYR B 168 0.33 0.22 13.81
C TYR B 168 0.09 -1.00 14.66
N SER B 169 0.27 -0.88 16.00
CA SER B 169 0.07 -2.04 16.88
C SER B 169 -1.40 -2.34 17.13
N LEU B 170 -2.30 -1.45 16.69
CA LEU B 170 -3.72 -1.78 16.92
C LEU B 170 -4.67 -1.38 15.77
N PRO B 171 -4.76 -2.23 14.75
CA PRO B 171 -5.54 -1.82 13.54
C PRO B 171 -7.06 -1.96 13.78
N LEU B 172 -7.86 -1.03 13.21
CA LEU B 172 -9.34 -1.06 13.33
C LEU B 172 -9.87 -1.92 12.23
N LYS B 173 -11.19 -2.19 12.22
CA LYS B 173 -11.76 -3.03 11.17
C LYS B 173 -12.66 -2.26 10.17
N PHE B 174 -12.50 -0.92 10.13
CA PHE B 174 -13.15 -0.24 9.03
C PHE B 174 -12.14 0.71 8.30
N SER B 175 -12.44 1.05 7.04
CA SER B 175 -11.56 1.97 6.29
C SER B 175 -12.39 2.78 5.28
N PRO B 176 -12.41 4.11 5.45
CA PRO B 176 -13.16 4.93 4.52
C PRO B 176 -12.30 5.22 3.25
N VAL B 177 -12.98 5.37 2.10
CA VAL B 177 -12.32 5.68 0.81
C VAL B 177 -12.83 7.02 0.35
N PHE B 178 -11.91 7.95 0.05
CA PHE B 178 -12.20 9.31 -0.42
C PHE B 178 -11.71 9.49 -1.84
N GLU B 179 -12.37 10.35 -2.59
CA GLU B 179 -11.85 10.80 -3.89
C GLU B 179 -10.91 11.95 -3.57
N CYS B 180 -9.64 11.83 -3.95
CA CYS B 180 -8.59 12.70 -3.44
C CYS B 180 -8.77 14.19 -3.76
N LEU B 181 -9.10 14.48 -5.01
CA LEU B 181 -9.05 15.87 -5.44
C LEU B 181 -10.32 16.62 -5.01
N THR B 182 -11.45 15.93 -5.02
CA THR B 182 -12.70 16.61 -4.62
C THR B 182 -12.92 16.50 -3.11
N LYS B 183 -12.20 15.60 -2.43
CA LYS B 183 -12.43 15.34 -0.99
C LYS B 183 -13.81 14.76 -0.69
N LYS B 184 -14.40 14.08 -1.65
CA LYS B 184 -15.70 13.51 -1.47
C LYS B 184 -15.59 12.10 -0.92
N PHE B 185 -16.50 11.76 -0.02
CA PHE B 185 -16.61 10.40 0.48
C PHE B 185 -16.99 9.51 -0.64
N VAL B 186 -16.40 8.33 -0.67
CA VAL B 186 -16.74 7.34 -1.68
C VAL B 186 -17.41 6.14 -1.13
N ARG B 187 -16.83 5.48 -0.12
CA ARG B 187 -17.52 4.36 0.53
C ARG B 187 -16.77 4.02 1.83
N MET B 188 -17.40 3.23 2.70
CA MET B 188 -16.74 2.80 3.91
C MET B 188 -16.47 1.35 3.67
N ASP B 189 -15.21 0.87 3.74
CA ASP B 189 -14.90 -0.56 3.64
C ASP B 189 -14.82 -1.20 5.05
N TYR B 190 -15.05 -2.53 5.12
CA TYR B 190 -14.95 -3.31 6.35
C TYR B 190 -13.88 -4.39 6.16
N LEU B 191 -13.03 -4.58 7.20
CA LEU B 191 -11.80 -5.37 7.12
C LEU B 191 -12.01 -6.67 7.92
N PRO B 192 -11.59 -7.79 7.40
CA PRO B 192 -11.79 -9.03 8.17
C PRO B 192 -10.67 -9.20 9.18
N GLY B 193 -11.00 -9.59 10.41
CA GLY B 193 -10.01 -9.70 11.49
C GLY B 193 -9.79 -11.15 11.85
N GLY B 194 -10.55 -12.05 11.22
CA GLY B 194 -10.56 -13.46 11.63
C GLY B 194 -9.80 -14.25 10.64
N ALA B 195 -10.08 -15.53 10.59
CA ALA B 195 -9.27 -16.40 9.81
C ALA B 195 -9.69 -16.40 8.35
N ASP B 196 -10.85 -15.86 8.01
CA ASP B 196 -11.26 -15.90 6.62
C ASP B 196 -11.72 -14.49 6.25
N GLU B 197 -12.56 -14.37 5.22
CA GLU B 197 -12.98 -13.07 4.70
C GLU B 197 -14.18 -12.39 5.37
N THR B 198 -14.69 -12.97 6.46
CA THR B 198 -15.92 -12.51 7.11
C THR B 198 -15.69 -11.15 7.72
N VAL B 199 -16.62 -10.24 7.48
CA VAL B 199 -16.58 -8.95 8.17
C VAL B 199 -17.90 -8.79 8.94
N THR B 200 -17.99 -7.74 9.75
CA THR B 200 -19.16 -7.47 10.51
C THR B 200 -19.23 -5.92 10.59
N GLU B 201 -20.34 -5.43 11.13
CA GLU B 201 -20.54 -3.99 11.46
C GLU B 201 -19.56 -3.67 12.55
N THR B 202 -19.32 -2.40 12.74
CA THR B 202 -18.39 -1.95 13.72
C THR B 202 -18.91 -2.20 15.15
N GLN B 203 -18.25 -3.14 15.86
CA GLN B 203 -18.45 -3.42 17.30
C GLN B 203 -17.62 -2.52 18.25
N ALA B 204 -18.08 -2.39 19.51
CA ALA B 204 -17.36 -1.69 20.56
C ALA B 204 -16.01 -2.39 20.64
N TRP B 205 -14.98 -1.61 20.93
CA TRP B 205 -13.61 -2.16 20.97
C TRP B 205 -13.27 -2.38 22.43
N ASP B 206 -12.90 -3.63 22.76
CA ASP B 206 -12.76 -4.14 24.17
C ASP B 206 -11.39 -3.82 24.89
N GLU B 207 -10.29 -3.97 24.16
CA GLU B 207 -8.96 -4.00 24.80
C GLU B 207 -7.95 -3.27 23.92
N PHE B 208 -6.95 -2.70 24.58
CA PHE B 208 -6.00 -1.85 23.91
C PHE B 208 -4.56 -2.32 24.10
N PRO B 209 -4.21 -3.51 23.58
CA PRO B 209 -2.83 -3.99 23.79
C PRO B 209 -1.79 -3.38 22.86
N PHE B 210 -1.44 -2.10 23.06
CA PHE B 210 -0.44 -1.46 22.21
C PHE B 210 0.92 -2.14 22.35
N VAL B 211 1.75 -2.12 21.30
CA VAL B 211 3.11 -2.60 21.40
C VAL B 211 3.94 -1.41 21.00
N GLU B 212 4.51 -0.72 21.97
CA GLU B 212 5.15 0.56 21.72
C GLU B 212 6.62 0.39 21.36
N TYR B 213 7.11 1.21 20.42
CA TYR B 213 8.52 1.18 20.11
C TYR B 213 9.26 2.32 20.79
N HIS B 214 8.61 3.43 21.11
CA HIS B 214 9.38 4.63 21.50
C HIS B 214 10.05 4.42 22.89
N PRO B 215 11.29 4.90 23.08
CA PRO B 215 11.95 4.68 24.41
C PRO B 215 11.12 5.14 25.61
N ASP B 216 10.33 6.23 25.45
CA ASP B 216 9.51 6.75 26.58
C ASP B 216 8.37 5.83 26.85
N LEU B 217 8.04 4.89 25.96
CA LEU B 217 6.77 4.14 26.09
C LEU B 217 6.98 2.63 26.16
N ASN B 218 8.18 2.17 25.79
CA ASN B 218 8.34 0.74 25.52
C ASN B 218 8.69 -0.04 26.79
N GLY B 219 9.02 0.73 27.85
CA GLY B 219 9.25 0.16 29.16
C GLY B 219 10.49 -0.76 29.21
N GLU B 220 11.37 -0.66 28.21
CA GLU B 220 12.48 -1.60 28.12
C GLU B 220 13.64 -0.98 28.90
N THR B 221 14.36 -1.77 29.68
CA THR B 221 15.58 -1.26 30.36
C THR B 221 16.70 -1.21 29.33
N ILE B 222 17.37 -0.06 29.24
CA ILE B 222 18.45 0.15 28.32
C ILE B 222 19.76 -0.50 28.80
N VAL B 223 20.42 -1.24 27.90
CA VAL B 223 21.64 -2.01 28.25
C VAL B 223 22.73 -1.18 27.70
N PRO B 224 23.62 -0.70 28.56
CA PRO B 224 24.55 0.34 28.07
C PRO B 224 25.67 -0.25 27.15
N LEU B 225 26.34 0.64 26.45
CA LEU B 225 27.30 0.35 25.39
C LEU B 225 28.41 1.35 25.59
N LYS B 226 29.67 0.97 25.40
CA LYS B 226 30.75 1.95 25.45
C LYS B 226 30.91 2.60 24.09
N PRO B 227 31.43 3.85 24.01
CA PRO B 227 31.47 4.56 22.74
C PRO B 227 32.43 3.89 21.72
N LEU B 228 32.14 4.13 20.46
CA LEU B 228 33.01 3.72 19.33
C LEU B 228 32.94 4.88 18.33
N ILE B 229 34.06 5.53 18.12
CA ILE B 229 34.13 6.83 17.42
C ILE B 229 34.94 6.65 16.15
N VAL B 230 34.55 7.29 15.06
CA VAL B 230 35.37 7.27 13.86
C VAL B 230 35.87 8.67 13.62
N GLN B 231 37.16 8.82 13.33
CA GLN B 231 37.71 10.14 13.05
C GLN B 231 38.56 10.18 11.81
N GLN B 232 38.55 11.32 11.14
CA GLN B 232 39.47 11.59 10.04
C GLN B 232 40.20 12.88 10.33
N PRO B 233 41.26 12.78 11.17
CA PRO B 233 42.00 13.97 11.65
C PRO B 233 42.53 14.85 10.53
N GLU B 234 42.79 14.33 9.33
CA GLU B 234 43.22 15.22 8.25
C GLU B 234 42.12 15.49 7.27
N GLY B 235 40.87 15.21 7.64
CA GLY B 235 39.80 15.40 6.70
C GLY B 235 39.58 14.18 5.81
N PRO B 236 38.54 14.23 4.99
CA PRO B 236 38.19 13.09 4.09
C PRO B 236 39.05 12.99 2.84
N SER B 237 39.08 11.82 2.22
CA SER B 237 39.88 11.64 1.00
C SER B 237 39.08 11.83 -0.29
N PHE B 238 37.89 12.40 -0.20
CA PHE B 238 37.07 12.71 -1.41
C PHE B 238 36.89 14.21 -1.52
N ASN B 239 36.75 14.67 -2.74
CA ASN B 239 36.45 16.04 -3.07
C ASN B 239 35.07 16.11 -3.71
N VAL B 240 34.33 17.18 -3.40
CA VAL B 240 33.05 17.47 -4.05
C VAL B 240 33.24 18.80 -4.76
N ASP B 241 33.07 18.83 -6.06
CA ASP B 241 33.10 20.06 -6.79
C ASP B 241 31.79 20.21 -7.57
N GLY B 242 30.91 21.02 -7.01
CA GLY B 242 29.52 21.09 -7.44
C GLY B 242 28.84 19.83 -7.02
N HIS B 243 28.61 18.96 -7.99
CA HIS B 243 28.05 17.64 -7.76
C HIS B 243 28.99 16.53 -8.21
N LYS B 244 30.18 16.92 -8.62
CA LYS B 244 31.19 16.04 -9.10
C LYS B 244 32.04 15.52 -7.93
N ILE B 245 31.95 14.20 -7.73
CA ILE B 245 32.76 13.55 -6.68
C ILE B 245 34.04 13.00 -7.27
N SER B 246 35.16 13.25 -6.57
CA SER B 246 36.41 12.57 -6.82
C SER B 246 36.91 11.86 -5.57
N TRP B 247 37.21 10.55 -5.71
CA TRP B 247 37.70 9.72 -4.58
C TRP B 247 38.43 8.49 -5.12
N GLN B 248 39.73 8.37 -4.81
CA GLN B 248 40.51 7.12 -5.02
C GLN B 248 40.42 6.58 -6.43
N GLY B 249 40.42 7.49 -7.41
CA GLY B 249 40.42 7.04 -8.80
C GLY B 249 39.07 7.16 -9.47
N TRP B 250 38.01 7.32 -8.66
CA TRP B 250 36.64 7.45 -9.17
C TRP B 250 36.28 8.93 -9.41
N GLU B 251 35.51 9.14 -10.44
CA GLU B 251 34.85 10.41 -10.73
C GLU B 251 33.48 10.12 -11.25
N PHE B 252 32.52 10.83 -10.66
CA PHE B 252 31.11 10.67 -11.02
C PHE B 252 30.35 11.87 -10.41
N PHE B 253 29.14 12.07 -10.88
CA PHE B 253 28.23 13.07 -10.34
C PHE B 253 27.13 12.40 -9.54
N VAL B 254 26.75 13.05 -8.46
CA VAL B 254 25.66 12.54 -7.66
C VAL B 254 24.60 13.64 -7.66
N ILE B 255 23.43 13.31 -8.22
CA ILE B 255 22.33 14.27 -8.34
C ILE B 255 21.04 13.81 -7.58
N PRO B 256 20.59 14.57 -6.59
CA PRO B 256 19.29 14.34 -5.90
C PRO B 256 18.18 14.48 -6.92
N THR B 257 17.23 13.58 -6.90
CA THR B 257 16.09 13.73 -7.84
C THR B 257 14.87 13.40 -6.99
N VAL B 258 13.74 14.01 -7.32
CA VAL B 258 12.61 13.92 -6.45
C VAL B 258 12.06 12.52 -6.55
N ARG B 259 12.22 11.88 -7.68
CA ARG B 259 11.59 10.55 -7.82
C ARG B 259 12.53 9.40 -7.33
N GLU B 260 13.83 9.49 -7.62
CA GLU B 260 14.75 8.39 -7.33
C GLU B 260 15.54 8.61 -6.05
N GLY B 261 15.46 9.79 -5.41
CA GLY B 261 16.34 10.04 -4.25
C GLY B 261 17.62 10.72 -4.76
N PHE B 262 18.40 9.95 -5.47
CA PHE B 262 19.55 10.48 -6.21
C PHE B 262 19.81 9.59 -7.40
N ALA B 263 20.55 10.14 -8.38
CA ALA B 263 21.06 9.30 -9.50
C ALA B 263 22.54 9.61 -9.62
N ILE B 264 23.31 8.62 -10.08
CA ILE B 264 24.76 8.81 -10.25
C ILE B 264 25.12 8.74 -11.71
N TYR B 265 25.90 9.73 -12.19
CA TYR B 265 26.19 9.84 -13.66
C TYR B 265 27.66 9.77 -14.05
N ASP B 266 27.93 9.32 -15.29
CA ASP B 266 29.25 9.48 -15.91
C ASP B 266 30.29 8.85 -15.00
N ILE B 267 30.03 7.59 -14.58
CA ILE B 267 30.93 6.95 -13.63
C ILE B 267 32.18 6.46 -14.36
N HIS B 268 33.29 6.98 -13.92
CA HIS B 268 34.62 6.55 -14.38
C HIS B 268 35.48 6.13 -13.16
N PHE B 269 36.38 5.16 -13.41
CA PHE B 269 37.36 4.68 -12.43
C PHE B 269 38.69 4.55 -13.17
N LYS B 270 39.74 5.10 -12.57
CA LYS B 270 41.11 5.16 -13.18
C LYS B 270 41.05 5.78 -14.57
N GLY B 271 40.16 6.75 -14.75
CA GLY B 271 40.01 7.42 -16.03
C GLY B 271 39.25 6.63 -17.08
N ARG B 272 38.76 5.42 -16.78
CA ARG B 272 38.02 4.68 -17.82
C ARG B 272 36.55 4.71 -17.53
N SER B 273 35.74 4.65 -18.58
CA SER B 273 34.30 4.74 -18.36
C SER B 273 33.80 3.40 -17.81
N VAL B 274 32.82 3.47 -16.92
CA VAL B 274 32.19 2.32 -16.39
C VAL B 274 30.65 2.26 -16.62
N VAL B 275 29.95 3.28 -16.15
CA VAL B 275 28.48 3.26 -16.18
C VAL B 275 28.04 4.71 -16.38
N TYR B 276 27.13 4.89 -17.32
CA TYR B 276 26.73 6.25 -17.66
C TYR B 276 25.72 6.83 -16.64
N ARG B 277 24.76 6.03 -16.21
CA ARG B 277 23.77 6.46 -15.19
C ARG B 277 23.31 5.30 -14.37
N LEU B 278 23.25 5.50 -13.06
CA LEU B 278 22.84 4.44 -12.14
C LEU B 278 21.80 5.02 -11.18
N SER B 279 20.71 4.26 -10.97
CA SER B 279 19.62 4.69 -10.05
C SER B 279 18.77 3.50 -9.63
N LEU B 280 18.08 3.68 -8.51
CA LEU B 280 16.87 2.94 -8.21
C LEU B 280 15.77 3.46 -9.14
N SER B 281 15.18 2.56 -9.91
CA SER B 281 14.21 2.95 -10.93
C SER B 281 12.76 2.78 -10.49
N GLU B 282 12.45 1.63 -9.86
CA GLU B 282 11.09 1.49 -9.27
C GLU B 282 11.17 0.55 -8.11
N MET B 283 10.11 0.55 -7.28
CA MET B 283 9.98 -0.48 -6.27
C MET B 283 8.50 -0.77 -6.07
N THR B 284 8.10 -2.03 -6.28
CA THR B 284 6.71 -2.35 -6.09
C THR B 284 6.63 -3.25 -4.86
N VAL B 285 5.60 -2.98 -4.01
CA VAL B 285 5.44 -3.68 -2.69
C VAL B 285 4.08 -4.41 -2.61
N PRO B 286 3.92 -5.45 -3.43
CA PRO B 286 2.65 -6.22 -3.42
C PRO B 286 2.48 -7.05 -2.13
N TYR B 287 1.28 -6.97 -1.52
CA TYR B 287 0.91 -7.75 -0.35
C TYR B 287 0.26 -9.05 -0.77
N GLY B 288 0.32 -10.06 0.10
CA GLY B 288 -0.17 -11.38 -0.26
C GLY B 288 -1.39 -11.76 0.60
N ASP B 289 -2.01 -10.82 1.30
CA ASP B 289 -3.28 -11.15 2.00
C ASP B 289 -4.37 -11.09 0.92
N PRO B 290 -5.01 -12.24 0.61
CA PRO B 290 -5.96 -12.29 -0.49
C PRO B 290 -7.25 -11.50 -0.29
N ARG B 291 -7.51 -10.98 0.89
CA ARG B 291 -8.81 -10.42 1.22
C ARG B 291 -8.88 -8.91 0.98
N ALA B 292 -10.09 -8.37 0.76
CA ALA B 292 -10.27 -6.94 0.50
C ALA B 292 -10.22 -6.20 1.81
N PRO B 293 -9.77 -4.92 1.82
CA PRO B 293 -9.22 -4.11 0.75
C PRO B 293 -7.71 -4.45 0.58
N PHE B 294 -7.20 -5.39 1.38
CA PHE B 294 -5.77 -5.66 1.42
C PHE B 294 -5.13 -6.03 0.09
N HIS B 295 -5.85 -6.81 -0.72
CA HIS B 295 -5.33 -7.23 -2.03
C HIS B 295 -4.86 -6.04 -2.90
N ARG B 296 -5.42 -4.85 -2.67
CA ARG B 296 -5.05 -3.69 -3.40
C ARG B 296 -3.80 -3.03 -2.93
N LYS B 297 -3.19 -3.48 -1.83
CA LYS B 297 -1.96 -2.85 -1.35
C LYS B 297 -0.80 -3.31 -2.29
N GLN B 298 -0.51 -2.48 -3.30
CA GLN B 298 0.65 -2.70 -4.17
C GLN B 298 1.07 -1.32 -4.53
N ALA B 299 1.85 -0.72 -3.64
CA ALA B 299 2.46 0.52 -3.93
C ALA B 299 3.54 0.36 -4.98
N PHE B 300 3.78 1.46 -5.72
CA PHE B 300 4.95 1.63 -6.57
C PHE B 300 5.61 2.83 -5.95
N ASP B 301 6.57 2.62 -5.04
CA ASP B 301 6.92 3.75 -4.15
C ASP B 301 7.63 4.87 -4.83
N LEU B 302 8.41 4.59 -5.86
CA LEU B 302 9.04 5.62 -6.65
C LEU B 302 8.01 6.36 -7.53
N GLY B 303 7.23 5.62 -8.27
CA GLY B 303 6.26 6.22 -9.16
C GLY B 303 5.09 6.92 -8.46
N ASP B 304 4.61 6.37 -7.33
CA ASP B 304 3.38 6.90 -6.66
C ASP B 304 3.74 8.03 -5.70
N CYS B 305 5.01 8.14 -5.35
CA CYS B 305 5.42 8.98 -4.28
CA CYS B 305 5.45 8.96 -4.20
C CYS B 305 6.76 9.69 -4.49
N GLY B 306 7.80 8.92 -4.80
CA GLY B 306 9.12 9.51 -5.00
C GLY B 306 9.98 9.38 -3.75
N PHE B 307 11.14 8.74 -3.94
CA PHE B 307 12.20 8.61 -2.90
C PHE B 307 12.84 9.93 -2.49
N GLY B 308 12.93 10.91 -3.38
CA GLY B 308 13.45 12.22 -2.98
C GLY B 308 12.39 13.00 -2.17
N ALA B 309 11.18 13.09 -2.68
CA ALA B 309 10.04 13.71 -1.98
C ALA B 309 9.91 13.21 -0.53
N THR B 310 10.28 11.99 -0.27
CA THR B 310 10.02 11.26 0.98
C THR B 310 11.34 11.07 1.82
N GLY B 311 12.44 11.67 1.34
CA GLY B 311 13.76 11.53 1.96
C GLY B 311 13.85 12.18 3.32
N ASN B 312 14.47 11.48 4.28
CA ASN B 312 14.83 12.05 5.59
C ASN B 312 15.89 13.13 5.55
N SER B 313 15.98 13.96 6.57
N SER B 313 15.93 13.97 6.57
CA SER B 313 17.11 14.86 6.65
CA SER B 313 17.12 14.75 6.76
C SER B 313 18.19 14.21 7.53
C SER B 313 18.13 13.89 7.48
N LEU B 314 19.31 13.80 6.91
CA LEU B 314 20.36 12.96 7.55
C LEU B 314 21.29 13.70 8.46
N ALA B 315 21.26 15.03 8.44
CA ALA B 315 22.30 15.80 9.17
C ALA B 315 22.12 16.00 10.67
N LEU B 316 20.89 15.93 11.20
CA LEU B 316 20.75 16.32 12.62
C LEU B 316 20.72 15.15 13.63
N GLY B 317 20.18 13.99 13.24
CA GLY B 317 20.50 12.72 13.94
C GLY B 317 21.77 12.23 13.26
N CYS B 318 22.52 11.30 13.83
CA CYS B 318 23.67 10.91 13.01
C CYS B 318 23.59 9.51 12.38
N ASP B 319 23.02 9.56 11.16
CA ASP B 319 22.78 8.41 10.32
C ASP B 319 24.09 8.03 9.69
N CYS B 320 24.92 9.03 9.41
CA CYS B 320 26.17 8.80 8.70
C CYS B 320 27.34 9.06 9.64
N LEU B 321 28.22 8.10 9.73
CA LEU B 321 29.26 8.15 10.72
C LEU B 321 30.57 8.60 10.07
N GLY B 322 31.21 9.63 10.65
CA GLY B 322 32.48 10.14 10.09
C GLY B 322 32.40 11.60 9.71
N VAL B 323 33.18 12.00 8.70
CA VAL B 323 33.16 13.34 8.16
C VAL B 323 32.25 13.29 6.93
N ILE B 324 31.14 14.02 7.01
CA ILE B 324 30.02 13.91 6.04
C ILE B 324 29.81 15.18 5.23
N LYS B 325 29.51 15.02 3.93
CA LYS B 325 28.98 16.09 3.13
C LYS B 325 27.53 15.71 2.77
N TYR B 326 26.70 16.73 2.53
CA TYR B 326 25.27 16.55 2.33
C TYR B 326 24.79 17.26 1.07
N MET B 327 23.72 16.75 0.47
CA MET B 327 23.01 17.45 -0.57
C MET B 327 21.53 17.50 -0.21
N ASP B 328 20.81 18.46 -0.81
CA ASP B 328 19.37 18.65 -0.54
C ASP B 328 18.55 18.17 -1.71
N CYS B 329 17.25 17.96 -1.48
CA CYS B 329 16.34 17.73 -2.57
C CYS B 329 15.34 18.87 -2.56
N ARG B 330 14.59 19.04 -3.64
CA ARG B 330 13.47 20.03 -3.68
C ARG B 330 12.28 19.36 -4.21
N ARG B 331 11.08 19.78 -3.79
CA ARG B 331 9.84 19.27 -4.42
C ARG B 331 8.87 20.44 -4.63
N VAL B 332 7.89 20.30 -5.52
CA VAL B 332 6.87 21.33 -5.55
C VAL B 332 5.83 20.98 -4.50
N ASN B 333 5.19 22.02 -3.96
CA ASN B 333 3.89 21.81 -3.26
C ASN B 333 2.68 22.05 -4.21
N THR B 334 1.45 21.90 -3.70
CA THR B 334 0.26 21.94 -4.60
C THR B 334 0.03 23.37 -5.14
N ASN B 335 0.59 24.35 -4.42
CA ASN B 335 0.62 25.74 -4.86
C ASN B 335 1.65 26.10 -5.93
N GLY B 336 2.59 25.19 -6.27
CA GLY B 336 3.70 25.50 -7.21
C GLY B 336 4.98 26.13 -6.64
N ASP B 337 5.07 26.23 -5.30
CA ASP B 337 6.32 26.61 -4.64
C ASP B 337 7.37 25.48 -4.54
N SER B 338 8.62 25.89 -4.45
CA SER B 338 9.74 25.03 -4.23
C SER B 338 9.86 24.74 -2.73
N VAL B 339 9.71 23.48 -2.30
CA VAL B 339 9.87 23.11 -0.87
C VAL B 339 11.22 22.42 -0.69
N LEU B 340 12.10 23.03 0.10
CA LEU B 340 13.44 22.46 0.31
C LEU B 340 13.32 21.18 1.16
N ILE B 341 14.02 20.12 0.77
CA ILE B 341 14.07 18.93 1.61
C ILE B 341 15.52 18.74 1.98
N PRO B 342 15.91 19.24 3.15
CA PRO B 342 17.34 19.44 3.40
C PRO B 342 18.05 18.12 3.69
N ASN B 343 19.27 18.01 3.22
CA ASN B 343 20.20 16.94 3.63
C ASN B 343 19.67 15.51 3.44
N THR B 344 19.10 15.24 2.27
CA THR B 344 18.53 13.97 1.99
C THR B 344 19.59 12.95 1.54
N VAL B 345 20.70 13.45 0.99
CA VAL B 345 21.80 12.64 0.53
C VAL B 345 23.03 12.89 1.40
N CYS B 346 23.59 11.83 2.00
CA CYS B 346 24.90 12.01 2.70
C CYS B 346 26.03 11.27 1.95
N LEU B 347 27.24 11.83 2.02
CA LEU B 347 28.40 11.27 1.33
C LEU B 347 29.55 11.23 2.29
N HIS B 348 30.19 10.05 2.37
CA HIS B 348 31.22 9.82 3.40
C HIS B 348 32.03 8.56 3.11
N GLU B 349 33.23 8.50 3.71
CA GLU B 349 34.10 7.31 3.67
C GLU B 349 33.77 6.44 4.85
N GLN B 350 34.12 5.16 4.77
CA GLN B 350 34.01 4.33 5.94
C GLN B 350 35.04 3.22 5.71
N ASP B 351 35.26 2.36 6.71
CA ASP B 351 36.20 1.29 6.55
C ASP B 351 35.39 0.01 6.24
N GLY B 352 35.77 -0.75 5.22
CA GLY B 352 35.00 -1.91 4.83
C GLY B 352 35.72 -3.25 5.13
N GLY B 353 36.57 -3.29 6.18
CA GLY B 353 37.36 -4.47 6.45
C GLY B 353 38.62 -4.59 5.57
N LEU B 354 39.11 -5.79 5.32
CA LEU B 354 40.32 -5.92 4.50
C LEU B 354 40.02 -5.98 3.01
N LEU B 355 40.93 -5.43 2.20
CA LEU B 355 40.72 -5.37 0.76
C LEU B 355 41.46 -6.51 0.11
N TYR B 356 42.68 -6.77 0.58
CA TYR B 356 43.36 -7.99 0.25
C TYR B 356 44.42 -8.30 1.29
N LYS B 357 44.91 -9.52 1.29
CA LYS B 357 46.08 -9.85 2.12
C LYS B 357 46.73 -11.09 1.50
N HIS B 358 48.07 -11.18 1.58
CA HIS B 358 48.78 -12.40 1.29
C HIS B 358 50.07 -12.41 2.11
N THR B 359 50.39 -13.58 2.63
CA THR B 359 51.69 -13.79 3.30
C THR B 359 52.39 -14.94 2.64
N ASN B 360 53.68 -14.70 2.35
CA ASN B 360 54.51 -15.79 1.83
C ASN B 360 54.81 -16.75 3.00
N TYR B 361 54.41 -18.03 2.94
CA TYR B 361 54.61 -18.87 4.12
C TYR B 361 56.10 -19.06 4.49
N ARG B 362 57.01 -18.85 3.54
CA ARG B 362 58.43 -19.07 3.77
C ARG B 362 58.99 -17.92 4.56
N THR B 363 58.41 -16.76 4.49
CA THR B 363 59.12 -15.62 5.11
C THR B 363 58.25 -14.94 6.16
N ASN B 364 56.95 -15.22 6.14
CA ASN B 364 55.97 -14.49 6.96
C ASN B 364 55.86 -13.00 6.71
N VAL B 365 56.25 -12.54 5.53
CA VAL B 365 56.11 -11.11 5.17
C VAL B 365 54.79 -10.95 4.43
N PRO B 366 53.90 -10.11 4.96
CA PRO B 366 52.57 -9.89 4.35
C PRO B 366 52.51 -8.64 3.51
N VAL B 367 51.61 -8.66 2.53
CA VAL B 367 51.11 -7.41 2.00
C VAL B 367 49.65 -7.37 2.39
N ILE B 368 49.17 -6.15 2.65
CA ILE B 368 47.82 -5.99 3.18
C ILE B 368 47.36 -4.60 2.94
N ALA B 369 46.08 -4.49 2.59
CA ALA B 369 45.46 -3.17 2.46
C ALA B 369 44.07 -3.27 3.00
N ARG B 370 43.62 -2.16 3.60
CA ARG B 370 42.25 -2.04 4.06
C ARG B 370 41.29 -1.62 2.94
N ARG B 371 40.04 -2.00 3.09
CA ARG B 371 39.09 -1.76 2.02
C ARG B 371 38.36 -0.46 2.33
N ARG B 372 38.99 0.66 2.08
CA ARG B 372 38.30 1.93 2.26
C ARG B 372 37.11 2.04 1.29
N GLU B 373 35.96 2.57 1.75
CA GLU B 373 34.76 2.70 0.90
C GLU B 373 34.22 4.12 0.91
N PHE B 374 33.55 4.46 -0.19
CA PHE B 374 32.94 5.73 -0.29
C PHE B 374 31.46 5.45 -0.50
N VAL B 375 30.64 6.00 0.40
CA VAL B 375 29.19 5.74 0.43
C VAL B 375 28.40 7.00 0.01
N VAL B 376 27.41 6.75 -0.85
CA VAL B 376 26.31 7.69 -1.15
C VAL B 376 25.03 7.07 -0.62
N GLN B 377 24.36 7.77 0.29
CA GLN B 377 23.17 7.24 0.95
C GLN B 377 22.00 8.25 1.00
N THR B 378 20.79 7.73 0.91
CA THR B 378 19.60 8.50 1.22
C THR B 378 18.69 7.50 1.98
N ILE B 379 17.85 7.98 2.88
CA ILE B 379 16.86 7.16 3.57
C ILE B 379 15.46 7.75 3.35
N ALA B 380 14.56 6.96 2.74
CA ALA B 380 13.16 7.38 2.55
C ALA B 380 12.24 6.85 3.64
N THR B 381 11.36 7.71 4.16
CA THR B 381 10.23 7.25 5.01
C THR B 381 9.01 7.24 4.14
N VAL B 382 8.46 6.06 3.91
CA VAL B 382 7.25 5.92 3.09
C VAL B 382 6.12 5.38 4.03
N ALA B 383 5.35 6.33 4.60
CA ALA B 383 4.31 6.00 5.62
C ALA B 383 4.99 5.17 6.76
N ASN B 384 4.72 3.89 6.85
CA ASN B 384 5.32 3.05 7.86
C ASN B 384 6.80 2.70 7.61
N TPQ B 385 7.22 2.35 6.43
CA TPQ B 385 8.48 1.77 5.99
CB TPQ B 385 8.42 1.39 4.57
C TPQ B 385 9.65 2.72 6.07
O TPQ B 385 9.42 3.84 5.66
C1 TPQ B 385 7.21 0.64 4.16
C2 TPQ B 385 7.20 -0.80 4.34
O2 TPQ B 385 8.26 -1.31 4.91
C3 TPQ B 385 6.11 -1.56 3.94
C4 TPQ B 385 5.02 -0.94 3.37
O4 TPQ B 385 3.95 -1.64 2.97
C5 TPQ B 385 5.05 0.53 3.20
O5 TPQ B 385 4.02 1.16 2.66
C6 TPQ B 385 6.13 1.25 3.58
N GLU B 386 10.84 2.31 6.25
CA GLU B 386 12.08 3.03 5.98
C GLU B 386 12.87 2.23 4.99
N TYR B 387 13.37 2.91 3.97
CA TYR B 387 14.28 2.28 3.02
C TYR B 387 15.55 3.08 2.95
N MET B 388 16.66 2.43 3.26
CA MET B 388 17.96 3.06 3.20
CA MET B 388 18.00 3.03 3.23
C MET B 388 18.63 2.56 1.91
N LEU B 389 19.00 3.50 1.04
CA LEU B 389 19.60 3.15 -0.25
C LEU B 389 21.05 3.60 -0.21
N ASN B 390 21.99 2.68 -0.45
CA ASN B 390 23.39 3.07 -0.48
C ASN B 390 24.00 2.62 -1.77
N ILE B 391 24.84 3.47 -2.33
CA ILE B 391 25.75 3.03 -3.37
C ILE B 391 27.16 3.21 -2.81
N ILE B 392 27.93 2.12 -2.86
CA ILE B 392 29.22 2.06 -2.13
C ILE B 392 30.31 1.72 -3.16
N PHE B 393 31.36 2.54 -3.19
CA PHE B 393 32.46 2.31 -4.18
C PHE B 393 33.69 1.87 -3.46
N ASP B 394 34.54 1.04 -4.08
CA ASP B 394 35.75 0.72 -3.36
C ASP B 394 36.97 0.84 -4.26
N GLN B 395 38.16 0.66 -3.67
CA GLN B 395 39.44 0.84 -4.41
C GLN B 395 39.76 -0.29 -5.44
N ALA B 396 38.97 -1.36 -5.46
CA ALA B 396 39.18 -2.40 -6.46
C ALA B 396 38.21 -2.20 -7.60
N GLY B 397 37.52 -1.03 -7.67
CA GLY B 397 36.65 -0.79 -8.83
C GLY B 397 35.23 -1.37 -8.73
N GLU B 398 34.86 -1.86 -7.57
CA GLU B 398 33.53 -2.45 -7.40
C GLU B 398 32.51 -1.36 -7.05
N ILE B 399 31.31 -1.44 -7.61
CA ILE B 399 30.19 -0.60 -7.17
C ILE B 399 29.18 -1.52 -6.48
N ARG B 400 28.84 -1.21 -5.22
N ARG B 400 28.93 -1.32 -5.17
CA ARG B 400 27.94 -2.05 -4.47
CA ARG B 400 27.88 -2.11 -4.52
C ARG B 400 26.62 -1.31 -4.16
C ARG B 400 26.63 -1.26 -4.28
N ILE B 401 25.50 -1.82 -4.70
CA ILE B 401 24.18 -1.27 -4.43
C ILE B 401 23.64 -2.00 -3.22
N HIS B 402 23.42 -1.30 -2.11
CA HIS B 402 23.14 -1.90 -0.82
C HIS B 402 21.90 -1.22 -0.24
N VAL B 403 20.85 -2.02 -0.02
CA VAL B 403 19.56 -1.53 0.51
C VAL B 403 19.29 -2.13 1.87
N ARG B 404 18.89 -1.30 2.81
CA ARG B 404 18.37 -1.87 4.06
C ARG B 404 16.91 -1.46 4.26
N ALA B 405 16.03 -2.46 4.45
CA ALA B 405 14.62 -2.21 4.79
C ALA B 405 14.51 -2.22 6.30
N THR B 406 13.91 -1.15 6.84
CA THR B 406 13.59 -1.06 8.27
C THR B 406 12.21 -0.32 8.48
N GLY B 407 12.02 0.42 9.59
CA GLY B 407 10.75 1.13 9.86
C GLY B 407 9.78 0.15 10.49
N ILE B 408 8.51 0.30 10.17
CA ILE B 408 7.44 -0.48 10.83
C ILE B 408 6.69 -1.30 9.80
N LEU B 409 6.30 -2.51 10.17
CA LEU B 409 5.52 -3.34 9.23
C LEU B 409 4.15 -2.66 8.96
N SER B 410 3.64 -2.74 7.74
CA SER B 410 2.23 -2.41 7.50
C SER B 410 1.36 -3.55 8.10
N THR B 411 0.37 -3.18 8.93
CA THR B 411 -0.32 -4.13 9.77
C THR B 411 -1.83 -4.21 9.53
N MET B 412 -2.39 -5.38 9.83
CA MET B 412 -3.78 -5.69 9.58
C MET B 412 -4.45 -5.97 10.95
N PRO B 413 -5.78 -5.79 11.06
CA PRO B 413 -6.44 -6.27 12.31
C PRO B 413 -6.42 -7.79 12.52
N LEU B 414 -6.43 -8.17 13.80
CA LEU B 414 -6.41 -9.58 14.15
C LEU B 414 -7.29 -9.71 15.43
N ASP B 415 -8.27 -10.59 15.33
CA ASP B 415 -9.14 -10.89 16.46
C ASP B 415 -8.39 -11.94 17.34
N LYS B 416 -8.89 -12.11 18.58
CA LYS B 416 -8.41 -13.10 19.54
C LYS B 416 -8.37 -14.47 18.92
N ASP B 417 -7.27 -15.19 19.18
CA ASP B 417 -7.13 -16.62 18.87
C ASP B 417 -7.22 -16.93 17.41
N VAL B 418 -6.72 -16.05 16.56
CA VAL B 418 -6.83 -16.31 15.14
C VAL B 418 -5.41 -16.44 14.64
N THR B 419 -5.13 -17.41 13.79
CA THR B 419 -3.96 -17.29 12.93
C THR B 419 -4.39 -17.39 11.48
N VAL B 420 -3.47 -16.96 10.62
CA VAL B 420 -3.73 -16.90 9.19
C VAL B 420 -2.50 -17.37 8.40
N PRO B 421 -2.69 -18.08 7.27
CA PRO B 421 -1.44 -18.56 6.67
C PRO B 421 -0.70 -17.58 5.72
N TRP B 422 -1.27 -16.40 5.47
CA TRP B 422 -0.63 -15.36 4.63
C TRP B 422 -0.18 -14.19 5.51
N GLY B 423 -0.01 -14.42 6.81
CA GLY B 423 0.45 -13.28 7.66
C GLY B 423 0.98 -13.85 8.98
N THR B 424 1.78 -13.06 9.67
CA THR B 424 2.35 -13.42 10.96
C THR B 424 1.73 -12.57 12.04
N ASN B 425 1.29 -13.21 13.13
CA ASN B 425 0.80 -12.37 14.24
C ASN B 425 2.00 -11.71 14.92
N VAL B 426 1.95 -10.40 15.13
CA VAL B 426 3.14 -9.71 15.63
C VAL B 426 2.85 -8.98 16.89
N GLY B 427 1.58 -8.98 17.31
CA GLY B 427 1.21 -8.31 18.58
C GLY B 427 -0.06 -9.06 19.06
N PRO B 428 -0.54 -8.75 20.29
CA PRO B 428 -1.76 -9.54 20.69
C PRO B 428 -2.96 -9.34 19.74
N ARG B 429 -3.12 -8.14 19.18
CA ARG B 429 -4.24 -7.91 18.27
C ARG B 429 -3.85 -7.31 16.90
N VAL B 430 -2.73 -7.77 16.34
CA VAL B 430 -2.20 -7.12 15.13
C VAL B 430 -1.45 -8.19 14.37
N MET B 431 -1.70 -8.26 13.07
CA MET B 431 -1.11 -9.23 12.19
C MET B 431 -0.34 -8.44 11.09
N ALA B 432 0.78 -8.99 10.61
CA ALA B 432 1.56 -8.32 9.51
C ALA B 432 1.51 -9.26 8.32
N ALA B 433 0.83 -8.82 7.26
CA ALA B 433 0.64 -9.70 6.08
C ALA B 433 1.94 -9.90 5.35
N TYR B 434 2.09 -11.07 4.73
CA TYR B 434 3.25 -11.37 3.90
C TYR B 434 3.23 -10.43 2.70
N HIS B 435 4.40 -9.99 2.24
CA HIS B 435 4.52 -9.10 1.11
C HIS B 435 5.86 -9.30 0.38
N GLN B 436 6.05 -8.64 -0.75
CA GLN B 436 7.36 -8.63 -1.39
C GLN B 436 7.75 -7.19 -1.63
N HIS B 437 9.02 -6.88 -1.61
CA HIS B 437 9.57 -5.63 -2.07
C HIS B 437 10.36 -5.95 -3.34
N MET B 438 9.88 -5.51 -4.49
CA MET B 438 10.52 -5.88 -5.74
C MET B 438 11.12 -4.58 -6.28
N LEU B 439 12.46 -4.47 -6.27
CA LEU B 439 13.13 -3.21 -6.63
C LEU B 439 13.66 -3.41 -8.05
N SER B 440 13.66 -2.36 -8.87
CA SER B 440 14.34 -2.39 -10.18
C SER B 440 15.46 -1.37 -10.15
N PHE B 441 16.67 -1.85 -10.37
CA PHE B 441 17.83 -1.03 -10.54
C PHE B 441 18.20 -0.80 -12.00
N ARG B 442 18.20 0.48 -12.37
CA ARG B 442 18.49 0.86 -13.75
C ARG B 442 19.97 1.18 -13.95
N ILE B 443 20.61 0.33 -14.75
CA ILE B 443 22.08 0.48 -14.94
C ILE B 443 22.29 0.74 -16.44
N ASP B 444 22.58 1.98 -16.78
CA ASP B 444 22.87 2.33 -18.20
C ASP B 444 24.39 2.24 -18.33
N PRO B 445 24.89 1.14 -18.86
CA PRO B 445 26.32 0.94 -18.76
C PRO B 445 27.07 1.68 -19.86
N ALA B 446 28.33 1.97 -19.60
CA ALA B 446 29.23 2.57 -20.57
C ALA B 446 30.62 1.95 -20.26
N VAL B 447 30.71 0.64 -20.45
CA VAL B 447 31.87 -0.12 -20.02
C VAL B 447 33.01 0.17 -21.01
N ASP B 448 33.99 0.99 -20.59
CA ASP B 448 35.15 1.33 -21.39
C ASP B 448 34.75 2.05 -22.68
N GLY B 449 33.56 2.67 -22.70
CA GLY B 449 33.05 3.40 -23.89
C GLY B 449 31.57 3.12 -24.05
N TYR B 450 31.03 3.62 -25.17
CA TYR B 450 29.58 3.73 -25.32
C TYR B 450 28.98 2.64 -26.25
N GLU B 451 29.75 1.64 -26.68
CA GLU B 451 29.15 0.51 -27.47
C GLU B 451 29.38 -0.75 -26.64
N ASN B 452 28.29 -1.29 -26.10
CA ASN B 452 28.36 -2.41 -25.13
C ASN B 452 27.45 -3.53 -25.61
N THR B 453 27.64 -4.70 -25.02
CA THR B 453 26.78 -5.84 -25.29
C THR B 453 26.54 -6.47 -23.95
N VAL B 454 25.29 -6.84 -23.68
CA VAL B 454 24.95 -7.64 -22.51
C VAL B 454 25.06 -9.11 -22.83
N VAL B 455 25.62 -9.89 -21.87
CA VAL B 455 25.92 -11.29 -22.10
C VAL B 455 25.61 -12.00 -20.77
N PHE B 456 25.50 -13.33 -20.81
CA PHE B 456 25.58 -14.05 -19.55
C PHE B 456 26.35 -15.36 -19.70
N ASP B 457 27.15 -15.69 -18.68
CA ASP B 457 27.98 -16.88 -18.74
C ASP B 457 27.49 -17.95 -17.79
N ASP B 458 27.49 -19.20 -18.24
CA ASP B 458 27.18 -20.31 -17.38
C ASP B 458 28.41 -21.20 -17.18
N VAL B 459 28.46 -21.86 -16.04
CA VAL B 459 29.55 -22.75 -15.73
C VAL B 459 28.98 -24.19 -15.79
N ILE B 460 29.56 -25.02 -16.63
CA ILE B 460 28.99 -26.28 -17.05
C ILE B 460 30.03 -27.41 -17.00
N ARG B 461 29.64 -28.63 -16.65
CA ARG B 461 30.59 -29.78 -16.61
C ARG B 461 31.09 -30.09 -18.00
N MET B 462 32.29 -30.64 -18.11
CA MET B 462 32.77 -31.20 -19.38
C MET B 462 32.23 -32.66 -19.55
N GLU B 463 32.14 -33.13 -20.80
CA GLU B 463 31.69 -34.50 -21.03
C GLU B 463 32.61 -35.43 -20.23
N LYS B 464 32.04 -36.35 -19.47
CA LYS B 464 32.88 -37.32 -18.79
C LYS B 464 33.57 -38.36 -19.72
N ASN B 465 34.59 -39.03 -19.15
CA ASN B 465 35.25 -40.17 -19.77
C ASN B 465 35.79 -39.87 -21.17
N THR B 466 36.55 -38.79 -21.34
CA THR B 466 37.16 -38.50 -22.61
C THR B 466 38.67 -38.54 -22.38
N LYS B 467 39.47 -38.48 -23.44
CA LYS B 467 40.95 -38.39 -23.27
C LYS B 467 41.36 -37.09 -22.62
N LEU B 468 40.65 -36.04 -22.99
CA LEU B 468 40.84 -34.74 -22.43
C LEU B 468 40.47 -34.70 -20.91
N ASN B 469 39.36 -35.32 -20.51
CA ASN B 469 38.79 -35.32 -19.13
C ASN B 469 38.59 -36.77 -18.64
N PRO B 470 39.67 -37.53 -18.48
CA PRO B 470 39.44 -38.93 -18.09
C PRO B 470 39.05 -39.06 -16.63
N TYR B 471 39.27 -38.00 -15.81
CA TYR B 471 38.96 -38.13 -14.38
C TYR B 471 37.65 -37.51 -13.99
N ASN B 472 36.90 -37.06 -14.98
CA ASN B 472 35.55 -36.53 -14.76
C ASN B 472 35.42 -35.35 -13.78
N VAL B 473 36.39 -34.44 -13.82
CA VAL B 473 36.38 -33.27 -12.93
C VAL B 473 36.28 -31.93 -13.72
N GLY B 474 36.43 -31.95 -15.04
CA GLY B 474 36.63 -30.67 -15.76
C GLY B 474 35.36 -29.88 -15.88
N PHE B 475 35.47 -28.56 -15.95
CA PHE B 475 34.31 -27.78 -16.20
C PHE B 475 34.72 -26.47 -16.86
N VAL B 476 33.79 -25.83 -17.54
CA VAL B 476 34.11 -24.78 -18.49
C VAL B 476 32.98 -23.75 -18.45
N THR B 477 33.21 -22.57 -19.03
CA THR B 477 32.16 -21.57 -19.13
C THR B 477 31.61 -21.56 -20.55
N GLU B 478 30.34 -21.17 -20.72
CA GLU B 478 29.84 -20.82 -22.04
C GLU B 478 29.05 -19.57 -21.98
N ARG B 479 29.08 -18.80 -23.08
CA ARG B 479 28.55 -17.46 -23.06
C ARG B 479 27.31 -17.38 -23.98
N THR B 480 26.29 -16.57 -23.62
CA THR B 480 25.15 -16.29 -24.51
C THR B 480 25.09 -14.78 -24.61
N VAL B 481 24.87 -14.27 -25.83
CA VAL B 481 24.84 -12.82 -26.09
C VAL B 481 23.37 -12.41 -26.12
N VAL B 482 23.03 -11.30 -25.47
CA VAL B 482 21.69 -10.73 -25.61
C VAL B 482 21.66 -9.84 -26.89
N GLU B 483 20.89 -10.27 -27.88
CA GLU B 483 20.84 -9.61 -29.24
C GLU B 483 19.68 -8.64 -29.27
N LYS B 484 18.62 -8.94 -28.51
CA LYS B 484 17.39 -8.10 -28.59
C LYS B 484 16.84 -7.77 -27.18
N PRO B 485 16.03 -6.67 -27.05
CA PRO B 485 15.45 -6.42 -25.72
C PRO B 485 14.67 -7.60 -25.22
N GLY B 486 14.63 -7.81 -23.88
CA GLY B 486 13.93 -8.98 -23.32
C GLY B 486 14.43 -9.20 -21.85
N TYR B 487 14.32 -10.42 -21.34
CA TYR B 487 14.83 -10.69 -20.01
C TYR B 487 15.74 -11.91 -20.09
N VAL B 488 16.53 -12.07 -19.05
CA VAL B 488 17.34 -13.28 -18.94
C VAL B 488 16.80 -14.13 -17.78
N GLU B 489 16.71 -15.43 -18.00
CA GLU B 489 16.25 -16.33 -16.96
C GLU B 489 17.36 -16.53 -15.93
N GLN B 490 16.97 -16.77 -14.66
CA GLN B 490 17.87 -17.04 -13.63
C GLN B 490 18.32 -18.47 -13.75
N SER B 491 19.57 -18.72 -13.35
CA SER B 491 20.08 -20.04 -13.38
C SER B 491 21.19 -20.20 -12.33
N PRO B 492 20.84 -20.28 -11.04
CA PRO B 492 21.88 -20.31 -9.95
C PRO B 492 22.72 -21.54 -10.03
N PHE B 493 22.16 -22.64 -10.54
CA PHE B 493 22.88 -23.91 -10.48
C PHE B 493 23.85 -24.10 -11.64
N THR B 494 23.89 -23.19 -12.60
CA THR B 494 25.03 -23.09 -13.54
C THR B 494 25.86 -21.83 -13.15
N ASN B 495 25.70 -21.33 -11.91
CA ASN B 495 26.38 -20.11 -11.50
C ASN B 495 26.23 -19.01 -12.57
N ARG B 496 25.03 -18.85 -13.12
CA ARG B 496 24.85 -17.89 -14.19
C ARG B 496 25.32 -16.50 -13.77
N SER B 497 26.11 -15.83 -14.61
CA SER B 497 26.67 -14.54 -14.31
C SER B 497 26.34 -13.51 -15.44
N TYR B 498 25.56 -12.47 -15.15
CA TYR B 498 25.25 -11.40 -16.14
C TYR B 498 26.42 -10.48 -16.24
N LYS B 499 26.84 -10.13 -17.46
CA LYS B 499 27.93 -9.21 -17.62
C LYS B 499 27.55 -8.27 -18.73
N ILE B 500 28.17 -7.08 -18.66
CA ILE B 500 28.18 -6.16 -19.77
C ILE B 500 29.62 -6.02 -20.26
N ILE B 501 29.81 -6.30 -21.55
CA ILE B 501 31.13 -6.30 -22.10
C ILE B 501 31.30 -5.20 -23.16
N ASN B 502 32.54 -4.88 -23.52
CA ASN B 502 32.81 -4.02 -24.68
C ASN B 502 33.55 -4.86 -25.72
N GLU B 503 32.81 -5.30 -26.74
CA GLU B 503 33.32 -6.26 -27.74
C GLU B 503 34.44 -5.66 -28.56
N ASN B 504 34.59 -4.34 -28.50
CA ASN B 504 35.58 -3.62 -29.28
C ASN B 504 36.92 -3.44 -28.53
N LYS B 505 36.98 -3.77 -27.22
CA LYS B 505 38.17 -3.49 -26.43
C LYS B 505 38.57 -4.80 -25.75
N ILE B 506 39.65 -5.42 -26.23
CA ILE B 506 40.07 -6.73 -25.74
C ILE B 506 41.09 -6.64 -24.62
N ASN B 507 40.86 -7.38 -23.54
CA ASN B 507 41.82 -7.45 -22.45
C ASN B 507 43.12 -8.10 -23.00
N PRO B 508 44.26 -7.41 -22.89
CA PRO B 508 45.44 -8.00 -23.56
C PRO B 508 46.06 -9.19 -22.83
N ILE B 509 45.58 -9.52 -21.63
CA ILE B 509 46.10 -10.67 -20.83
C ILE B 509 45.12 -11.79 -21.04
N SER B 510 43.83 -11.60 -20.72
CA SER B 510 42.92 -12.78 -20.94
C SER B 510 42.51 -13.02 -22.39
N LYS B 511 42.70 -12.01 -23.23
CA LYS B 511 42.28 -12.06 -24.67
C LYS B 511 40.75 -12.09 -24.87
N LYS B 512 39.97 -11.64 -23.88
CA LYS B 512 38.51 -11.50 -24.01
C LYS B 512 38.13 -10.04 -23.87
N PRO B 513 36.92 -9.70 -24.34
CA PRO B 513 36.39 -8.36 -24.19
C PRO B 513 36.34 -7.92 -22.72
N VAL B 514 36.71 -6.65 -22.48
CA VAL B 514 36.65 -6.09 -21.17
C VAL B 514 35.18 -6.14 -20.72
N ALA B 515 34.95 -6.22 -19.41
CA ALA B 515 33.59 -6.39 -18.88
C ALA B 515 33.48 -5.87 -17.44
N TYR B 516 32.24 -5.62 -17.06
CA TYR B 516 31.81 -5.56 -15.69
C TYR B 516 30.79 -6.68 -15.51
N LYS B 517 30.84 -7.35 -14.35
CA LYS B 517 29.91 -8.42 -14.07
C LYS B 517 28.98 -7.97 -12.94
N ILE B 518 27.79 -8.54 -12.94
CA ILE B 518 26.83 -8.27 -11.89
C ILE B 518 26.88 -9.44 -10.90
N MET B 519 26.89 -9.10 -9.62
CA MET B 519 26.82 -10.12 -8.58
C MET B 519 25.50 -9.94 -7.87
N MET B 520 24.64 -10.95 -7.98
CA MET B 520 23.35 -10.92 -7.26
C MET B 520 22.83 -12.35 -7.11
N PRO B 521 22.25 -12.66 -5.94
CA PRO B 521 21.74 -13.98 -5.65
C PRO B 521 20.48 -14.24 -6.44
N ALA B 522 20.20 -15.52 -6.81
CA ALA B 522 18.91 -15.91 -7.37
C ALA B 522 17.84 -15.56 -6.33
N ARG B 523 16.67 -15.09 -6.77
CA ARG B 523 15.60 -14.68 -5.87
C ARG B 523 14.28 -15.00 -6.50
N GLN B 524 13.33 -15.34 -5.63
CA GLN B 524 11.92 -15.52 -6.03
C GLN B 524 11.40 -14.18 -6.60
N MET B 525 10.64 -14.30 -7.66
CA MET B 525 10.05 -13.12 -8.31
C MET B 525 8.58 -12.97 -7.90
N LEU B 526 7.81 -12.14 -8.61
CA LEU B 526 6.39 -11.87 -8.29
C LEU B 526 5.58 -13.09 -7.95
N LEU B 527 4.97 -13.08 -6.76
CA LEU B 527 4.18 -14.18 -6.29
C LEU B 527 2.68 -14.11 -6.75
N ALA B 528 2.16 -12.92 -7.01
CA ALA B 528 0.84 -12.78 -7.59
C ALA B 528 0.75 -13.57 -8.85
N ASP B 529 -0.42 -14.14 -9.10
CA ASP B 529 -0.63 -14.96 -10.25
C ASP B 529 -0.41 -14.09 -11.50
N GLU B 530 -0.02 -14.73 -12.56
CA GLU B 530 0.06 -14.06 -13.85
C GLU B 530 -1.26 -13.38 -14.26
N ASP B 531 -2.36 -13.99 -13.85
CA ASP B 531 -3.67 -13.40 -14.11
C ASP B 531 -4.03 -12.45 -12.98
N SER B 532 -3.33 -11.34 -12.87
CA SER B 532 -3.65 -10.43 -11.80
C SER B 532 -3.30 -9.09 -12.30
N TYR B 533 -3.85 -8.04 -11.69
CA TYR B 533 -3.36 -6.71 -12.01
C TYR B 533 -1.92 -6.52 -11.56
N ASN B 534 -1.50 -7.23 -10.49
CA ASN B 534 -0.12 -7.00 -9.95
C ASN B 534 0.89 -7.35 -11.06
N ASN B 535 0.67 -8.47 -11.72
CA ASN B 535 1.44 -8.91 -12.86
C ASN B 535 1.40 -7.91 -14.03
N LYS B 536 0.21 -7.43 -14.38
CA LYS B 536 0.04 -6.53 -15.54
C LYS B 536 0.67 -5.20 -15.35
N ARG B 537 0.77 -4.74 -14.10
CA ARG B 537 1.29 -3.40 -13.81
C ARG B 537 2.81 -3.38 -13.58
N ALA B 538 3.40 -4.57 -13.41
CA ALA B 538 4.80 -4.65 -12.99
C ALA B 538 5.56 -5.82 -13.60
N GLN B 539 5.76 -5.83 -14.92
CA GLN B 539 6.41 -6.97 -15.58
C GLN B 539 7.84 -7.17 -15.07
N PHE B 540 8.47 -6.05 -14.71
CA PHE B 540 9.88 -6.12 -14.25
C PHE B 540 10.00 -7.08 -13.05
N ALA B 541 8.91 -7.18 -12.26
CA ALA B 541 8.99 -7.91 -11.00
C ALA B 541 8.88 -9.38 -11.28
N THR B 542 8.70 -9.74 -12.54
CA THR B 542 8.54 -11.18 -12.88
C THR B 542 9.85 -11.86 -13.33
N GLN B 543 10.89 -11.08 -13.62
CA GLN B 543 12.19 -11.63 -14.03
C GLN B 543 13.29 -10.85 -13.44
N GLN B 544 14.45 -11.51 -13.35
CA GLN B 544 15.52 -10.92 -12.56
C GLN B 544 16.32 -9.83 -13.31
N VAL B 545 16.45 -9.95 -14.64
CA VAL B 545 17.26 -8.99 -15.40
C VAL B 545 16.59 -8.71 -16.75
N TRP B 546 16.52 -7.44 -17.09
CA TRP B 546 15.83 -7.03 -18.33
C TRP B 546 16.85 -6.22 -19.10
N VAL B 547 16.71 -6.27 -20.42
CA VAL B 547 17.55 -5.44 -21.29
C VAL B 547 16.63 -4.66 -22.26
N THR B 548 16.83 -3.36 -22.33
CA THR B 548 16.23 -2.56 -23.37
C THR B 548 17.29 -1.83 -24.25
N LYS B 549 16.85 -1.20 -25.34
CA LYS B 549 17.73 -0.24 -25.97
C LYS B 549 17.51 1.16 -25.37
N TYR B 550 18.59 1.92 -25.11
CA TYR B 550 18.53 3.23 -24.50
C TYR B 550 17.56 4.16 -25.26
N ARG B 551 16.76 4.97 -24.53
CA ARG B 551 16.05 6.12 -25.09
CA ARG B 551 16.02 6.10 -25.11
C ARG B 551 16.06 7.23 -24.05
N ASP B 552 16.17 8.46 -24.48
CA ASP B 552 16.03 9.62 -23.58
C ASP B 552 14.67 9.55 -22.86
N ASN B 553 14.67 9.89 -21.57
CA ASN B 553 13.47 9.84 -20.73
C ASN B 553 12.78 8.46 -20.63
N GLU B 554 13.53 7.38 -20.68
CA GLU B 554 12.93 6.05 -20.42
C GLU B 554 13.70 5.56 -19.17
N LEU B 555 13.17 5.93 -18.00
CA LEU B 555 13.90 5.83 -16.71
C LEU B 555 13.28 4.95 -15.64
N TYR B 556 11.96 4.72 -15.74
CA TYR B 556 11.20 4.13 -14.65
C TYR B 556 10.60 2.82 -15.05
N ALA B 557 10.99 1.71 -14.38
CA ALA B 557 10.78 0.36 -14.93
C ALA B 557 9.34 -0.09 -15.15
N ALA B 558 8.42 0.50 -14.39
CA ALA B 558 7.00 0.17 -14.63
C ALA B 558 6.21 1.26 -15.42
N GLY B 559 6.92 2.33 -15.83
CA GLY B 559 6.32 3.36 -16.71
C GLY B 559 6.23 4.61 -15.92
N GLU B 560 5.90 5.71 -16.58
CA GLU B 560 5.97 7.04 -15.92
C GLU B 560 4.83 7.18 -14.87
N PHE B 561 3.64 6.68 -15.19
CA PHE B 561 2.44 6.79 -14.28
C PHE B 561 1.97 5.48 -13.78
N THR B 562 2.31 5.22 -12.52
CA THR B 562 2.07 3.94 -11.91
C THR B 562 0.81 4.02 -11.03
N ASN B 563 0.49 5.21 -10.49
CA ASN B 563 -0.55 5.32 -9.49
C ASN B 563 -1.89 4.85 -10.11
N GLN B 564 -2.44 3.76 -9.57
CA GLN B 564 -3.70 3.23 -10.12
C GLN B 564 -3.60 2.92 -11.62
N SER B 565 -2.41 2.59 -12.10
CA SER B 565 -2.26 2.29 -13.51
C SER B 565 -3.07 1.00 -13.82
N GLN B 566 -3.48 0.81 -15.08
CA GLN B 566 -4.15 -0.44 -15.47
C GLN B 566 -3.12 -1.39 -15.97
N THR B 567 -2.02 -0.90 -16.53
CA THR B 567 -0.98 -1.79 -17.18
C THR B 567 0.35 -1.11 -17.10
N ASP B 568 1.36 -1.96 -17.17
CA ASP B 568 2.76 -1.59 -17.20
C ASP B 568 3.01 -0.74 -18.46
N THR B 569 3.45 0.51 -18.28
CA THR B 569 3.88 1.35 -19.40
C THR B 569 5.42 1.61 -19.43
N GLY B 570 6.19 0.73 -18.74
CA GLY B 570 7.66 0.81 -18.77
C GLY B 570 8.16 -0.46 -19.47
N LEU B 571 8.94 -1.26 -18.78
CA LEU B 571 9.57 -2.44 -19.44
C LEU B 571 8.60 -3.37 -20.12
N GLY B 572 7.37 -3.39 -19.62
CA GLY B 572 6.36 -4.32 -20.21
C GLY B 572 6.11 -3.91 -21.68
N VAL B 573 6.39 -2.63 -22.03
CA VAL B 573 6.36 -2.17 -23.46
C VAL B 573 7.79 -2.22 -24.05
N TRP B 574 8.69 -1.54 -23.35
CA TRP B 574 10.02 -1.29 -23.87
C TRP B 574 10.87 -2.54 -24.15
N ALA B 575 10.79 -3.53 -23.27
CA ALA B 575 11.52 -4.82 -23.42
C ALA B 575 10.92 -5.73 -24.53
N ARG B 576 9.85 -5.26 -25.14
CA ARG B 576 9.28 -6.01 -26.21
C ARG B 576 9.59 -5.41 -27.61
N ARG B 577 10.29 -4.29 -27.68
CA ARG B 577 10.63 -3.74 -28.97
C ARG B 577 11.56 -4.75 -29.66
N ASP B 578 11.36 -4.91 -30.96
CA ASP B 578 12.09 -5.85 -31.77
C ASP B 578 13.18 -5.04 -32.48
N GLU B 579 14.37 -4.97 -31.87
CA GLU B 579 15.47 -4.11 -32.33
C GLU B 579 16.79 -4.69 -31.81
N ASN B 580 17.90 -4.18 -32.33
CA ASN B 580 19.19 -4.75 -32.00
C ASN B 580 19.73 -4.06 -30.80
N VAL B 581 20.26 -4.87 -29.88
CA VAL B 581 20.93 -4.26 -28.71
C VAL B 581 22.41 -4.76 -28.56
N ARG B 582 22.87 -5.59 -29.51
CA ARG B 582 24.24 -6.11 -29.46
C ARG B 582 25.19 -5.04 -29.93
N ASN B 583 26.28 -4.82 -29.18
CA ASN B 583 27.28 -3.86 -29.51
C ASN B 583 26.65 -2.47 -29.80
N ASP B 584 25.83 -1.97 -28.88
CA ASP B 584 24.93 -0.81 -29.09
C ASP B 584 24.85 0.00 -27.81
N ASN B 585 23.60 0.38 -27.44
CA ASN B 585 23.33 0.95 -26.10
C ASN B 585 22.28 0.12 -25.37
N PRO B 586 22.60 -1.15 -25.05
CA PRO B 586 21.71 -1.84 -24.11
C PRO B 586 21.67 -1.09 -22.75
N VAL B 587 20.51 -1.11 -22.07
CA VAL B 587 20.34 -0.57 -20.70
C VAL B 587 19.88 -1.82 -19.91
N VAL B 588 20.53 -2.07 -18.75
CA VAL B 588 20.20 -3.16 -17.86
C VAL B 588 19.31 -2.73 -16.70
N TRP B 589 18.27 -3.53 -16.44
CA TRP B 589 17.31 -3.30 -15.37
C TRP B 589 17.30 -4.56 -14.53
N ALA B 590 17.98 -4.47 -13.41
CA ALA B 590 18.14 -5.60 -12.49
C ALA B 590 17.09 -5.52 -11.42
N THR B 591 16.34 -6.62 -11.31
CA THR B 591 15.30 -6.72 -10.26
C THR B 591 15.84 -7.39 -8.99
N LEU B 592 15.78 -6.66 -7.88
CA LEU B 592 16.15 -7.21 -6.58
C LEU B 592 14.86 -7.67 -5.93
N GLY B 593 14.60 -9.00 -5.92
CA GLY B 593 13.41 -9.49 -5.26
C GLY B 593 13.61 -9.78 -3.77
N PHE B 594 12.75 -9.22 -2.89
CA PHE B 594 12.78 -9.60 -1.47
C PHE B 594 11.37 -9.99 -1.00
N THR B 595 11.15 -11.29 -0.79
CA THR B 595 9.93 -11.78 -0.23
C THR B 595 9.99 -11.66 1.32
N HIS B 596 9.09 -10.89 1.92
CA HIS B 596 9.12 -10.61 3.35
C HIS B 596 8.08 -11.35 4.20
N ILE B 597 8.46 -12.47 4.80
CA ILE B 597 7.62 -13.26 5.69
C ILE B 597 7.90 -12.62 7.06
N PRO B 598 7.02 -11.73 7.57
CA PRO B 598 7.48 -10.96 8.77
C PRO B 598 7.68 -11.95 9.96
N ARG B 599 8.51 -11.55 10.92
CA ARG B 599 8.71 -12.38 12.09
C ARG B 599 8.31 -11.51 13.27
N VAL B 600 8.10 -12.10 14.44
CA VAL B 600 7.81 -11.23 15.60
C VAL B 600 8.84 -10.15 15.91
N GLU B 601 10.14 -10.52 15.73
CA GLU B 601 11.21 -9.60 15.98
C GLU B 601 11.17 -8.40 15.05
N ASP B 602 10.35 -8.46 13.98
CA ASP B 602 10.23 -7.29 13.16
C ASP B 602 9.34 -6.20 13.79
N PHE B 603 8.67 -6.53 14.90
CA PHE B 603 7.73 -5.63 15.51
C PHE B 603 8.21 -5.33 16.96
N PRO B 604 8.02 -4.11 17.50
CA PRO B 604 7.20 -2.98 16.92
C PRO B 604 7.92 -2.16 15.85
N VAL B 605 9.24 -2.19 15.87
CA VAL B 605 10.08 -1.61 14.82
C VAL B 605 11.06 -2.71 14.35
N MET B 606 11.43 -2.70 13.07
CA MET B 606 12.09 -3.88 12.52
C MET B 606 13.64 -3.66 12.39
N PRO B 607 14.41 -4.69 12.82
CA PRO B 607 15.85 -4.66 12.56
C PRO B 607 16.02 -4.64 11.03
N VAL B 608 17.06 -3.98 10.59
CA VAL B 608 17.41 -3.87 9.16
C VAL B 608 17.55 -5.23 8.51
N GLU B 609 16.99 -5.38 7.31
CA GLU B 609 17.35 -6.52 6.53
C GLU B 609 18.04 -6.02 5.26
N ALA B 610 19.26 -6.44 5.00
CA ALA B 610 20.09 -5.88 3.94
C ALA B 610 20.02 -6.73 2.67
N HIS B 611 20.05 -6.05 1.54
CA HIS B 611 20.08 -6.67 0.22
C HIS B 611 21.08 -5.94 -0.63
N GLU B 612 21.72 -6.68 -1.52
CA GLU B 612 22.84 -6.10 -2.25
C GLU B 612 22.97 -6.61 -3.70
N ILE B 613 23.37 -5.75 -4.63
CA ILE B 613 23.77 -6.13 -5.99
C ILE B 613 25.13 -5.48 -6.22
N ALA B 614 26.08 -6.22 -6.82
CA ALA B 614 27.44 -5.59 -6.99
C ALA B 614 27.77 -5.56 -8.48
N LEU B 615 28.44 -4.48 -8.89
CA LEU B 615 29.01 -4.41 -10.22
C LEU B 615 30.52 -4.47 -10.03
N VAL B 616 31.16 -5.48 -10.62
CA VAL B 616 32.56 -5.69 -10.39
C VAL B 616 33.35 -5.81 -11.71
N PRO B 617 34.55 -5.20 -11.81
CA PRO B 617 35.31 -5.38 -13.07
C PRO B 617 35.66 -6.82 -13.29
N PHE B 618 35.55 -7.23 -14.53
CA PHE B 618 35.85 -8.59 -14.89
C PHE B 618 36.69 -8.58 -16.17
N GLY B 619 38.02 -8.66 -16.02
CA GLY B 619 38.88 -8.51 -17.21
C GLY B 619 38.79 -7.10 -17.78
N PHE B 620 38.49 -6.11 -16.93
CA PHE B 620 38.47 -4.74 -17.35
C PHE B 620 39.89 -4.15 -17.26
N PHE B 621 40.60 -4.47 -16.18
CA PHE B 621 41.96 -4.09 -15.99
C PHE B 621 42.88 -5.27 -16.34
N ASP B 622 44.17 -4.98 -16.48
CA ASP B 622 45.12 -6.00 -16.86
C ASP B 622 45.83 -6.64 -15.62
N LYS B 623 45.38 -6.23 -14.42
CA LYS B 623 45.83 -6.79 -13.16
C LYS B 623 44.99 -6.10 -12.07
N ASN B 624 45.14 -6.51 -10.80
CA ASN B 624 44.36 -6.01 -9.71
C ASN B 624 44.56 -4.51 -9.67
N PRO B 625 43.48 -3.70 -9.78
CA PRO B 625 43.72 -2.24 -9.78
C PRO B 625 44.01 -1.67 -8.41
N ALA B 626 43.83 -2.48 -7.39
CA ALA B 626 44.12 -1.99 -6.04
C ALA B 626 45.60 -2.09 -5.67
N LEU B 627 46.52 -2.49 -6.58
CA LEU B 627 47.99 -2.37 -6.26
C LEU B 627 48.41 -0.90 -5.99
N SER B 628 47.56 0.06 -6.33
CA SER B 628 47.89 1.50 -6.01
C SER B 628 47.56 1.96 -4.59
N VAL B 629 46.92 1.10 -3.78
CA VAL B 629 46.47 1.50 -2.43
C VAL B 629 47.65 1.38 -1.44
N PRO B 630 47.89 2.41 -0.60
CA PRO B 630 48.95 2.23 0.41
C PRO B 630 48.77 0.89 1.19
N GLN B 631 49.89 0.28 1.63
CA GLN B 631 49.87 -0.83 2.57
C GLN B 631 49.16 -0.44 3.86
N SER B 632 48.48 -1.41 4.45
CA SER B 632 47.83 -1.16 5.71
C SER B 632 48.84 -0.83 6.87
N THR B 633 49.82 -1.64 7.17
CA THR B 633 50.81 -1.23 8.26
C THR B 633 50.25 -0.64 9.57
N VAL C 1 -31.14 1.40 -3.78
CA VAL C 1 -31.91 2.57 -3.38
C VAL C 1 -31.50 3.69 -4.33
N HIS C 2 -32.43 4.22 -5.10
CA HIS C 2 -32.12 5.45 -5.87
C HIS C 2 -32.20 6.71 -4.96
N PRO C 3 -31.33 7.70 -5.17
CA PRO C 3 -31.45 8.82 -4.23
C PRO C 3 -32.85 9.48 -4.11
N TYR C 4 -33.66 9.49 -5.14
CA TYR C 4 -34.98 10.09 -5.03
C TYR C 4 -36.03 9.18 -4.37
N ASP C 5 -35.75 7.86 -4.20
CA ASP C 5 -36.78 6.92 -3.71
C ASP C 5 -37.54 7.48 -2.46
N PRO C 6 -38.85 7.23 -2.36
CA PRO C 6 -39.59 7.58 -1.17
C PRO C 6 -39.01 6.78 0.04
N ILE C 7 -39.29 7.26 1.26
CA ILE C 7 -38.77 6.61 2.49
C ILE C 7 -39.20 5.16 2.63
N SER C 8 -38.34 4.24 3.10
CA SER C 8 -38.77 2.83 3.27
C SER C 8 -39.22 2.61 4.76
N ASP C 9 -39.89 1.49 5.07
CA ASP C 9 -40.22 1.19 6.50
C ASP C 9 -38.97 1.15 7.31
N ALA C 10 -37.94 0.50 6.79
CA ALA C 10 -36.71 0.38 7.55
C ALA C 10 -36.02 1.72 7.81
N GLU C 11 -35.97 2.66 6.84
CA GLU C 11 -35.38 3.98 7.11
C GLU C 11 -36.17 4.84 8.11
N LEU C 12 -37.50 4.68 8.05
CA LEU C 12 -38.39 5.50 8.87
C LEU C 12 -38.16 5.00 10.35
N GLN C 13 -38.17 3.68 10.51
CA GLN C 13 -38.00 3.08 11.86
C GLN C 13 -36.59 3.26 12.46
N LEU C 14 -35.56 3.23 11.59
CA LEU C 14 -34.23 3.52 12.05
C LEU C 14 -34.15 4.94 12.59
N THR C 15 -34.81 5.87 11.88
CA THR C 15 -34.78 7.30 12.27
C THR C 15 -35.44 7.43 13.68
N SER C 16 -36.58 6.78 13.87
CA SER C 16 -37.29 6.95 15.16
C SER C 16 -36.47 6.22 16.26
N GLN C 17 -35.97 5.02 15.95
CA GLN C 17 -35.13 4.25 16.90
C GLN C 17 -33.91 5.05 17.35
N LEU C 18 -33.20 5.64 16.41
CA LEU C 18 -32.09 6.54 16.84
C LEU C 18 -32.50 7.63 17.79
N ILE C 19 -33.65 8.22 17.53
CA ILE C 19 -34.09 9.31 18.41
C ILE C 19 -34.47 8.67 19.80
N LYS C 20 -35.10 7.49 19.79
CA LYS C 20 -35.47 6.84 21.06
C LYS C 20 -34.17 6.57 21.90
N ASP C 21 -33.15 6.09 21.20
CA ASP C 21 -31.91 5.73 21.82
C ASP C 21 -31.21 6.91 22.37
N ALA C 22 -31.32 8.09 21.76
CA ALA C 22 -30.64 9.25 22.27
C ALA C 22 -31.46 9.94 23.35
N THR C 23 -32.71 9.53 23.48
CA THR C 23 -33.58 10.26 24.43
C THR C 23 -33.51 9.56 25.80
N LYS C 24 -32.94 10.25 26.77
CA LYS C 24 -32.83 9.63 28.09
C LYS C 24 -33.94 10.13 29.00
N GLY C 25 -34.44 9.25 29.85
CA GLY C 25 -35.33 9.74 30.92
C GLY C 25 -36.67 9.12 30.68
N PRO C 26 -37.64 9.44 31.56
CA PRO C 26 -38.95 8.73 31.44
C PRO C 26 -39.92 9.37 30.42
N GLU C 27 -39.75 10.66 30.12
CA GLU C 27 -40.54 11.32 29.08
C GLU C 27 -40.02 10.84 27.70
N ARG C 28 -40.77 9.94 27.05
CA ARG C 28 -40.41 9.31 25.78
C ARG C 28 -40.77 10.22 24.54
N PRO C 29 -39.91 10.22 23.51
CA PRO C 29 -40.14 11.06 22.33
C PRO C 29 -41.52 10.68 21.77
N HIS C 30 -42.25 11.72 21.46
CA HIS C 30 -43.58 11.61 20.89
C HIS C 30 -43.49 12.04 19.37
N PHE C 31 -43.65 11.10 18.42
CA PHE C 31 -43.26 11.41 17.02
C PHE C 31 -44.35 12.13 16.25
N ILE C 32 -43.93 13.02 15.40
CA ILE C 32 -44.88 13.82 14.67
C ILE C 32 -44.80 13.67 13.13
N GLN C 33 -43.60 13.65 12.56
CA GLN C 33 -43.44 13.46 11.12
C GLN C 33 -42.00 13.03 10.85
N ILE C 34 -41.87 12.05 9.97
CA ILE C 34 -40.59 11.65 9.42
C ILE C 34 -40.67 11.38 7.89
N ASP C 35 -39.70 11.84 7.12
CA ASP C 35 -39.65 11.58 5.69
C ASP C 35 -38.20 11.80 5.23
N ARG C 36 -37.94 11.34 4.00
CA ARG C 36 -36.58 11.37 3.43
C ARG C 36 -36.37 12.71 2.80
N LEU C 37 -35.21 13.33 3.06
CA LEU C 37 -34.88 14.57 2.39
C LEU C 37 -34.50 14.41 0.92
N ASP C 38 -34.77 15.43 0.11
CA ASP C 38 -34.28 15.37 -1.27
C ASP C 38 -32.72 15.23 -1.19
N PRO C 39 -32.10 14.52 -2.14
CA PRO C 39 -30.63 14.65 -2.25
C PRO C 39 -30.21 16.09 -2.63
N PRO C 40 -29.07 16.58 -2.12
CA PRO C 40 -28.61 17.97 -2.40
C PRO C 40 -28.53 18.10 -3.97
N LYS C 41 -28.98 19.23 -4.49
CA LYS C 41 -29.31 19.31 -5.92
C LYS C 41 -28.02 19.30 -6.78
N LYS C 42 -27.00 20.02 -6.35
CA LYS C 42 -25.69 20.01 -7.12
C LYS C 42 -25.16 18.59 -7.28
N ASP C 43 -25.19 17.80 -6.22
CA ASP C 43 -24.78 16.42 -6.26
C ASP C 43 -25.65 15.49 -7.09
N MET C 44 -26.98 15.66 -6.94
CA MET C 44 -27.94 14.79 -7.62
C MET C 44 -27.80 15.07 -9.12
N ILE C 45 -27.52 16.30 -9.48
CA ILE C 45 -27.32 16.54 -10.93
C ILE C 45 -26.12 15.72 -11.48
N ARG C 46 -25.01 15.72 -10.74
CA ARG C 46 -23.85 14.89 -11.16
C ARG C 46 -24.25 13.44 -11.10
N TYR C 47 -25.03 13.08 -10.10
CA TYR C 47 -25.45 11.65 -10.02
C TYR C 47 -26.29 11.23 -11.29
N LEU C 48 -27.26 12.10 -11.66
CA LEU C 48 -28.14 11.79 -12.84
C LEU C 48 -27.31 11.62 -14.13
N GLU C 49 -26.35 12.52 -14.28
CA GLU C 49 -25.47 12.52 -15.45
C GLU C 49 -24.66 11.21 -15.49
N ALA C 50 -24.14 10.83 -14.32
CA ALA C 50 -23.32 9.65 -14.23
C ALA C 50 -24.21 8.44 -14.52
N GLU C 51 -25.46 8.47 -14.04
CA GLU C 51 -26.42 7.39 -14.27
C GLU C 51 -26.71 7.19 -15.79
N ARG C 52 -26.85 8.32 -16.48
CA ARG C 52 -27.16 8.44 -17.93
C ARG C 52 -25.98 7.94 -18.82
N THR C 53 -24.76 8.37 -18.50
CA THR C 53 -23.52 7.94 -19.20
C THR C 53 -22.80 6.65 -18.67
N GLY C 54 -23.31 6.00 -17.65
CA GLY C 54 -22.62 4.80 -17.17
C GLY C 54 -21.29 5.00 -16.42
N LYS C 55 -20.99 6.23 -15.96
CA LYS C 55 -19.84 6.50 -15.07
C LYS C 55 -20.11 6.10 -13.59
N PRO C 56 -19.05 5.99 -12.75
CA PRO C 56 -19.32 5.66 -11.32
C PRO C 56 -20.33 6.66 -10.70
N LEU C 57 -21.26 6.13 -9.92
CA LEU C 57 -22.28 6.94 -9.20
C LEU C 57 -21.62 7.64 -8.02
N PRO C 58 -21.73 8.97 -7.93
CA PRO C 58 -21.20 9.60 -6.74
C PRO C 58 -21.96 9.16 -5.47
N HIS C 59 -21.23 9.08 -4.33
CA HIS C 59 -21.81 8.70 -3.05
C HIS C 59 -22.76 9.82 -2.51
N ILE C 60 -24.01 9.44 -2.24
CA ILE C 60 -24.99 10.37 -1.64
C ILE C 60 -25.73 9.62 -0.54
N SER C 61 -25.51 10.05 0.71
CA SER C 61 -26.25 9.38 1.83
C SER C 61 -27.78 9.58 1.70
N ARG C 62 -28.56 8.55 2.05
CA ARG C 62 -30.00 8.68 2.31
C ARG C 62 -30.13 9.35 3.67
N MET C 63 -30.82 10.51 3.68
CA MET C 63 -31.07 11.32 4.89
C MET C 63 -32.58 11.56 5.17
N THR C 64 -32.94 11.56 6.45
CA THR C 64 -34.30 11.79 6.84
C THR C 64 -34.35 13.00 7.82
N TYR C 65 -35.55 13.58 7.96
CA TYR C 65 -35.76 14.55 9.05
C TYR C 65 -36.83 13.92 9.97
N VAL C 66 -36.92 14.46 11.19
CA VAL C 66 -37.90 13.97 12.14
C VAL C 66 -38.33 15.13 13.03
N TYR C 67 -39.66 15.30 13.16
CA TYR C 67 -40.29 16.21 14.10
C TYR C 67 -40.81 15.41 15.25
N TYR C 68 -40.53 15.87 16.47
CA TYR C 68 -40.99 15.14 17.66
C TYR C 68 -40.98 15.97 18.88
N TYR C 69 -41.76 15.54 19.88
CA TYR C 69 -41.81 16.25 21.14
C TYR C 69 -41.22 15.34 22.21
N ILE C 70 -40.61 16.01 23.18
CA ILE C 70 -40.28 15.41 24.51
C ILE C 70 -41.06 16.24 25.50
N GLY C 71 -42.12 15.65 26.07
CA GLY C 71 -43.07 16.49 26.82
C GLY C 71 -43.58 17.60 25.94
N LEU C 72 -43.43 18.83 26.39
CA LEU C 72 -43.86 20.01 25.63
C LEU C 72 -42.82 20.72 24.73
N ASP C 73 -41.58 20.23 24.74
CA ASP C 73 -40.54 20.80 23.91
C ASP C 73 -40.58 20.13 22.55
N PHE C 74 -40.55 20.94 21.51
CA PHE C 74 -40.59 20.39 20.14
C PHE C 74 -39.16 20.33 19.59
N TYR C 75 -38.83 19.21 18.92
CA TYR C 75 -37.48 18.97 18.35
C TYR C 75 -37.55 18.72 16.83
N LYS C 76 -36.55 19.16 16.08
CA LYS C 76 -36.35 18.75 14.71
C LYS C 76 -35.01 18.03 14.67
N ALA C 77 -34.93 16.79 14.16
CA ALA C 77 -33.61 16.23 13.97
C ALA C 77 -33.36 15.91 12.49
N LEU C 78 -32.10 15.76 12.12
CA LEU C 78 -31.69 15.31 10.82
C LEU C 78 -30.86 14.07 11.01
N VAL C 79 -31.10 13.03 10.23
CA VAL C 79 -30.53 11.71 10.49
C VAL C 79 -29.99 11.09 9.16
N ASN C 80 -28.79 10.51 9.20
CA ASN C 80 -28.22 9.84 8.03
C ASN C 80 -28.66 8.44 8.18
N VAL C 81 -29.53 7.97 7.30
CA VAL C 81 -30.02 6.64 7.47
C VAL C 81 -29.23 5.62 6.67
N SER C 82 -28.31 6.05 5.78
CA SER C 82 -27.51 5.04 5.06
C SER C 82 -26.52 4.46 6.08
N TYR C 83 -26.05 5.32 7.00
CA TYR C 83 -25.08 4.90 8.01
C TYR C 83 -25.67 4.73 9.45
N GLY C 84 -26.85 5.33 9.71
CA GLY C 84 -27.51 5.20 11.00
C GLY C 84 -26.92 6.09 12.03
N HIS C 85 -26.97 7.42 11.84
CA HIS C 85 -26.45 8.25 12.88
C HIS C 85 -27.16 9.62 12.80
N ILE C 86 -27.29 10.27 13.95
CA ILE C 86 -27.98 11.52 14.04
C ILE C 86 -27.01 12.56 13.63
N ILE C 87 -27.42 13.49 12.76
CA ILE C 87 -26.53 14.59 12.37
C ILE C 87 -26.73 15.73 13.27
N THR C 88 -28.00 16.03 13.54
CA THR C 88 -28.34 17.26 14.20
C THR C 88 -29.67 16.95 14.95
N ASN C 89 -29.88 17.54 16.12
CA ASN C 89 -31.03 17.17 16.96
C ASN C 89 -31.38 18.33 17.86
N GLN C 90 -32.29 19.20 17.41
CA GLN C 90 -32.28 20.53 17.94
C GLN C 90 -33.66 20.96 18.51
N LYS C 91 -33.69 21.38 19.76
CA LYS C 91 -34.90 21.89 20.32
C LYS C 91 -35.23 23.19 19.61
N GLN C 92 -36.51 23.34 19.22
CA GLN C 92 -36.99 24.47 18.42
C GLN C 92 -37.35 25.60 19.36
N PRO C 93 -37.31 26.84 18.87
CA PRO C 93 -37.63 28.02 19.70
C PRO C 93 -39.09 28.06 20.14
N LYS C 94 -39.40 28.63 21.32
CA LYS C 94 -40.79 28.89 21.77
C LYS C 94 -41.62 29.42 20.61
N GLY C 95 -42.83 28.91 20.45
CA GLY C 95 -43.70 29.44 19.37
C GLY C 95 -43.70 28.48 18.20
N VAL C 96 -42.65 27.67 18.09
CA VAL C 96 -42.58 26.76 16.94
C VAL C 96 -43.31 25.49 17.27
N ILE C 97 -44.33 25.19 16.49
CA ILE C 97 -45.29 24.08 16.80
C ILE C 97 -45.31 23.14 15.63
N GLY C 98 -45.31 21.84 15.86
CA GLY C 98 -45.33 20.89 14.77
C GLY C 98 -46.72 20.67 14.14
N PRO C 99 -46.79 19.92 13.04
CA PRO C 99 -48.02 19.50 12.35
C PRO C 99 -48.91 18.61 13.23
N LEU C 100 -50.18 18.49 12.89
CA LEU C 100 -51.09 17.65 13.61
C LEU C 100 -50.77 16.25 13.13
N ILE C 101 -51.09 15.25 13.92
CA ILE C 101 -50.88 13.88 13.51
C ILE C 101 -52.20 13.09 13.82
N ALA C 102 -52.58 12.16 12.97
CA ALA C 102 -53.81 11.36 13.14
C ALA C 102 -54.03 10.83 14.57
N GLU C 103 -53.00 10.22 15.19
CA GLU C 103 -53.19 9.60 16.54
C GLU C 103 -53.56 10.68 17.58
N ASP C 104 -52.88 11.81 17.56
CA ASP C 104 -53.27 12.89 18.49
C ASP C 104 -54.68 13.46 18.23
N ILE C 105 -55.06 13.60 16.97
CA ILE C 105 -56.39 14.08 16.68
C ILE C 105 -57.46 13.11 17.15
N GLN C 106 -57.26 11.79 16.94
CA GLN C 106 -58.20 10.84 17.40
C GLN C 106 -58.37 10.95 18.91
N GLU C 107 -57.28 11.17 19.60
CA GLU C 107 -57.35 11.24 21.06
C GLU C 107 -58.14 12.47 21.49
N ILE C 108 -57.90 13.60 20.85
CA ILE C 108 -58.58 14.80 21.25
C ILE C 108 -60.07 14.72 20.80
N GLU C 109 -60.35 14.11 19.62
CA GLU C 109 -61.75 13.95 19.16
C GLU C 109 -62.57 13.13 20.18
N GLU C 110 -62.01 12.00 20.58
CA GLU C 110 -62.58 11.21 21.63
C GLU C 110 -62.88 12.03 22.92
N LEU C 111 -61.87 12.70 23.44
CA LEU C 111 -62.04 13.55 24.59
C LEU C 111 -63.07 14.69 24.39
N ALA C 112 -63.18 15.24 23.17
CA ALA C 112 -64.16 16.29 22.89
C ALA C 112 -65.61 15.87 23.23
N THR C 113 -65.94 14.59 23.12
CA THR C 113 -67.30 14.11 23.43
C THR C 113 -67.37 13.26 24.73
N THR C 114 -66.24 13.04 25.40
CA THR C 114 -66.13 12.27 26.62
C THR C 114 -65.84 13.15 27.85
N HIS C 115 -65.24 14.30 27.66
CA HIS C 115 -64.86 15.13 28.81
C HIS C 115 -66.08 15.60 29.62
N PRO C 116 -65.97 15.57 30.97
CA PRO C 116 -67.17 15.83 31.78
C PRO C 116 -67.76 17.17 31.47
N ILE C 117 -66.93 18.16 31.21
CA ILE C 117 -67.48 19.51 30.98
C ILE C 117 -68.26 19.51 29.62
N VAL C 118 -67.72 18.72 28.64
CA VAL C 118 -68.37 18.77 27.34
C VAL C 118 -69.64 17.91 27.41
N LYS C 119 -69.58 16.75 28.08
CA LYS C 119 -70.82 16.02 28.33
C LYS C 119 -71.89 16.80 29.06
N ALA C 120 -71.51 17.66 30.00
CA ALA C 120 -72.53 18.43 30.72
C ALA C 120 -73.10 19.38 29.75
N GLU C 121 -72.29 19.87 28.82
CA GLU C 121 -72.81 20.90 27.86
C GLU C 121 -73.73 20.24 26.83
N ILE C 122 -73.38 19.01 26.43
CA ILE C 122 -74.23 18.22 25.55
C ILE C 122 -75.61 17.91 26.21
N GLU C 123 -75.60 17.54 27.49
CA GLU C 123 -76.84 17.34 28.27
C GLU C 123 -77.76 18.56 28.18
N LYS C 124 -77.19 19.77 28.15
CA LYS C 124 -78.04 20.93 28.03
C LYS C 124 -78.76 21.07 26.71
N LEU C 125 -78.33 20.29 25.69
CA LEU C 125 -79.05 20.26 24.40
C LEU C 125 -80.41 19.55 24.55
N LYS C 126 -80.52 18.75 25.59
CA LYS C 126 -81.69 17.85 25.79
C LYS C 126 -81.95 17.02 24.52
N LEU C 127 -80.94 16.34 24.02
CA LEU C 127 -81.11 15.66 22.76
C LEU C 127 -82.02 14.43 22.89
N PRO C 128 -82.84 14.11 21.83
CA PRO C 128 -83.55 12.82 21.85
C PRO C 128 -82.65 11.70 21.46
N PRO C 129 -83.10 10.44 21.58
CA PRO C 129 -82.21 9.29 21.44
C PRO C 129 -81.74 9.02 20.01
N HIS C 130 -82.38 9.61 19.01
CA HIS C 130 -82.01 9.29 17.63
C HIS C 130 -80.96 10.28 17.07
N VAL C 131 -80.47 11.21 17.89
CA VAL C 131 -79.45 12.18 17.47
C VAL C 131 -78.13 11.97 18.27
N ARG C 132 -76.96 12.09 17.62
CA ARG C 132 -75.67 11.95 18.35
C ARG C 132 -74.74 13.12 18.04
N VAL C 133 -73.70 13.33 18.87
CA VAL C 133 -72.81 14.45 18.70
C VAL C 133 -71.51 13.99 17.96
N VAL C 134 -71.00 14.84 17.06
CA VAL C 134 -69.76 14.54 16.34
C VAL C 134 -68.82 15.71 16.52
N CYS C 135 -67.52 15.40 16.73
CA CYS C 135 -66.47 16.44 16.70
C CYS C 135 -65.51 16.29 15.51
N ASP C 136 -65.23 17.39 14.81
CA ASP C 136 -64.04 17.57 13.94
C ASP C 136 -63.01 18.40 14.69
N PRO C 137 -61.92 17.79 15.17
CA PRO C 137 -60.88 18.71 15.75
C PRO C 137 -60.09 19.50 14.69
N TRP C 138 -59.89 20.80 14.90
CA TRP C 138 -59.21 21.69 13.97
C TRP C 138 -57.88 22.20 14.59
N MET C 139 -56.85 22.47 13.78
CA MET C 139 -55.68 23.16 14.24
C MET C 139 -56.23 24.50 14.81
N ASN C 140 -55.45 25.16 15.69
CA ASN C 140 -55.96 26.33 16.38
C ASN C 140 -56.03 27.54 15.45
N GLY C 141 -55.14 27.64 14.45
CA GLY C 141 -54.88 28.91 13.76
C GLY C 141 -54.19 29.92 14.67
N THR C 142 -54.23 31.19 14.28
CA THR C 142 -53.48 32.18 15.00
C THR C 142 -54.20 33.50 15.03
N ASP C 143 -54.46 34.01 16.25
CA ASP C 143 -54.97 35.36 16.37
C ASP C 143 -54.26 36.12 17.51
N SER C 144 -53.13 35.60 17.97
CA SER C 144 -52.48 36.20 19.12
C SER C 144 -51.18 35.46 19.31
N LYS C 145 -50.36 35.92 20.22
CA LYS C 145 -49.17 35.12 20.54
C LYS C 145 -49.61 33.91 21.34
N GLU C 146 -49.27 32.72 20.94
CA GLU C 146 -49.72 31.55 21.67
C GLU C 146 -48.71 30.46 21.41
N ASP C 147 -48.07 29.89 22.45
CA ASP C 147 -46.97 28.97 22.25
C ASP C 147 -47.44 27.56 22.47
N ARG C 148 -48.63 27.39 23.00
CA ARG C 148 -49.11 26.01 23.27
C ARG C 148 -49.77 25.44 22.01
N MET C 149 -49.66 24.16 21.74
CA MET C 149 -50.39 23.57 20.65
C MET C 149 -51.84 23.36 21.14
N LEU C 150 -52.78 24.09 20.52
CA LEU C 150 -54.22 24.02 20.93
C LEU C 150 -55.05 23.48 19.78
N ILE C 151 -56.16 22.81 20.12
CA ILE C 151 -57.04 22.17 19.17
C ILE C 151 -58.42 22.71 19.42
N GLN C 152 -59.03 23.25 18.37
CA GLN C 152 -60.39 23.83 18.42
C GLN C 152 -61.34 22.75 17.93
N CYS C 153 -62.20 22.26 18.83
CA CYS C 153 -63.08 21.15 18.50
C CYS C 153 -64.42 21.65 17.93
N TYR C 154 -64.64 21.44 16.62
CA TYR C 154 -65.91 21.90 16.05
C TYR C 154 -66.97 20.81 16.26
N MET C 155 -68.15 21.22 16.75
CA MET C 155 -69.16 20.32 17.26
C MET C 155 -70.40 20.34 16.36
N TYR C 156 -70.98 19.18 16.18
CA TYR C 156 -72.05 18.96 15.19
C TYR C 156 -73.01 17.87 15.69
N LEU C 157 -74.22 17.85 15.12
CA LEU C 157 -75.14 16.73 15.36
C LEU C 157 -75.28 15.82 14.15
N ALA C 158 -75.61 14.57 14.37
CA ALA C 158 -75.80 13.61 13.25
C ALA C 158 -76.91 12.63 13.58
N SER C 159 -77.38 11.87 12.60
CA SER C 159 -78.34 10.83 12.93
C SER C 159 -77.66 9.71 13.68
N ALA C 160 -78.28 9.27 14.78
CA ALA C 160 -77.74 8.10 15.53
C ALA C 160 -77.95 6.81 14.73
N ALA C 161 -78.72 6.89 13.67
CA ALA C 161 -79.11 5.69 12.95
C ALA C 161 -78.03 5.07 12.00
N HIS C 162 -76.99 5.84 11.66
CA HIS C 162 -76.14 5.46 10.53
C HIS C 162 -74.79 6.13 10.70
N PRO C 163 -73.71 5.32 10.63
CA PRO C 163 -72.35 5.87 10.77
C PRO C 163 -71.98 6.90 9.68
N GLU C 164 -72.67 6.92 8.51
CA GLU C 164 -72.33 7.90 7.44
C GLU C 164 -73.27 9.12 7.39
N SER C 165 -74.06 9.33 8.45
CA SER C 165 -74.88 10.53 8.53
C SER C 165 -73.99 11.77 8.45
N ASN C 166 -74.51 12.85 7.88
CA ASN C 166 -73.72 14.03 7.50
C ASN C 166 -73.80 15.06 8.63
N HIS C 167 -72.86 14.99 9.59
CA HIS C 167 -72.94 15.86 10.79
C HIS C 167 -72.71 17.25 10.36
N TYR C 168 -72.06 17.46 9.20
CA TYR C 168 -71.80 18.85 8.77
C TYR C 168 -73.11 19.61 8.56
N SER C 169 -74.22 18.87 8.37
CA SER C 169 -75.47 19.55 8.07
C SER C 169 -76.16 20.08 9.30
N LEU C 170 -75.62 19.84 10.51
CA LEU C 170 -76.28 20.42 11.69
C LEU C 170 -75.24 20.86 12.79
N PRO C 171 -74.60 22.01 12.61
CA PRO C 171 -73.51 22.45 13.54
C PRO C 171 -74.08 22.96 14.88
N LEU C 172 -73.37 22.79 15.97
CA LEU C 172 -73.76 23.29 17.30
C LEU C 172 -73.18 24.68 17.55
N LYS C 173 -73.54 25.25 18.72
CA LYS C 173 -73.13 26.60 19.04
C LYS C 173 -72.16 26.67 20.25
N PHE C 174 -71.58 25.53 20.60
CA PHE C 174 -70.38 25.57 21.44
C PHE C 174 -69.19 24.80 20.85
N SER C 175 -68.00 25.07 21.34
CA SER C 175 -66.79 24.44 20.79
C SER C 175 -65.76 24.38 21.93
N PRO C 176 -65.41 23.18 22.38
CA PRO C 176 -64.36 23.24 23.40
C PRO C 176 -62.93 23.34 22.82
N VAL C 177 -61.96 23.88 23.61
CA VAL C 177 -60.57 24.02 23.15
C VAL C 177 -59.68 23.21 24.11
N PHE C 178 -58.88 22.26 23.60
CA PHE C 178 -57.96 21.41 24.40
C PHE C 178 -56.52 21.76 24.03
N GLU C 179 -55.62 21.57 24.98
CA GLU C 179 -54.21 21.65 24.73
C GLU C 179 -53.84 20.21 24.24
N CYS C 180 -53.26 20.09 23.05
CA CYS C 180 -53.12 18.81 22.35
C CYS C 180 -52.26 17.80 23.08
N LEU C 181 -51.07 18.23 23.49
CA LEU C 181 -50.14 17.29 24.05
C LEU C 181 -50.45 16.90 25.50
N THR C 182 -51.05 17.80 26.28
CA THR C 182 -51.38 17.45 27.65
C THR C 182 -52.76 16.86 27.80
N LYS C 183 -53.58 17.03 26.77
CA LYS C 183 -55.00 16.74 26.84
C LYS C 183 -55.77 17.51 27.91
N LYS C 184 -55.27 18.67 28.33
CA LYS C 184 -55.96 19.49 29.30
C LYS C 184 -56.99 20.41 28.60
N PHE C 185 -58.12 20.65 29.27
CA PHE C 185 -59.13 21.53 28.80
C PHE C 185 -58.57 22.91 28.91
N VAL C 186 -58.92 23.77 27.95
CA VAL C 186 -58.50 25.15 27.95
C VAL C 186 -59.67 26.10 28.17
N ARG C 187 -60.73 26.01 27.37
CA ARG C 187 -61.91 26.90 27.51
C ARG C 187 -63.05 26.37 26.65
N MET C 188 -64.30 26.80 26.92
CA MET C 188 -65.46 26.50 26.10
C MET C 188 -65.70 27.71 25.26
N ASP C 189 -65.66 27.64 23.92
CA ASP C 189 -66.12 28.83 23.14
C ASP C 189 -67.58 28.74 22.83
N TYR C 190 -68.24 29.89 22.62
CA TYR C 190 -69.63 29.91 22.16
C TYR C 190 -69.66 30.54 20.76
N LEU C 191 -70.52 29.98 19.88
CA LEU C 191 -70.55 30.35 18.46
C LEU C 191 -71.86 31.09 18.14
N PRO C 192 -71.75 32.17 17.38
CA PRO C 192 -72.96 32.82 16.94
C PRO C 192 -73.68 32.07 15.78
N GLY C 193 -74.99 31.94 15.89
CA GLY C 193 -75.83 31.39 14.84
C GLY C 193 -76.71 32.44 14.21
N GLY C 194 -76.68 33.68 14.68
CA GLY C 194 -77.59 34.69 14.12
C GLY C 194 -76.89 35.52 13.11
N ALA C 195 -77.33 36.78 12.97
CA ALA C 195 -76.86 37.60 11.87
C ALA C 195 -75.66 38.36 12.31
N ASP C 196 -75.41 38.41 13.62
CA ASP C 196 -74.26 39.13 14.06
C ASP C 196 -73.46 38.22 15.01
N GLU C 197 -72.64 38.85 15.82
CA GLU C 197 -71.73 38.14 16.71
C GLU C 197 -72.33 37.74 18.07
N THR C 198 -73.61 38.01 18.30
CA THR C 198 -74.26 37.61 19.56
C THR C 198 -74.18 36.12 19.86
N VAL C 199 -73.82 35.75 21.09
CA VAL C 199 -73.87 34.36 21.53
C VAL C 199 -74.73 34.21 22.78
N THR C 200 -75.08 32.95 23.17
CA THR C 200 -75.87 32.74 24.36
C THR C 200 -75.32 31.49 25.02
N GLU C 201 -75.84 31.17 26.21
CA GLU C 201 -75.54 29.91 26.83
C GLU C 201 -76.18 28.79 25.99
N THR C 202 -75.76 27.56 26.20
CA THR C 202 -76.34 26.45 25.43
C THR C 202 -77.79 26.26 25.75
N GLN C 203 -78.64 26.35 24.73
CA GLN C 203 -80.06 26.18 24.91
C GLN C 203 -80.44 24.78 24.39
N ALA C 204 -81.62 24.32 24.80
CA ALA C 204 -82.10 22.99 24.37
C ALA C 204 -82.17 23.04 22.81
N TRP C 205 -81.90 21.92 22.15
CA TRP C 205 -81.89 21.96 20.66
C TRP C 205 -83.28 21.55 20.17
N ASP C 206 -83.89 22.36 19.33
CA ASP C 206 -85.29 22.14 18.94
C ASP C 206 -85.57 21.19 17.76
N GLU C 207 -84.77 21.24 16.70
CA GLU C 207 -85.13 20.46 15.49
C GLU C 207 -83.85 19.91 14.84
N PHE C 208 -84.01 18.81 14.11
CA PHE C 208 -82.87 18.10 13.56
C PHE C 208 -82.96 17.97 12.01
N PRO C 209 -82.93 19.09 11.31
CA PRO C 209 -83.08 18.88 9.82
C PRO C 209 -81.72 18.55 9.11
N PHE C 210 -81.29 17.31 9.23
CA PHE C 210 -80.10 16.82 8.58
C PHE C 210 -80.26 16.94 7.05
N VAL C 211 -79.15 17.13 6.34
CA VAL C 211 -79.15 17.03 4.86
C VAL C 211 -78.13 15.96 4.54
N GLU C 212 -78.64 14.77 4.21
CA GLU C 212 -77.83 13.58 4.04
C GLU C 212 -77.28 13.41 2.64
N TYR C 213 -76.02 12.96 2.53
CA TYR C 213 -75.47 12.69 1.19
C TYR C 213 -75.47 11.23 0.90
N HIS C 214 -75.39 10.38 1.90
CA HIS C 214 -75.17 8.97 1.66
C HIS C 214 -76.42 8.37 1.00
N PRO C 215 -76.22 7.47 0.03
CA PRO C 215 -77.39 6.91 -0.62
C PRO C 215 -78.37 6.13 0.26
N ASP C 216 -77.93 5.55 1.40
CA ASP C 216 -78.89 4.86 2.31
C ASP C 216 -79.90 5.81 2.89
N LEU C 217 -79.53 7.06 2.89
CA LEU C 217 -80.13 8.07 3.73
C LEU C 217 -80.63 9.35 2.96
N ASN C 218 -80.23 9.55 1.69
CA ASN C 218 -80.52 10.84 1.05
C ASN C 218 -81.90 10.88 0.39
N GLY C 219 -82.61 9.74 0.30
CA GLY C 219 -84.01 9.77 -0.16
C GLY C 219 -84.09 9.92 -1.70
N GLU C 220 -82.95 9.84 -2.40
CA GLU C 220 -82.92 10.22 -3.81
C GLU C 220 -83.16 8.97 -4.69
N THR C 221 -84.08 9.08 -5.64
CA THR C 221 -84.26 8.11 -6.68
C THR C 221 -83.06 8.15 -7.67
N ILE C 222 -82.45 6.99 -7.89
CA ILE C 222 -81.25 6.94 -8.69
C ILE C 222 -81.72 6.90 -10.19
N VAL C 223 -81.16 7.76 -11.05
CA VAL C 223 -81.43 7.79 -12.50
C VAL C 223 -80.40 6.92 -13.13
N PRO C 224 -80.80 5.86 -13.87
CA PRO C 224 -79.79 4.93 -14.32
C PRO C 224 -78.94 5.48 -15.48
N LEU C 225 -77.81 4.83 -15.73
CA LEU C 225 -76.86 5.28 -16.72
C LEU C 225 -76.33 4.01 -17.37
N LYS C 226 -76.07 4.00 -18.69
CA LYS C 226 -75.44 2.81 -19.36
C LYS C 226 -73.94 2.82 -19.19
N PRO C 227 -73.28 1.64 -19.18
CA PRO C 227 -71.81 1.59 -18.99
C PRO C 227 -71.01 2.36 -20.08
N LEU C 228 -69.87 2.92 -19.67
CA LEU C 228 -68.90 3.43 -20.60
C LEU C 228 -67.60 2.89 -20.06
N ILE C 229 -66.93 2.00 -20.82
CA ILE C 229 -65.73 1.40 -20.28
C ILE C 229 -64.50 1.76 -21.14
N VAL C 230 -63.36 1.96 -20.49
CA VAL C 230 -62.13 2.29 -21.22
C VAL C 230 -61.25 1.06 -21.23
N GLN C 231 -60.70 0.69 -22.37
CA GLN C 231 -59.84 -0.49 -22.40
C GLN C 231 -58.52 -0.28 -23.07
N GLN C 232 -57.50 -0.98 -22.59
CA GLN C 232 -56.21 -1.03 -23.28
C GLN C 232 -55.78 -2.46 -23.54
N PRO C 233 -56.35 -3.07 -24.57
CA PRO C 233 -56.12 -4.49 -24.79
C PRO C 233 -54.67 -4.89 -24.97
N GLU C 234 -53.79 -4.01 -25.40
CA GLU C 234 -52.40 -4.40 -25.47
C GLU C 234 -51.58 -3.89 -24.32
N GLY C 235 -52.25 -3.28 -23.32
CA GLY C 235 -51.53 -2.74 -22.17
C GLY C 235 -51.26 -1.24 -22.35
N PRO C 236 -50.70 -0.61 -21.33
CA PRO C 236 -50.42 0.83 -21.30
C PRO C 236 -49.19 1.16 -22.13
N SER C 237 -49.11 2.40 -22.60
CA SER C 237 -47.95 2.87 -23.35
C SER C 237 -46.96 3.50 -22.44
N PHE C 238 -47.15 3.45 -21.14
CA PHE C 238 -46.09 3.93 -20.27
C PHE C 238 -45.36 2.77 -19.60
N ASN C 239 -44.13 3.03 -19.18
CA ASN C 239 -43.33 2.09 -18.38
C ASN C 239 -42.97 2.74 -17.03
N VAL C 240 -42.92 1.92 -15.96
CA VAL C 240 -42.46 2.37 -14.65
C VAL C 240 -41.23 1.53 -14.28
N ASP C 241 -40.08 2.14 -14.07
CA ASP C 241 -38.93 1.36 -13.65
C ASP C 241 -38.48 1.94 -12.30
N GLY C 242 -38.92 1.29 -11.22
CA GLY C 242 -38.73 1.82 -9.86
C GLY C 242 -39.75 2.95 -9.73
N HIS C 243 -39.25 4.17 -9.75
CA HIS C 243 -40.10 5.36 -9.75
C HIS C 243 -39.94 6.21 -10.98
N LYS C 244 -39.28 5.64 -12.00
CA LYS C 244 -38.94 6.38 -13.23
C LYS C 244 -39.97 6.03 -14.26
N ILE C 245 -40.74 7.03 -14.68
CA ILE C 245 -41.83 6.79 -15.69
C ILE C 245 -41.28 7.16 -17.09
N SER C 246 -41.61 6.39 -18.11
CA SER C 246 -41.37 6.78 -19.50
C SER C 246 -42.67 6.59 -20.23
N TRP C 247 -43.02 7.60 -21.04
CA TRP C 247 -44.24 7.61 -21.82
C TRP C 247 -44.10 8.67 -22.92
N GLN C 248 -44.21 8.21 -24.18
CA GLN C 248 -44.38 9.10 -25.32
C GLN C 248 -43.34 10.19 -25.34
N GLY C 249 -42.12 9.86 -24.96
CA GLY C 249 -40.99 10.82 -25.03
C GLY C 249 -40.67 11.53 -23.74
N TRP C 250 -41.57 11.38 -22.73
CA TRP C 250 -41.30 11.95 -21.45
C TRP C 250 -40.50 11.00 -20.57
N GLU C 251 -39.65 11.57 -19.71
CA GLU C 251 -38.99 10.79 -18.61
C GLU C 251 -38.91 11.62 -17.39
N PHE C 252 -39.37 11.01 -16.29
CA PHE C 252 -39.36 11.70 -15.03
C PHE C 252 -39.57 10.72 -13.86
N PHE C 253 -39.29 11.20 -12.66
CA PHE C 253 -39.54 10.32 -11.47
C PHE C 253 -40.77 10.84 -10.72
N VAL C 254 -41.67 9.95 -10.32
CA VAL C 254 -42.78 10.30 -9.43
C VAL C 254 -42.49 9.72 -8.03
N ILE C 255 -42.37 10.61 -7.04
CA ILE C 255 -42.06 10.12 -5.70
C ILE C 255 -43.16 10.54 -4.70
N PRO C 256 -43.82 9.56 -4.04
CA PRO C 256 -44.71 9.98 -2.94
C PRO C 256 -43.95 10.68 -1.78
N THR C 257 -44.54 11.72 -1.20
CA THR C 257 -43.91 12.35 -0.04
C THR C 257 -45.03 12.64 0.93
N VAL C 258 -44.71 12.61 2.21
CA VAL C 258 -45.76 12.81 3.22
C VAL C 258 -46.40 14.17 3.18
N ARG C 259 -45.61 15.15 2.83
CA ARG C 259 -46.11 16.48 2.99
C ARG C 259 -46.84 16.91 1.70
N GLU C 260 -46.37 16.50 0.51
CA GLU C 260 -46.88 17.05 -0.78
C GLU C 260 -47.75 16.01 -1.51
N GLY C 261 -47.84 14.76 -1.00
CA GLY C 261 -48.63 13.75 -1.75
C GLY C 261 -47.66 13.07 -2.71
N PHE C 262 -47.20 13.82 -3.71
CA PHE C 262 -46.06 13.40 -4.52
C PHE C 262 -45.29 14.58 -5.06
N ALA C 263 -44.05 14.31 -5.50
CA ALA C 263 -43.32 15.29 -6.26
C ALA C 263 -42.75 14.65 -7.47
N ILE C 264 -42.54 15.45 -8.52
CA ILE C 264 -42.06 14.85 -9.80
C ILE C 264 -40.70 15.54 -10.10
N TYR C 265 -39.69 14.73 -10.46
CA TYR C 265 -38.29 15.27 -10.56
C TYR C 265 -37.73 14.99 -11.91
N ASP C 266 -36.74 15.79 -12.29
CA ASP C 266 -35.90 15.49 -13.48
C ASP C 266 -36.70 15.31 -14.79
N ILE C 267 -37.67 16.20 -15.02
CA ILE C 267 -38.63 15.96 -16.11
C ILE C 267 -37.93 16.28 -17.43
N HIS C 268 -37.88 15.32 -18.31
CA HIS C 268 -37.38 15.60 -19.64
C HIS C 268 -38.44 15.27 -20.65
N PHE C 269 -38.42 15.97 -21.79
CA PHE C 269 -39.27 15.56 -22.90
C PHE C 269 -38.46 15.56 -24.19
N LYS C 270 -38.53 14.45 -24.94
CA LYS C 270 -37.71 14.27 -26.16
C LYS C 270 -36.19 14.38 -25.83
N GLY C 271 -35.78 13.93 -24.66
CA GLY C 271 -34.35 13.98 -24.30
C GLY C 271 -33.92 15.36 -23.78
N ARG C 272 -34.81 16.33 -23.68
CA ARG C 272 -34.37 17.65 -23.31
C ARG C 272 -34.97 18.01 -21.96
N SER C 273 -34.19 18.71 -21.12
CA SER C 273 -34.60 19.05 -19.76
C SER C 273 -35.76 20.09 -19.83
N VAL C 274 -36.71 19.99 -18.91
CA VAL C 274 -37.87 20.92 -18.84
C VAL C 274 -37.92 21.48 -17.40
N VAL C 275 -38.16 20.60 -16.41
CA VAL C 275 -38.31 21.03 -15.03
C VAL C 275 -37.58 20.03 -14.06
N TYR C 276 -36.84 20.56 -13.12
CA TYR C 276 -36.07 19.73 -12.19
C TYR C 276 -37.00 19.16 -11.09
N ARG C 277 -37.91 19.99 -10.51
CA ARG C 277 -38.78 19.48 -9.45
C ARG C 277 -40.10 20.23 -9.49
N LEU C 278 -41.19 19.46 -9.44
CA LEU C 278 -42.55 20.03 -9.58
C LEU C 278 -43.43 19.54 -8.39
N SER C 279 -44.09 20.43 -7.64
CA SER C 279 -44.87 19.94 -6.47
C SER C 279 -45.91 20.99 -6.12
N LEU C 280 -47.01 20.54 -5.49
CA LEU C 280 -47.79 21.39 -4.65
C LEU C 280 -46.99 21.70 -3.40
N SER C 281 -46.82 22.99 -3.09
CA SER C 281 -45.87 23.39 -2.04
C SER C 281 -46.64 23.81 -0.77
N GLU C 282 -47.84 24.38 -0.93
CA GLU C 282 -48.63 24.75 0.26
C GLU C 282 -50.06 25.07 -0.21
N MET C 283 -51.01 25.00 0.70
CA MET C 283 -52.33 25.50 0.38
C MET C 283 -52.93 26.11 1.67
N THR C 284 -53.23 27.39 1.64
CA THR C 284 -53.86 27.97 2.80
C THR C 284 -55.33 28.25 2.48
N VAL C 285 -56.18 27.99 3.47
CA VAL C 285 -57.61 28.11 3.30
C VAL C 285 -58.25 29.11 4.27
N PRO C 286 -58.05 30.43 4.05
CA PRO C 286 -58.59 31.41 5.07
C PRO C 286 -60.10 31.54 4.91
N TYR C 287 -60.85 31.54 6.02
CA TYR C 287 -62.30 31.71 5.98
C TYR C 287 -62.57 33.21 6.15
N GLY C 288 -63.75 33.64 5.72
CA GLY C 288 -64.11 35.10 5.65
C GLY C 288 -65.25 35.39 6.62
N ASP C 289 -65.64 34.42 7.43
CA ASP C 289 -66.59 34.76 8.51
C ASP C 289 -65.80 35.63 9.58
N PRO C 290 -66.27 36.85 9.81
CA PRO C 290 -65.42 37.72 10.70
C PRO C 290 -65.49 37.36 12.23
N ARG C 291 -66.38 36.47 12.65
CA ARG C 291 -66.72 36.27 14.07
C ARG C 291 -65.88 35.14 14.65
N ALA C 292 -65.77 35.08 15.95
CA ALA C 292 -64.99 34.07 16.66
C ALA C 292 -65.81 32.80 16.83
N PRO C 293 -65.18 31.64 16.86
CA PRO C 293 -63.78 31.33 16.64
C PRO C 293 -63.47 31.10 15.13
N PHE C 294 -64.48 31.26 14.26
CA PHE C 294 -64.33 31.09 12.79
C PHE C 294 -63.21 31.89 12.17
N HIS C 295 -62.96 33.09 12.66
CA HIS C 295 -61.86 33.90 12.10
C HIS C 295 -60.50 33.23 12.15
N ARG C 296 -60.30 32.36 13.12
CA ARG C 296 -59.06 31.61 13.19
C ARG C 296 -58.99 30.39 12.27
N LYS C 297 -60.04 30.15 11.47
CA LYS C 297 -59.99 29.06 10.47
C LYS C 297 -59.12 29.44 9.25
N GLN C 298 -57.82 29.19 9.36
CA GLN C 298 -56.87 29.39 8.26
C GLN C 298 -55.90 28.21 8.31
N ALA C 299 -56.34 27.09 7.76
CA ALA C 299 -55.47 25.95 7.68
C ALA C 299 -54.34 26.23 6.66
N PHE C 300 -53.17 25.62 6.91
CA PHE C 300 -52.14 25.43 5.88
C PHE C 300 -52.14 23.92 5.69
N ASP C 301 -52.87 23.41 4.73
CA ASP C 301 -53.08 21.93 4.76
C ASP C 301 -51.85 21.07 4.56
N LEU C 302 -50.91 21.54 3.75
CA LEU C 302 -49.70 20.76 3.59
C LEU C 302 -48.83 20.87 4.83
N GLY C 303 -48.57 22.10 5.28
CA GLY C 303 -47.64 22.22 6.40
C GLY C 303 -48.25 21.79 7.76
N ASP C 304 -49.54 21.98 7.93
CA ASP C 304 -50.28 21.55 9.17
C ASP C 304 -50.63 20.04 9.19
N CYS C 305 -50.82 19.38 8.05
CA CYS C 305 -51.24 17.95 8.06
C CYS C 305 -50.40 17.12 7.08
N GLY C 306 -50.39 17.53 5.79
CA GLY C 306 -49.57 16.87 4.80
C GLY C 306 -50.49 16.10 3.84
N PHE C 307 -50.30 16.33 2.54
CA PHE C 307 -51.14 15.73 1.54
C PHE C 307 -50.90 14.23 1.38
N GLY C 308 -49.68 13.71 1.60
CA GLY C 308 -49.44 12.20 1.55
C GLY C 308 -50.03 11.59 2.83
N ALA C 309 -49.88 12.27 3.98
CA ALA C 309 -50.40 11.69 5.25
C ALA C 309 -51.88 11.51 5.21
N THR C 310 -52.60 12.39 4.48
CA THR C 310 -54.07 12.27 4.40
C THR C 310 -54.49 11.69 3.06
N GLY C 311 -53.57 11.06 2.33
CA GLY C 311 -53.95 10.55 1.01
C GLY C 311 -54.94 9.41 1.10
N ASN C 312 -55.89 9.35 0.16
CA ASN C 312 -56.82 8.18 0.00
C ASN C 312 -56.16 6.98 -0.65
N SER C 313 -56.71 5.77 -0.42
CA SER C 313 -56.32 4.61 -1.24
C SER C 313 -57.16 4.61 -2.51
N LEU C 314 -56.51 4.72 -3.67
CA LEU C 314 -57.23 4.95 -4.88
C LEU C 314 -57.50 3.64 -5.54
N ALA C 315 -56.89 2.56 -5.06
CA ALA C 315 -57.11 1.26 -5.73
C ALA C 315 -58.43 0.64 -5.36
N LEU C 316 -58.94 1.07 -4.21
CA LEU C 316 -60.15 0.49 -3.58
C LEU C 316 -61.36 0.77 -4.49
N GLY C 317 -61.80 2.03 -4.45
CA GLY C 317 -62.89 2.50 -5.33
C GLY C 317 -62.32 2.52 -6.73
N CYS C 318 -63.04 3.02 -7.71
CA CYS C 318 -62.28 3.18 -8.94
C CYS C 318 -62.15 4.62 -9.38
N ASP C 319 -61.22 5.27 -8.71
CA ASP C 319 -61.00 6.64 -8.89
C ASP C 319 -60.39 6.90 -10.28
N CYS C 320 -59.60 5.94 -10.76
CA CYS C 320 -58.75 6.13 -11.96
C CYS C 320 -59.24 5.11 -12.96
N LEU C 321 -59.63 5.59 -14.15
CA LEU C 321 -60.30 4.68 -15.12
C LEU C 321 -59.25 4.13 -16.07
N GLY C 322 -59.24 2.82 -16.36
CA GLY C 322 -58.23 2.32 -17.32
C GLY C 322 -57.29 1.32 -16.72
N VAL C 323 -56.08 1.21 -17.26
CA VAL C 323 -55.08 0.29 -16.77
C VAL C 323 -54.18 1.15 -15.93
N ILE C 324 -54.09 0.84 -14.63
CA ILE C 324 -53.52 1.79 -13.66
C ILE C 324 -52.32 1.17 -12.98
N LYS C 325 -51.34 2.00 -12.65
CA LYS C 325 -50.32 1.64 -11.69
C LYS C 325 -50.37 2.54 -10.45
N TYR C 326 -49.92 2.03 -9.29
CA TYR C 326 -50.13 2.67 -7.96
C TYR C 326 -48.83 2.82 -7.24
N MET C 327 -48.71 3.86 -6.41
CA MET C 327 -47.63 3.96 -5.44
C MET C 327 -48.22 4.20 -4.04
N ASP C 328 -47.46 3.82 -3.00
CA ASP C 328 -47.89 3.94 -1.64
C ASP C 328 -47.21 5.13 -0.99
N CYS C 329 -47.76 5.56 0.10
CA CYS C 329 -47.03 6.52 0.93
C CYS C 329 -46.83 5.89 2.31
N ARG C 330 -45.95 6.44 3.14
CA ARG C 330 -45.78 5.99 4.55
C ARG C 330 -45.80 7.18 5.45
N ARG C 331 -46.28 7.05 6.70
CA ARG C 331 -46.11 8.15 7.65
C ARG C 331 -45.75 7.51 9.00
N VAL C 332 -45.14 8.29 9.89
CA VAL C 332 -44.83 7.75 11.18
C VAL C 332 -46.12 7.90 12.02
N ASN C 333 -46.27 7.07 13.05
CA ASN C 333 -47.24 7.37 14.11
C ASN C 333 -46.51 7.89 15.36
N THR C 334 -47.28 8.20 16.42
CA THR C 334 -46.73 8.92 17.55
C THR C 334 -45.68 8.06 18.29
N ASN C 335 -45.78 6.74 18.15
CA ASN C 335 -44.87 5.77 18.71
C ASN C 335 -43.58 5.61 17.84
N GLY C 336 -43.57 6.14 16.61
CA GLY C 336 -42.40 5.99 15.72
C GLY C 336 -42.43 4.80 14.77
N ASP C 337 -43.58 4.15 14.64
CA ASP C 337 -43.68 3.05 13.68
C ASP C 337 -44.01 3.61 12.29
N SER C 338 -43.63 2.87 11.28
CA SER C 338 -44.02 3.15 9.93
C SER C 338 -45.45 2.70 9.66
N VAL C 339 -46.36 3.64 9.34
CA VAL C 339 -47.73 3.25 8.90
C VAL C 339 -47.86 3.37 7.35
N LEU C 340 -48.22 2.28 6.67
CA LEU C 340 -48.36 2.24 5.24
C LEU C 340 -49.70 2.89 4.87
N ILE C 341 -49.68 3.76 3.86
CA ILE C 341 -50.89 4.40 3.34
C ILE C 341 -50.92 3.97 1.91
N PRO C 342 -51.67 2.89 1.60
CA PRO C 342 -51.41 2.24 0.31
C PRO C 342 -52.10 2.94 -0.84
N ASN C 343 -51.53 2.85 -2.05
CA ASN C 343 -52.20 3.36 -3.28
C ASN C 343 -52.65 4.80 -3.19
N THR C 344 -51.83 5.66 -2.63
CA THR C 344 -52.17 7.09 -2.62
C THR C 344 -51.98 7.77 -3.95
N VAL C 345 -51.17 7.20 -4.86
CA VAL C 345 -50.88 7.85 -6.16
C VAL C 345 -51.26 6.85 -7.25
N CYS C 346 -52.08 7.28 -8.21
CA CYS C 346 -52.37 6.40 -9.34
C CYS C 346 -51.76 7.03 -10.61
N LEU C 347 -51.34 6.17 -11.55
CA LEU C 347 -50.67 6.64 -12.79
C LEU C 347 -51.36 5.93 -13.90
N HIS C 348 -51.78 6.67 -14.93
CA HIS C 348 -52.48 6.00 -16.03
C HIS C 348 -52.63 6.94 -17.24
N GLU C 349 -52.95 6.33 -18.40
CA GLU C 349 -53.25 7.09 -19.59
C GLU C 349 -54.73 7.39 -19.66
N GLN C 350 -55.12 8.35 -20.50
CA GLN C 350 -56.57 8.60 -20.75
C GLN C 350 -56.60 9.32 -22.10
N ASP C 351 -57.78 9.45 -22.67
CA ASP C 351 -57.90 10.19 -23.90
C ASP C 351 -58.21 11.66 -23.54
N GLY C 352 -57.59 12.63 -24.18
CA GLY C 352 -57.91 14.04 -23.88
C GLY C 352 -58.51 14.81 -25.05
N GLY C 353 -59.29 14.11 -25.87
CA GLY C 353 -59.91 14.71 -27.07
C GLY C 353 -58.90 14.81 -28.25
N LEU C 354 -59.06 15.75 -29.16
CA LEU C 354 -58.11 15.88 -30.30
C LEU C 354 -56.92 16.71 -29.88
N LEU C 355 -55.76 16.33 -30.41
CA LEU C 355 -54.50 17.03 -30.26
C LEU C 355 -54.26 18.12 -31.34
N TYR C 356 -54.56 17.80 -32.59
CA TYR C 356 -54.53 18.73 -33.71
C TYR C 356 -55.41 18.16 -34.82
N LYS C 357 -55.91 19.05 -35.69
CA LYS C 357 -56.52 18.57 -36.96
C LYS C 357 -56.28 19.61 -38.03
N HIS C 358 -56.09 19.15 -39.27
CA HIS C 358 -56.15 20.13 -40.38
C HIS C 358 -56.63 19.44 -41.63
N THR C 359 -57.55 20.10 -42.36
CA THR C 359 -57.99 19.53 -43.63
C THR C 359 -57.71 20.58 -44.70
N ASN C 360 -57.07 20.17 -45.79
CA ASN C 360 -56.91 21.01 -46.95
C ASN C 360 -58.27 21.09 -47.64
N TYR C 361 -58.84 22.29 -47.69
CA TYR C 361 -60.18 22.40 -48.31
C TYR C 361 -60.24 22.00 -49.80
N ARG C 362 -59.09 21.90 -50.47
CA ARG C 362 -59.08 21.62 -51.90
C ARG C 362 -59.25 20.13 -52.10
N THR C 363 -58.82 19.32 -51.15
CA THR C 363 -58.77 17.91 -51.39
C THR C 363 -59.58 17.13 -50.34
N ASN C 364 -59.95 17.80 -49.24
CA ASN C 364 -60.61 17.16 -48.11
C ASN C 364 -59.87 16.03 -47.46
N VAL C 365 -58.53 16.03 -47.60
CA VAL C 365 -57.65 15.07 -46.91
C VAL C 365 -57.20 15.68 -45.57
N PRO C 366 -57.54 15.02 -44.45
CA PRO C 366 -57.17 15.63 -43.14
C PRO C 366 -55.91 15.02 -42.56
N VAL C 367 -55.22 15.78 -41.72
CA VAL C 367 -54.34 15.06 -40.79
C VAL C 367 -54.99 15.20 -39.40
N ILE C 368 -54.84 14.19 -38.53
CA ILE C 368 -55.54 14.24 -37.25
C ILE C 368 -54.85 13.32 -36.27
N ALA C 369 -54.74 13.76 -35.03
CA ALA C 369 -54.18 12.99 -33.93
C ALA C 369 -55.00 13.24 -32.68
N ARG C 370 -55.17 12.20 -31.88
CA ARG C 370 -55.81 12.31 -30.58
C ARG C 370 -54.83 12.72 -29.53
N ARG C 371 -55.33 13.48 -28.56
CA ARG C 371 -54.48 13.93 -27.44
C ARG C 371 -54.40 12.83 -26.33
N ARG C 372 -53.53 11.82 -26.49
CA ARG C 372 -53.30 10.86 -25.39
C ARG C 372 -52.63 11.59 -24.19
N GLU C 373 -53.10 11.34 -22.97
CA GLU C 373 -52.55 12.05 -21.80
C GLU C 373 -52.07 11.04 -20.81
N PHE C 374 -51.07 11.40 -20.02
CA PHE C 374 -50.67 10.49 -18.94
C PHE C 374 -50.87 11.26 -17.68
N VAL C 375 -51.53 10.65 -16.71
CA VAL C 375 -52.01 11.34 -15.52
C VAL C 375 -51.30 10.84 -14.27
N VAL C 376 -50.88 11.77 -13.41
CA VAL C 376 -50.39 11.33 -12.07
C VAL C 376 -51.39 11.93 -11.09
N GLN C 377 -52.01 11.12 -10.25
CA GLN C 377 -53.03 11.67 -9.38
C GLN C 377 -52.91 11.23 -7.93
N THR C 378 -53.29 12.14 -7.02
CA THR C 378 -53.50 11.76 -5.62
C THR C 378 -54.77 12.48 -5.14
N ILE C 379 -55.50 11.92 -4.16
CA ILE C 379 -56.68 12.60 -3.61
C ILE C 379 -56.51 12.64 -2.09
N ALA C 380 -56.48 13.83 -1.48
CA ALA C 380 -56.31 13.91 -0.02
C ALA C 380 -57.70 14.15 0.59
N THR C 381 -57.98 13.54 1.76
CA THR C 381 -59.18 13.88 2.53
C THR C 381 -58.68 14.67 3.69
N VAL C 382 -59.03 15.96 3.75
CA VAL C 382 -58.58 16.78 4.90
C VAL C 382 -59.81 17.13 5.75
N ALA C 383 -60.11 16.31 6.75
CA ALA C 383 -61.36 16.42 7.50
C ALA C 383 -62.60 16.36 6.53
N ASN C 384 -63.30 17.49 6.41
CA ASN C 384 -64.48 17.56 5.55
C ASN C 384 -64.13 17.40 4.07
N TPQ C 385 -63.10 18.18 3.56
CA TPQ C 385 -62.58 18.48 2.23
CB TPQ C 385 -61.50 19.51 2.14
C TPQ C 385 -62.10 17.33 1.39
O TPQ C 385 -61.28 16.60 1.94
C1 TPQ C 385 -61.65 20.74 2.95
C2 TPQ C 385 -62.34 21.93 2.42
O2 TPQ C 385 -62.85 21.93 1.22
C3 TPQ C 385 -62.45 23.07 3.20
C4 TPQ C 385 -61.93 23.11 4.47
O4 TPQ C 385 -62.01 24.18 5.27
C5 TPQ C 385 -61.25 21.92 4.98
O5 TPQ C 385 -60.77 21.96 6.20
C6 TPQ C 385 -61.13 20.76 4.22
N GLU C 386 -62.31 17.19 0.05
CA GLU C 386 -61.33 16.37 -0.66
C GLU C 386 -60.67 17.15 -1.78
N TYR C 387 -59.36 16.96 -1.95
CA TYR C 387 -58.62 17.63 -2.98
C TYR C 387 -57.98 16.62 -3.87
N MET C 388 -58.26 16.76 -5.16
CA MET C 388 -57.69 15.88 -6.16
C MET C 388 -56.60 16.64 -6.84
N LEU C 389 -55.38 16.10 -6.80
CA LEU C 389 -54.25 16.76 -7.40
C LEU C 389 -53.84 15.89 -8.56
N ASN C 390 -53.87 16.46 -9.77
CA ASN C 390 -53.36 15.75 -10.97
C ASN C 390 -52.25 16.49 -11.65
N ILE C 391 -51.24 15.77 -12.13
CA ILE C 391 -50.31 16.37 -13.08
C ILE C 391 -50.44 15.59 -14.36
N ILE C 392 -50.74 16.29 -15.46
CA ILE C 392 -51.13 15.58 -16.72
C ILE C 392 -50.15 15.96 -17.81
N PHE C 393 -49.60 14.94 -18.48
CA PHE C 393 -48.60 15.13 -19.56
C PHE C 393 -49.22 14.87 -20.89
N ASP C 394 -48.85 15.68 -21.93
CA ASP C 394 -49.34 15.36 -23.27
C ASP C 394 -48.25 15.28 -24.34
N GLN C 395 -48.63 14.85 -25.54
CA GLN C 395 -47.63 14.49 -26.59
C GLN C 395 -47.06 15.73 -27.26
N ALA C 396 -47.58 16.93 -26.91
CA ALA C 396 -47.07 18.20 -27.43
C ALA C 396 -46.20 18.92 -26.44
N GLY C 397 -45.79 18.22 -25.36
CA GLY C 397 -44.81 18.82 -24.39
C GLY C 397 -45.42 19.61 -23.25
N GLU C 398 -46.73 19.59 -23.17
CA GLU C 398 -47.40 20.35 -22.17
C GLU C 398 -47.55 19.57 -20.87
N ILE C 399 -47.37 20.27 -19.75
CA ILE C 399 -47.60 19.69 -18.42
C ILE C 399 -48.76 20.48 -17.80
N ARG C 400 -49.87 19.82 -17.48
CA ARG C 400 -51.00 20.52 -16.86
C ARG C 400 -51.18 20.14 -15.43
N ILE C 401 -51.18 21.16 -14.56
CA ILE C 401 -51.43 20.95 -13.17
C ILE C 401 -52.95 21.19 -13.02
N HIS C 402 -53.67 20.16 -12.55
CA HIS C 402 -55.16 20.13 -12.58
C HIS C 402 -55.66 19.74 -11.21
N VAL C 403 -56.32 20.67 -10.53
CA VAL C 403 -56.86 20.41 -9.19
C VAL C 403 -58.39 20.38 -9.23
N ARG C 404 -59.04 19.35 -8.66
CA ARG C 404 -60.48 19.47 -8.39
C ARG C 404 -60.73 19.52 -6.84
N ALA C 405 -61.46 20.52 -6.34
CA ALA C 405 -61.91 20.56 -4.95
C ALA C 405 -63.32 19.93 -4.86
N THR C 406 -63.55 19.05 -3.91
CA THR C 406 -64.86 18.39 -3.75
C THR C 406 -64.96 18.04 -2.24
N GLY C 407 -65.69 16.97 -1.84
CA GLY C 407 -65.89 16.68 -0.41
C GLY C 407 -67.05 17.45 0.14
N ILE C 408 -66.95 17.88 1.41
CA ILE C 408 -68.02 18.58 2.08
C ILE C 408 -67.53 19.94 2.50
N LEU C 409 -68.38 20.98 2.37
CA LEU C 409 -68.07 22.30 2.85
C LEU C 409 -67.78 22.33 4.37
N SER C 410 -66.94 23.26 4.83
CA SER C 410 -66.84 23.42 6.26
C SER C 410 -68.01 24.38 6.73
N THR C 411 -68.73 23.96 7.77
CA THR C 411 -70.08 24.56 8.03
C THR C 411 -70.22 25.13 9.43
N MET C 412 -71.04 26.20 9.53
CA MET C 412 -71.25 26.99 10.71
C MET C 412 -72.74 26.91 11.12
N PRO C 413 -73.03 27.13 12.43
CA PRO C 413 -74.43 27.09 12.86
C PRO C 413 -75.24 28.26 12.24
N LEU C 414 -76.55 28.05 12.09
CA LEU C 414 -77.41 29.02 11.45
C LEU C 414 -78.75 28.89 12.22
N ASP C 415 -79.19 29.99 12.81
CA ASP C 415 -80.51 29.95 13.48
C ASP C 415 -81.64 30.11 12.43
N LYS C 416 -82.90 29.90 12.85
CA LYS C 416 -84.05 30.16 11.97
C LYS C 416 -84.08 31.55 11.41
N ASP C 417 -84.42 31.69 10.12
CA ASP C 417 -84.70 33.00 9.53
C ASP C 417 -83.52 33.95 9.52
N VAL C 418 -82.31 33.41 9.46
CA VAL C 418 -81.14 34.27 9.47
C VAL C 418 -80.50 34.14 8.08
N THR C 419 -79.96 35.23 7.59
CA THR C 419 -78.93 35.15 6.55
C THR C 419 -77.77 36.07 6.93
N VAL C 420 -76.63 35.89 6.27
CA VAL C 420 -75.40 36.58 6.59
C VAL C 420 -74.71 36.88 5.25
N PRO C 421 -74.03 38.04 5.15
CA PRO C 421 -73.45 38.43 3.88
C PRO C 421 -72.05 37.82 3.64
N TRP C 422 -71.48 37.17 4.65
CA TRP C 422 -70.20 36.44 4.46
C TRP C 422 -70.40 34.90 4.40
N GLY C 423 -71.60 34.39 4.11
CA GLY C 423 -71.74 32.89 3.98
C GLY C 423 -73.06 32.62 3.29
N THR C 424 -73.25 31.38 2.79
CA THR C 424 -74.46 31.08 2.07
C THR C 424 -75.14 30.04 2.95
N ASN C 425 -76.46 30.18 3.13
CA ASN C 425 -77.18 29.14 3.89
C ASN C 425 -77.28 27.97 2.96
N VAL C 426 -76.91 26.75 3.42
CA VAL C 426 -76.87 25.59 2.54
C VAL C 426 -77.78 24.49 3.06
N GLY C 427 -78.46 24.77 4.19
CA GLY C 427 -79.45 23.86 4.72
C GLY C 427 -80.36 24.63 5.62
N PRO C 428 -81.46 23.97 6.08
CA PRO C 428 -82.43 24.66 7.01
C PRO C 428 -81.70 25.26 8.22
N ARG C 429 -80.70 24.54 8.77
CA ARG C 429 -80.00 25.08 9.94
C ARG C 429 -78.46 25.04 9.82
N VAL C 430 -77.93 25.40 8.64
CA VAL C 430 -76.48 25.22 8.44
C VAL C 430 -76.08 26.26 7.39
N MET C 431 -75.05 27.09 7.71
CA MET C 431 -74.52 28.05 6.78
C MET C 431 -73.05 27.61 6.42
N ALA C 432 -72.63 27.91 5.19
CA ALA C 432 -71.27 27.58 4.71
C ALA C 432 -70.60 28.92 4.48
N ALA C 433 -69.59 29.25 5.31
CA ALA C 433 -68.99 30.60 5.23
C ALA C 433 -68.09 30.66 4.00
N TYR C 434 -67.95 31.86 3.46
CA TYR C 434 -67.07 32.12 2.37
C TYR C 434 -65.61 31.90 2.79
N HIS C 435 -64.80 31.42 1.83
CA HIS C 435 -63.42 31.22 2.11
C HIS C 435 -62.64 31.23 0.79
N GLN C 436 -61.31 31.15 0.91
CA GLN C 436 -60.43 31.00 -0.25
C GLN C 436 -59.60 29.75 -0.14
N HIS C 437 -59.28 29.05 -1.26
CA HIS C 437 -58.22 28.06 -1.23
C HIS C 437 -57.09 28.67 -2.02
N MET C 438 -55.93 28.96 -1.39
CA MET C 438 -54.78 29.64 -2.06
C MET C 438 -53.67 28.66 -2.10
N LEU C 439 -53.42 28.08 -3.29
CA LEU C 439 -52.43 27.05 -3.47
C LEU C 439 -51.17 27.67 -4.01
N SER C 440 -50.02 27.11 -3.65
CA SER C 440 -48.73 27.52 -4.20
C SER C 440 -48.10 26.33 -4.85
N PHE C 441 -47.80 26.42 -6.15
CA PHE C 441 -47.14 25.36 -6.84
C PHE C 441 -45.69 25.74 -7.06
N ARG C 442 -44.77 24.85 -6.61
CA ARG C 442 -43.32 25.17 -6.68
C ARG C 442 -42.77 24.51 -7.94
N ILE C 443 -42.26 25.31 -8.88
CA ILE C 443 -41.78 24.78 -10.19
C ILE C 443 -40.28 25.21 -10.16
N ASP C 444 -39.42 24.22 -9.98
CA ASP C 444 -37.98 24.44 -10.07
C ASP C 444 -37.59 24.08 -11.52
N PRO C 445 -37.47 25.09 -12.38
CA PRO C 445 -37.40 24.86 -13.80
C PRO C 445 -35.98 24.55 -14.19
N ALA C 446 -35.82 23.79 -15.26
CA ALA C 446 -34.48 23.46 -15.81
C ALA C 446 -34.70 23.45 -17.34
N VAL C 447 -35.16 24.57 -17.88
CA VAL C 447 -35.58 24.69 -19.29
C VAL C 447 -34.31 24.56 -20.19
N ASP C 448 -34.19 23.38 -20.82
CA ASP C 448 -33.14 22.99 -21.73
C ASP C 448 -31.75 23.03 -21.05
N GLY C 449 -31.70 22.93 -19.72
CA GLY C 449 -30.45 23.10 -18.99
C GLY C 449 -30.71 23.73 -17.67
N TYR C 450 -29.65 24.02 -16.91
CA TYR C 450 -29.74 24.45 -15.54
C TYR C 450 -29.46 25.93 -15.38
N GLU C 451 -29.25 26.65 -16.45
CA GLU C 451 -29.20 28.13 -16.19
C GLU C 451 -30.42 28.78 -16.85
N ASN C 452 -31.29 29.44 -16.06
CA ASN C 452 -32.58 29.92 -16.60
C ASN C 452 -32.80 31.31 -16.14
N THR C 453 -33.74 32.00 -16.79
CA THR C 453 -34.18 33.29 -16.36
C THR C 453 -35.73 33.33 -16.41
N VAL C 454 -36.34 34.01 -15.44
CA VAL C 454 -37.78 34.20 -15.44
C VAL C 454 -38.05 35.49 -16.12
N VAL C 455 -39.05 35.49 -16.99
CA VAL C 455 -39.48 36.80 -17.55
C VAL C 455 -40.99 36.86 -17.64
N PHE C 456 -41.53 38.00 -18.07
CA PHE C 456 -42.91 38.06 -18.47
C PHE C 456 -43.09 39.00 -19.63
N ASP C 457 -43.97 38.60 -20.53
CA ASP C 457 -44.23 39.31 -21.80
C ASP C 457 -45.58 39.91 -21.78
N ASP C 458 -45.69 41.17 -22.19
CA ASP C 458 -46.96 41.86 -22.30
C ASP C 458 -47.27 42.16 -23.78
N VAL C 459 -48.55 42.27 -24.12
CA VAL C 459 -48.95 42.45 -25.52
C VAL C 459 -49.59 43.80 -25.50
N ILE C 460 -49.12 44.70 -26.35
CA ILE C 460 -49.36 46.14 -26.21
C ILE C 460 -49.62 46.79 -27.58
N ARG C 461 -50.47 47.80 -27.65
CA ARG C 461 -50.74 48.51 -28.88
C ARG C 461 -49.51 49.19 -29.47
N MET C 462 -49.35 49.16 -30.78
CA MET C 462 -48.41 50.08 -31.43
C MET C 462 -49.03 51.50 -31.43
N GLU C 463 -48.17 52.51 -31.38
CA GLU C 463 -48.56 53.92 -31.59
C GLU C 463 -49.42 54.07 -32.81
N LYS C 464 -50.54 54.77 -32.65
CA LYS C 464 -51.45 54.97 -33.79
C LYS C 464 -50.98 56.10 -34.73
N ASN C 465 -51.53 56.11 -35.95
CA ASN C 465 -51.29 57.14 -36.95
C ASN C 465 -49.81 57.35 -37.25
N THR C 466 -49.06 56.28 -37.46
CA THR C 466 -47.70 56.41 -37.95
C THR C 466 -47.66 55.83 -39.38
N LYS C 467 -46.58 56.05 -40.12
CA LYS C 467 -46.42 55.51 -41.49
C LYS C 467 -46.34 54.01 -41.42
N LEU C 468 -45.80 53.49 -40.31
CA LEU C 468 -45.67 52.03 -40.15
C LEU C 468 -47.06 51.46 -39.77
N ASN C 469 -47.82 52.20 -38.96
CA ASN C 469 -49.11 51.73 -38.48
C ASN C 469 -50.21 52.74 -38.86
N PRO C 470 -50.47 52.94 -40.17
CA PRO C 470 -51.45 53.98 -40.44
C PRO C 470 -52.93 53.57 -40.24
N TYR C 471 -53.24 52.28 -40.04
CA TYR C 471 -54.66 51.94 -39.85
C TYR C 471 -54.97 51.55 -38.42
N ASN C 472 -53.98 51.73 -37.55
CA ASN C 472 -54.22 51.62 -36.11
C ASN C 472 -54.66 50.25 -35.62
N VAL C 473 -54.14 49.20 -36.26
CA VAL C 473 -54.43 47.85 -35.84
C VAL C 473 -53.17 47.20 -35.21
N GLY C 474 -51.98 47.79 -35.32
CA GLY C 474 -50.76 47.08 -34.96
C GLY C 474 -50.62 46.78 -33.46
N PHE C 475 -50.04 45.63 -33.14
CA PHE C 475 -49.69 45.36 -31.74
C PHE C 475 -48.45 44.48 -31.60
N VAL C 476 -47.74 44.59 -30.47
CA VAL C 476 -46.39 44.02 -30.36
C VAL C 476 -46.30 43.32 -28.99
N THR C 477 -45.26 42.52 -28.78
CA THR C 477 -44.95 42.08 -27.44
C THR C 477 -43.75 42.90 -26.87
N GLU C 478 -43.71 43.00 -25.56
CA GLU C 478 -42.46 43.50 -24.89
C GLU C 478 -42.14 42.69 -23.65
N ARG C 479 -40.85 42.51 -23.32
CA ARG C 479 -40.45 41.57 -22.27
C ARG C 479 -39.84 42.34 -21.09
N THR C 480 -40.14 41.88 -19.88
CA THR C 480 -39.47 42.32 -18.65
C THR C 480 -38.76 41.13 -18.04
N VAL C 481 -37.50 41.31 -17.66
CA VAL C 481 -36.70 40.22 -17.10
C VAL C 481 -36.77 40.30 -15.56
N VAL C 482 -36.97 39.19 -14.86
CA VAL C 482 -36.92 39.21 -13.41
C VAL C 482 -35.43 39.03 -13.02
N GLU C 483 -34.87 40.04 -12.35
CA GLU C 483 -33.38 40.10 -12.05
C GLU C 483 -33.14 39.61 -10.65
N LYS C 484 -34.14 39.85 -9.79
CA LYS C 484 -34.09 39.33 -8.43
C LYS C 484 -35.35 38.74 -7.84
N PRO C 485 -35.20 38.06 -6.66
CA PRO C 485 -36.30 37.50 -5.89
C PRO C 485 -37.37 38.53 -5.69
N GLY C 486 -38.64 38.12 -5.74
CA GLY C 486 -39.75 39.06 -5.58
C GLY C 486 -40.99 38.41 -6.22
N TYR C 487 -41.97 39.22 -6.55
CA TYR C 487 -43.19 38.70 -7.16
C TYR C 487 -43.47 39.45 -8.48
N VAL C 488 -44.30 38.85 -9.37
CA VAL C 488 -44.74 39.61 -10.52
C VAL C 488 -46.19 40.02 -10.38
N GLU C 489 -46.53 41.21 -10.84
CA GLU C 489 -47.90 41.68 -10.76
C GLU C 489 -48.71 41.05 -11.86
N GLN C 490 -50.00 40.91 -11.60
CA GLN C 490 -50.88 40.39 -12.62
C GLN C 490 -51.27 41.44 -13.58
N SER C 491 -51.44 41.07 -14.84
CA SER C 491 -51.89 42.03 -15.85
C SER C 491 -52.65 41.29 -16.95
N PRO C 492 -53.89 40.84 -16.66
CA PRO C 492 -54.62 40.06 -17.71
C PRO C 492 -54.91 40.92 -18.96
N PHE C 493 -55.05 42.24 -18.77
CA PHE C 493 -55.44 43.12 -19.91
C PHE C 493 -54.32 43.52 -20.84
N THR C 494 -53.10 43.10 -20.51
CA THR C 494 -52.00 43.08 -21.45
C THR C 494 -51.68 41.63 -21.81
N ASN C 495 -52.59 40.67 -21.51
CA ASN C 495 -52.27 39.29 -21.79
C ASN C 495 -50.93 38.85 -21.24
N ARG C 496 -50.59 39.36 -20.06
CA ARG C 496 -49.30 39.04 -19.51
C ARG C 496 -49.02 37.55 -19.46
N SER C 497 -47.84 37.18 -19.91
CA SER C 497 -47.47 35.79 -19.94
C SER C 497 -46.13 35.61 -19.19
N TYR C 498 -46.15 34.83 -18.10
CA TYR C 498 -44.90 34.52 -17.34
C TYR C 498 -44.20 33.37 -18.05
N LYS C 499 -42.87 33.50 -18.25
CA LYS C 499 -42.15 32.42 -18.93
C LYS C 499 -40.84 32.13 -18.22
N ILE C 500 -40.35 30.95 -18.44
CA ILE C 500 -38.97 30.62 -18.00
C ILE C 500 -38.18 30.38 -19.28
N ILE C 501 -37.11 31.18 -19.46
CA ILE C 501 -36.27 31.05 -20.66
C ILE C 501 -34.84 30.55 -20.35
N ASN C 502 -34.16 30.08 -21.38
CA ASN C 502 -32.75 29.78 -21.21
C ASN C 502 -32.02 30.75 -22.17
N GLU C 503 -31.45 31.82 -21.60
CA GLU C 503 -30.84 32.84 -22.42
C GLU C 503 -29.64 32.35 -23.23
N ASN C 504 -29.20 31.11 -22.95
CA ASN C 504 -27.99 30.56 -23.54
C ASN C 504 -28.29 29.67 -24.74
N LYS C 505 -29.59 29.31 -24.97
CA LYS C 505 -29.93 28.40 -26.06
C LYS C 505 -31.00 29.06 -26.94
N ILE C 506 -30.68 29.34 -28.21
CA ILE C 506 -31.48 30.27 -29.01
C ILE C 506 -32.25 29.40 -29.96
N ASN C 507 -33.56 29.65 -30.11
CA ASN C 507 -34.36 28.84 -31.08
C ASN C 507 -33.89 29.23 -32.49
N PRO C 508 -33.50 28.26 -33.32
CA PRO C 508 -32.93 28.66 -34.59
C PRO C 508 -33.97 29.17 -35.62
N ILE C 509 -35.26 29.01 -35.35
CA ILE C 509 -36.35 29.46 -36.25
C ILE C 509 -36.80 30.84 -35.81
N SER C 510 -37.15 31.02 -34.53
CA SER C 510 -37.69 32.30 -34.09
C SER C 510 -36.60 33.31 -33.75
N LYS C 511 -35.43 32.77 -33.45
CA LYS C 511 -34.22 33.48 -33.10
C LYS C 511 -34.33 34.08 -31.69
N LYS C 512 -35.17 33.50 -30.81
CA LYS C 512 -35.28 33.99 -29.46
C LYS C 512 -34.89 32.82 -28.55
N PRO C 513 -34.58 33.11 -27.29
CA PRO C 513 -34.27 32.01 -26.33
C PRO C 513 -35.40 30.99 -26.15
N VAL C 514 -35.02 29.73 -25.99
CA VAL C 514 -36.01 28.66 -25.87
C VAL C 514 -36.71 28.92 -24.52
N ALA C 515 -37.99 28.57 -24.41
CA ALA C 515 -38.77 28.84 -23.24
C ALA C 515 -39.82 27.82 -22.97
N TYR C 516 -40.26 27.76 -21.70
CA TYR C 516 -41.60 27.25 -21.33
C TYR C 516 -42.44 28.43 -20.85
N LYS C 517 -43.71 28.45 -21.25
CA LYS C 517 -44.60 29.51 -20.74
C LYS C 517 -45.60 28.99 -19.72
N ILE C 518 -46.00 29.84 -18.77
CA ILE C 518 -47.07 29.48 -17.84
C ILE C 518 -48.42 29.95 -18.37
N MET C 519 -49.42 29.05 -18.36
CA MET C 519 -50.79 29.47 -18.64
C MET C 519 -51.57 29.32 -17.37
N MET C 520 -52.14 30.43 -16.94
CA MET C 520 -53.02 30.48 -15.80
C MET C 520 -53.84 31.80 -15.85
N PRO C 521 -55.12 31.81 -15.41
CA PRO C 521 -55.94 33.00 -15.42
C PRO C 521 -55.61 33.89 -14.30
N ALA C 522 -55.87 35.19 -14.53
CA ALA C 522 -55.77 36.15 -13.43
C ALA C 522 -56.76 35.72 -12.33
N ARG C 523 -56.36 35.86 -11.06
CA ARG C 523 -57.24 35.54 -9.94
C ARG C 523 -57.15 36.56 -8.82
N GLN C 524 -58.27 36.70 -8.12
CA GLN C 524 -58.30 37.40 -6.86
C GLN C 524 -57.27 36.85 -5.88
N MET C 525 -56.49 37.73 -5.22
CA MET C 525 -55.55 37.20 -4.24
C MET C 525 -56.14 37.28 -2.78
N LEU C 526 -55.30 37.19 -1.75
CA LEU C 526 -55.82 37.02 -0.38
C LEU C 526 -56.76 38.15 -0.03
N LEU C 527 -57.91 37.80 0.55
CA LEU C 527 -58.93 38.76 0.94
C LEU C 527 -58.77 39.24 2.35
N ALA C 528 -58.12 38.50 3.26
CA ALA C 528 -57.85 39.11 4.58
C ALA C 528 -57.16 40.42 4.40
N ASP C 529 -57.38 41.35 5.29
CA ASP C 529 -56.71 42.64 5.24
C ASP C 529 -55.20 42.45 5.46
N GLU C 530 -54.42 43.35 4.94
CA GLU C 530 -52.98 43.31 5.08
C GLU C 530 -52.57 43.39 6.58
N ASP C 531 -53.38 44.07 7.36
CA ASP C 531 -53.20 44.11 8.80
C ASP C 531 -53.93 42.92 9.43
N SER C 532 -53.40 41.70 9.24
CA SER C 532 -54.03 40.53 9.86
C SER C 532 -52.99 39.42 9.92
N TYR C 533 -53.15 38.47 10.83
CA TYR C 533 -52.24 37.34 10.83
C TYR C 533 -52.30 36.51 9.53
N ASN C 534 -53.47 36.45 8.90
CA ASN C 534 -53.63 35.75 7.63
C ASN C 534 -52.62 36.27 6.65
N ASN C 535 -52.52 37.60 6.53
CA ASN C 535 -51.55 38.19 5.61
C ASN C 535 -50.11 37.86 6.04
N LYS C 536 -49.85 37.96 7.35
CA LYS C 536 -48.48 37.89 7.83
C LYS C 536 -47.99 36.47 7.72
N ARG C 537 -48.91 35.52 7.79
CA ARG C 537 -48.51 34.14 7.80
C ARG C 537 -48.40 33.58 6.39
N ALA C 538 -48.97 34.24 5.37
CA ALA C 538 -48.96 33.61 4.02
C ALA C 538 -48.75 34.63 2.93
N GLN C 539 -47.54 35.17 2.82
CA GLN C 539 -47.28 36.24 1.85
C GLN C 539 -47.55 35.73 0.45
N PHE C 540 -47.35 34.41 0.20
CA PHE C 540 -47.47 33.87 -1.14
C PHE C 540 -48.89 34.04 -1.67
N ALA C 541 -49.90 34.08 -0.79
CA ALA C 541 -51.30 34.12 -1.20
C ALA C 541 -51.71 35.50 -1.65
N THR C 542 -50.77 36.42 -1.51
CA THR C 542 -50.94 37.85 -1.76
C THR C 542 -50.62 38.29 -3.24
N GLN C 543 -49.93 37.41 -4.00
CA GLN C 543 -49.52 37.71 -5.39
C GLN C 543 -49.45 36.41 -6.14
N GLN C 544 -49.53 36.53 -7.46
CA GLN C 544 -49.76 35.41 -8.27
C GLN C 544 -48.50 34.58 -8.58
N VAL C 545 -47.34 35.24 -8.69
CA VAL C 545 -46.10 34.55 -9.07
C VAL C 545 -44.96 35.12 -8.27
N TRP C 546 -44.17 34.23 -7.70
CA TRP C 546 -42.99 34.55 -6.86
C TRP C 546 -41.79 33.88 -7.48
N VAL C 547 -40.65 34.55 -7.37
CA VAL C 547 -39.38 33.99 -7.79
C VAL C 547 -38.42 34.08 -6.61
N THR C 548 -37.71 33.00 -6.37
CA THR C 548 -36.59 32.97 -5.45
C THR C 548 -35.37 32.39 -6.10
N LYS C 549 -34.23 32.46 -5.41
CA LYS C 549 -33.08 31.75 -5.86
C LYS C 549 -33.04 30.36 -5.22
N TYR C 550 -32.79 29.32 -6.00
CA TYR C 550 -32.81 27.96 -5.45
C TYR C 550 -31.93 27.83 -4.16
N ARG C 551 -32.43 27.15 -3.12
CA ARG C 551 -31.61 26.50 -2.07
C ARG C 551 -32.07 25.15 -1.76
N ASP C 552 -31.16 24.29 -1.35
CA ASP C 552 -31.54 22.97 -0.85
C ASP C 552 -32.49 23.13 0.37
N ASN C 553 -33.49 22.24 0.48
CA ASN C 553 -34.51 22.28 1.56
C ASN C 553 -35.37 23.60 1.65
N GLU C 554 -35.54 24.41 0.58
CA GLU C 554 -36.57 25.47 0.63
C GLU C 554 -37.69 24.95 -0.29
N LEU C 555 -38.68 24.28 0.26
CA LEU C 555 -39.68 23.60 -0.52
C LEU C 555 -41.10 24.11 -0.31
N TYR C 556 -41.34 24.76 0.82
CA TYR C 556 -42.68 25.05 1.33
C TYR C 556 -42.96 26.52 1.41
N ALA C 557 -43.95 26.93 0.65
CA ALA C 557 -44.14 28.35 0.34
C ALA C 557 -44.33 29.31 1.54
N ALA C 558 -44.96 28.80 2.62
CA ALA C 558 -45.13 29.70 3.80
C ALA C 558 -44.18 29.32 4.96
N GLY C 559 -43.25 28.41 4.73
CA GLY C 559 -42.27 28.04 5.76
C GLY C 559 -42.39 26.59 6.18
N GLU C 560 -41.35 26.12 6.82
CA GLU C 560 -41.33 24.71 7.32
C GLU C 560 -42.48 24.46 8.33
N PHE C 561 -42.65 25.39 9.30
CA PHE C 561 -43.61 25.23 10.44
C PHE C 561 -44.71 26.25 10.34
N THR C 562 -45.86 25.78 9.88
CA THR C 562 -47.00 26.65 9.62
C THR C 562 -48.01 26.61 10.79
N ASN C 563 -48.06 25.49 11.52
CA ASN C 563 -49.17 25.32 12.48
C ASN C 563 -49.02 26.39 13.58
N GLN C 564 -50.01 27.23 13.76
CA GLN C 564 -49.97 28.33 14.73
C GLN C 564 -48.75 29.24 14.58
N SER C 565 -48.28 29.43 13.34
CA SER C 565 -47.12 30.27 13.12
C SER C 565 -47.53 31.67 13.46
N GLN C 566 -46.57 32.49 13.86
CA GLN C 566 -46.86 33.94 14.04
C GLN C 566 -46.60 34.64 12.71
N THR C 567 -45.68 34.06 11.94
CA THR C 567 -45.26 34.76 10.76
C THR C 567 -44.79 33.80 9.68
N ASP C 568 -44.89 34.27 8.43
CA ASP C 568 -44.46 33.50 7.22
C ASP C 568 -42.94 33.21 7.33
N THR C 569 -42.53 31.94 7.25
CA THR C 569 -41.11 31.64 7.26
C THR C 569 -40.63 31.05 5.95
N GLY C 570 -41.40 31.28 4.88
CA GLY C 570 -41.06 30.83 3.54
C GLY C 570 -40.86 32.05 2.69
N LEU C 571 -41.69 32.18 1.65
CA LEU C 571 -41.44 33.21 0.62
C LEU C 571 -41.47 34.62 1.20
N GLY C 572 -42.14 34.77 2.34
CA GLY C 572 -42.13 36.04 3.04
C GLY C 572 -40.72 36.49 3.41
N VAL C 573 -39.80 35.55 3.57
CA VAL C 573 -38.39 35.82 3.81
C VAL C 573 -37.59 35.61 2.51
N TRP C 574 -37.75 34.45 1.87
CA TRP C 574 -36.92 34.08 0.73
C TRP C 574 -37.02 34.91 -0.52
N ALA C 575 -38.22 35.37 -0.82
CA ALA C 575 -38.43 36.26 -1.94
C ALA C 575 -37.96 37.70 -1.62
N ARG C 576 -37.40 37.94 -0.43
CA ARG C 576 -36.87 39.30 -0.13
C ARG C 576 -35.33 39.31 -0.10
N ARG C 577 -34.69 38.20 -0.32
CA ARG C 577 -33.25 38.25 -0.38
C ARG C 577 -32.78 39.07 -1.59
N ASP C 578 -31.72 39.83 -1.34
CA ASP C 578 -31.20 40.71 -2.35
C ASP C 578 -30.08 39.97 -3.03
N GLU C 579 -30.41 39.29 -4.14
CA GLU C 579 -29.45 38.45 -4.87
C GLU C 579 -29.92 38.38 -6.31
N ASN C 580 -29.09 37.84 -7.22
CA ASN C 580 -29.32 37.80 -8.66
CA ASN C 580 -29.50 37.89 -8.59
C ASN C 580 -30.04 36.51 -9.01
N VAL C 581 -31.16 36.54 -9.74
CA VAL C 581 -31.67 35.22 -10.20
C VAL C 581 -31.73 35.19 -11.73
N ARG C 582 -31.13 36.19 -12.39
CA ARG C 582 -31.06 36.12 -13.85
C ARG C 582 -29.99 35.15 -14.37
N ASN C 583 -30.38 34.33 -15.35
CA ASN C 583 -29.52 33.32 -15.90
C ASN C 583 -28.81 32.56 -14.79
N ASP C 584 -29.59 31.91 -13.92
CA ASP C 584 -29.10 31.30 -12.68
C ASP C 584 -29.98 30.13 -12.37
N ASN C 585 -30.40 30.04 -11.11
CA ASN C 585 -31.38 29.05 -10.74
C ASN C 585 -32.55 29.70 -10.05
N PRO C 586 -33.31 30.48 -10.81
CA PRO C 586 -34.59 30.96 -10.29
C PRO C 586 -35.50 29.76 -9.95
N VAL C 587 -36.32 29.90 -8.93
CA VAL C 587 -37.38 28.89 -8.65
C VAL C 587 -38.70 29.66 -8.71
N VAL C 588 -39.68 29.07 -9.42
CA VAL C 588 -40.95 29.78 -9.63
C VAL C 588 -42.05 29.21 -8.67
N TRP C 589 -42.76 30.10 -7.98
CA TRP C 589 -43.86 29.68 -7.08
C TRP C 589 -45.18 30.35 -7.51
N ALA C 590 -46.04 29.57 -8.16
CA ALA C 590 -47.25 30.10 -8.77
C ALA C 590 -48.38 29.87 -7.81
N THR C 591 -49.04 30.97 -7.45
CA THR C 591 -50.22 30.95 -6.59
C THR C 591 -51.49 30.74 -7.40
N LEU C 592 -52.19 29.67 -7.09
CA LEU C 592 -53.48 29.44 -7.68
C LEU C 592 -54.53 29.91 -6.69
N GLY C 593 -55.17 31.06 -6.94
CA GLY C 593 -56.19 31.55 -6.02
C GLY C 593 -57.62 31.12 -6.44
N PHE C 594 -58.40 30.64 -5.49
CA PHE C 594 -59.75 30.13 -5.75
C PHE C 594 -60.56 30.74 -4.58
N THR C 595 -61.34 31.78 -4.86
CA THR C 595 -62.25 32.28 -3.87
C THR C 595 -63.56 31.49 -3.94
N HIS C 596 -64.01 30.92 -2.82
CA HIS C 596 -65.11 29.99 -2.90
C HIS C 596 -66.31 30.64 -2.21
N ILE C 597 -67.30 31.09 -3.03
CA ILE C 597 -68.61 31.48 -2.51
C ILE C 597 -69.49 30.26 -2.61
N PRO C 598 -69.79 29.59 -1.49
CA PRO C 598 -70.52 28.36 -1.58
C PRO C 598 -71.90 28.57 -2.22
N ARG C 599 -72.37 27.55 -2.98
CA ARG C 599 -73.71 27.54 -3.51
C ARG C 599 -74.46 26.37 -2.90
N VAL C 600 -75.79 26.39 -3.00
CA VAL C 600 -76.58 25.39 -2.32
C VAL C 600 -76.26 24.02 -2.97
N GLU C 601 -76.00 24.03 -4.28
CA GLU C 601 -75.61 22.84 -5.03
C GLU C 601 -74.29 22.22 -4.50
N ASP C 602 -73.48 22.97 -3.71
CA ASP C 602 -72.28 22.42 -3.07
C ASP C 602 -72.62 21.47 -1.90
N PHE C 603 -73.87 21.42 -1.49
CA PHE C 603 -74.27 20.73 -0.27
C PHE C 603 -75.30 19.63 -0.67
N PRO C 604 -75.31 18.50 0.01
CA PRO C 604 -74.50 18.11 1.19
C PRO C 604 -73.09 17.68 0.80
N VAL C 605 -72.87 17.29 -0.48
CA VAL C 605 -71.47 17.03 -0.97
C VAL C 605 -71.28 17.86 -2.25
N MET C 606 -70.10 18.39 -2.53
CA MET C 606 -69.95 19.34 -3.63
C MET C 606 -69.52 18.68 -4.94
N PRO C 607 -70.14 19.09 -6.07
CA PRO C 607 -69.57 18.71 -7.39
C PRO C 607 -68.15 19.25 -7.51
N VAL C 608 -67.30 18.57 -8.26
CA VAL C 608 -65.91 19.03 -8.42
C VAL C 608 -65.92 20.47 -8.96
N GLU C 609 -65.02 21.30 -8.43
CA GLU C 609 -64.68 22.52 -9.13
C GLU C 609 -63.17 22.47 -9.50
N ALA C 610 -62.86 22.69 -10.78
CA ALA C 610 -61.56 22.41 -11.37
C ALA C 610 -60.82 23.68 -11.64
N HIS C 611 -59.52 23.61 -11.35
CA HIS C 611 -58.62 24.78 -11.57
C HIS C 611 -57.34 24.26 -12.18
N GLU C 612 -56.66 25.10 -12.96
CA GLU C 612 -55.55 24.58 -13.78
C GLU C 612 -54.46 25.57 -13.98
N ILE C 613 -53.25 25.09 -13.97
CA ILE C 613 -52.11 25.91 -14.45
C ILE C 613 -51.38 25.04 -15.48
N ALA C 614 -50.97 25.59 -16.65
CA ALA C 614 -50.25 24.68 -17.60
C ALA C 614 -48.84 25.24 -17.84
N LEU C 615 -47.90 24.33 -18.13
CA LEU C 615 -46.58 24.73 -18.58
C LEU C 615 -46.48 24.23 -20.00
N VAL C 616 -46.22 25.14 -20.95
CA VAL C 616 -46.32 24.83 -22.35
C VAL C 616 -45.03 25.24 -23.06
N PRO C 617 -44.48 24.37 -23.95
CA PRO C 617 -43.22 24.84 -24.61
C PRO C 617 -43.48 26.09 -25.44
N PHE C 618 -42.54 27.01 -25.48
CA PHE C 618 -42.77 28.19 -26.27
C PHE C 618 -41.46 28.53 -27.02
N GLY C 619 -41.40 28.12 -28.30
CA GLY C 619 -40.10 28.19 -29.07
C GLY C 619 -39.02 27.37 -28.38
N PHE C 620 -39.47 26.30 -27.71
CA PHE C 620 -38.54 25.31 -27.17
C PHE C 620 -38.12 24.36 -28.28
N PHE C 621 -39.08 23.98 -29.12
CA PHE C 621 -38.81 23.08 -30.25
C PHE C 621 -38.75 23.93 -31.53
N ASP C 622 -38.31 23.34 -32.61
CA ASP C 622 -38.20 24.06 -33.87
C ASP C 622 -39.37 23.84 -34.81
N LYS C 623 -40.38 23.13 -34.30
CA LYS C 623 -41.63 22.90 -34.99
C LYS C 623 -42.48 22.09 -33.98
N ASN C 624 -43.74 21.79 -34.34
CA ASN C 624 -44.65 21.12 -33.43
C ASN C 624 -44.07 19.75 -33.12
N PRO C 625 -43.78 19.45 -31.84
CA PRO C 625 -43.20 18.14 -31.47
C PRO C 625 -44.12 16.97 -31.61
N ALA C 626 -45.41 17.22 -31.83
CA ALA C 626 -46.38 16.15 -31.88
C ALA C 626 -46.46 15.54 -33.31
N LEU C 627 -45.58 15.95 -34.23
CA LEU C 627 -45.52 15.28 -35.55
C LEU C 627 -45.08 13.82 -35.50
N SER C 628 -44.49 13.44 -34.38
CA SER C 628 -44.13 12.03 -34.17
C SER C 628 -45.27 11.16 -33.70
N VAL C 629 -46.44 11.76 -33.45
CA VAL C 629 -47.63 10.99 -33.03
C VAL C 629 -48.32 10.38 -34.23
N PRO C 630 -48.72 9.09 -34.14
CA PRO C 630 -49.45 8.41 -35.19
C PRO C 630 -50.78 9.09 -35.54
N GLN C 631 -51.17 9.05 -36.82
CA GLN C 631 -52.51 9.57 -37.23
C GLN C 631 -53.57 8.83 -36.49
N SER C 632 -54.66 9.47 -36.07
CA SER C 632 -55.68 8.64 -35.43
C SER C 632 -56.52 8.08 -36.56
N THR C 633 -56.72 6.76 -36.58
CA THR C 633 -57.26 6.07 -37.80
C THR C 633 -56.86 6.68 -39.17
CU CU D . 39.25 -19.33 -5.61
C1 GOL E . 37.75 -34.93 17.20
O1 GOL E . 38.75 -33.98 17.47
C2 GOL E . 38.35 -35.83 16.17
O2 GOL E . 39.37 -36.62 16.73
C3 GOL E . 37.18 -36.69 15.77
O3 GOL E . 36.89 -36.34 14.44
C1 GOL F . 4.66 -23.04 10.07
O1 GOL F . 4.68 -22.50 11.36
C2 GOL F . 4.63 -21.87 9.09
O2 GOL F . 4.67 -20.51 9.53
C3 GOL F . 5.34 -22.11 7.76
O3 GOL F . 4.18 -22.09 6.95
C1 GOL G . 17.77 -22.17 -1.62
O1 GOL G . 16.97 -23.18 -0.94
C2 GOL G . 17.78 -20.86 -0.81
O2 GOL G . 16.43 -20.39 -0.89
C3 GOL G . 18.17 -21.15 0.69
O3 GOL G . 17.93 -20.13 1.71
C1 GOL H . 35.14 -8.05 10.08
O1 GOL H . 36.36 -8.73 10.10
C2 GOL H . 34.44 -8.17 8.72
O2 GOL H . 35.38 -7.76 7.72
C3 GOL H . 33.28 -7.19 8.80
O3 GOL H . 32.36 -7.52 7.83
O1 TLA I . 32.78 -40.92 35.32
O11 TLA I . 34.05 -42.43 34.35
C1 TLA I . 33.85 -41.28 34.75
C2 TLA I . 34.93 -40.28 34.49
O2 TLA I . 34.56 -39.03 35.15
C3 TLA I . 35.19 -40.09 32.93
O3 TLA I . 33.92 -39.73 32.32
C4 TLA I . 36.28 -39.01 32.78
O4 TLA I . 37.42 -39.30 33.23
O41 TLA I . 36.05 -37.86 32.28
CU CU J . 8.74 -5.88 4.13
C1 GOL K . 20.80 -16.36 -10.99
O1 GOL K . 20.91 -16.40 -12.44
C2 GOL K . 22.16 -15.95 -10.35
O2 GOL K . 23.29 -16.78 -10.80
C3 GOL K . 22.37 -14.44 -10.70
O3 GOL K . 23.76 -14.07 -10.71
C1 GOL L . 32.70 -17.06 -20.84
O1 GOL L . 32.72 -18.29 -21.48
C2 GOL L . 33.90 -16.24 -21.28
O2 GOL L . 35.09 -16.80 -20.76
C3 GOL L . 33.99 -16.17 -22.82
O3 GOL L . 34.79 -15.01 -23.02
P PO4 M . -6.32 -8.67 -14.98
O1 PO4 M . -5.10 -9.01 -15.81
O2 PO4 M . -6.71 -9.84 -14.08
O3 PO4 M . -6.02 -7.45 -14.16
O4 PO4 M . -7.48 -8.30 -15.88
C1 GOL N . 27.77 0.45 5.09
O1 GOL N . 27.16 -0.35 4.18
C2 GOL N . 26.62 1.32 5.57
O2 GOL N . 25.40 0.61 5.44
C3 GOL N . 26.66 2.57 4.71
O3 GOL N . 25.51 3.32 4.98
C1 GOL O . 8.83 -16.38 -8.67
O1 GOL O . 10.00 -17.19 -8.81
C2 GOL O . 7.47 -17.09 -8.66
O2 GOL O . 7.02 -17.40 -9.98
C3 GOL O . 7.54 -18.41 -7.91
O3 GOL O . 6.30 -18.51 -7.29
CU CU P . -64.01 25.77 -0.81
C1 GOL Q . -51.70 35.39 -15.94
O1 GOL Q . -51.03 34.73 -17.04
C2 GOL Q . -52.56 36.64 -16.32
O2 GOL Q . -52.26 37.14 -17.66
C3 GOL Q . -52.33 37.71 -15.21
O3 GOL Q . -51.02 38.30 -15.26
O1 TLA R . -22.85 11.33 3.04
O11 TLA R . -23.84 12.09 1.11
C1 TLA R . -22.93 12.13 2.05
C2 TLA R . -21.85 13.15 2.00
O2 TLA R . -22.09 14.14 0.98
C3 TLA R . -20.57 12.39 1.58
O3 TLA R . -20.75 11.71 0.34
C4 TLA R . -19.49 13.33 1.31
O4 TLA R . -18.94 13.33 0.17
O41 TLA R . -19.19 14.13 2.22
C1 GOL S . -39.03 38.76 -26.72
O1 GOL S . -38.45 37.64 -27.32
C2 GOL S . -40.54 38.64 -26.83
O2 GOL S . -40.79 38.01 -28.06
C3 GOL S . -41.05 40.04 -27.06
O3 GOL S . -42.00 40.28 -26.07
C1 GOL T . -58.54 33.99 22.94
O1 GOL T . -59.85 33.68 23.35
C2 GOL T . -58.35 33.45 21.52
O2 GOL T . -59.28 33.99 20.60
C3 GOL T . -56.96 33.87 21.10
O3 GOL T . -56.83 35.27 21.32
#